data_2PQL
# 
_entry.id   2PQL 
# 
_audit_conform.dict_name       mmcif_pdbx.dic 
_audit_conform.dict_version    5.397 
_audit_conform.dict_location   http://mmcif.pdb.org/dictionaries/ascii/mmcif_pdbx.dic 
# 
loop_
_database_2.database_id 
_database_2.database_code 
_database_2.pdbx_database_accession 
_database_2.pdbx_DOI 
PDB   2PQL         pdb_00002pql 10.2210/pdb2pql/pdb 
RCSB  RCSB042678   ?            ?                   
WWPDB D_1000042678 ?            ?                   
# 
loop_
_pdbx_audit_revision_history.ordinal 
_pdbx_audit_revision_history.data_content_type 
_pdbx_audit_revision_history.major_revision 
_pdbx_audit_revision_history.minor_revision 
_pdbx_audit_revision_history.revision_date 
1 'Structure model' 1 0 2007-10-09 
2 'Structure model' 1 1 2011-07-13 
3 'Structure model' 1 2 2017-10-18 
4 'Structure model' 1 3 2024-10-30 
# 
_pdbx_audit_revision_details.ordinal             1 
_pdbx_audit_revision_details.revision_ordinal    1 
_pdbx_audit_revision_details.data_content_type   'Structure model' 
_pdbx_audit_revision_details.provider            repository 
_pdbx_audit_revision_details.type                'Initial release' 
_pdbx_audit_revision_details.description         ? 
_pdbx_audit_revision_details.details             ? 
# 
loop_
_pdbx_audit_revision_group.ordinal 
_pdbx_audit_revision_group.revision_ordinal 
_pdbx_audit_revision_group.data_content_type 
_pdbx_audit_revision_group.group 
1 2 'Structure model' Advisory                    
2 2 'Structure model' 'Version format compliance' 
3 3 'Structure model' 'Refinement description'    
4 4 'Structure model' 'Data collection'           
5 4 'Structure model' 'Database references'       
6 4 'Structure model' 'Derived calculations'      
7 4 'Structure model' 'Structure summary'         
# 
loop_
_pdbx_audit_revision_category.ordinal 
_pdbx_audit_revision_category.revision_ordinal 
_pdbx_audit_revision_category.data_content_type 
_pdbx_audit_revision_category.category 
1 3 'Structure model' software                  
2 4 'Structure model' chem_comp_atom            
3 4 'Structure model' chem_comp_bond            
4 4 'Structure model' database_2                
5 4 'Structure model' pdbx_entry_details        
6 4 'Structure model' pdbx_modification_feature 
7 4 'Structure model' struct_ref_seq_dif        
8 4 'Structure model' struct_site               
# 
loop_
_pdbx_audit_revision_item.ordinal 
_pdbx_audit_revision_item.revision_ordinal 
_pdbx_audit_revision_item.data_content_type 
_pdbx_audit_revision_item.item 
1  3 'Structure model' '_software.classification'            
2  3 'Structure model' '_software.contact_author'            
3  3 'Structure model' '_software.contact_author_email'      
4  3 'Structure model' '_software.date'                      
5  3 'Structure model' '_software.language'                  
6  3 'Structure model' '_software.location'                  
7  3 'Structure model' '_software.name'                      
8  3 'Structure model' '_software.type'                      
9  3 'Structure model' '_software.version'                   
10 4 'Structure model' '_database_2.pdbx_DOI'                
11 4 'Structure model' '_database_2.pdbx_database_accession' 
12 4 'Structure model' '_struct_ref_seq_dif.details'         
13 4 'Structure model' '_struct_site.pdbx_auth_asym_id'      
14 4 'Structure model' '_struct_site.pdbx_auth_comp_id'      
15 4 'Structure model' '_struct_site.pdbx_auth_seq_id'       
# 
_pdbx_database_status.entry_id                        2PQL 
_pdbx_database_status.deposit_site                    RCSB 
_pdbx_database_status.process_site                    RCSB 
_pdbx_database_status.recvd_initial_deposition_date   2007-05-02 
_pdbx_database_status.status_code                     REL 
_pdbx_database_status.status_code_sf                  REL 
_pdbx_database_status.status_code_mr                  ? 
_pdbx_database_status.SG_entry                        ? 
_pdbx_database_status.pdb_format_compatible           Y 
_pdbx_database_status.status_code_cs                  ? 
_pdbx_database_status.methods_development_category    ? 
_pdbx_database_status.status_code_nmr_data            ? 
# 
loop_
_audit_author.name 
_audit_author.pdbx_ordinal 
'Andersen, J.F.' 1 
'Mans, B.J.'     2 
'Calvo, E.'      3 
'Ribeiro, J.M.'  4 
# 
_citation.id                        primary 
_citation.title                     
'The Crystal Structure of D7r4, a Salivary Biogenic Amine-binding Protein from the Malaria Mosquito Anopheles gambiae.' 
_citation.journal_abbrev            J.Biol.Chem. 
_citation.journal_volume            282 
_citation.page_first                36626 
_citation.page_last                 36633 
_citation.year                      2007 
_citation.journal_id_ASTM           JBCHA3 
_citation.country                   US 
_citation.journal_id_ISSN           0021-9258 
_citation.journal_id_CSD            0071 
_citation.book_publisher            ? 
_citation.pdbx_database_id_PubMed   17928288 
_citation.pdbx_database_id_DOI      10.1074/jbc.M706410200 
# 
loop_
_citation_author.citation_id 
_citation_author.name 
_citation_author.ordinal 
_citation_author.identifier_ORCID 
primary 'Mans, B.J.'     1 ? 
primary 'Calvo, E.'      2 ? 
primary 'Ribeiro, J.M.'  3 ? 
primary 'Andersen, J.F.' 4 ? 
# 
loop_
_entity.id 
_entity.type 
_entity.src_method 
_entity.pdbx_description 
_entity.formula_weight 
_entity.pdbx_number_of_molecules 
_entity.pdbx_ec 
_entity.pdbx_mutation 
_entity.pdbx_fragment 
_entity.details 
1 polymer     man 'D7r4 protein'                17099.857 1   ? ? 'unp residues 22-165' ? 
2 non-polymer syn '2-(1H-INDOL-3-YL)ETHANAMINE' 160.216   1   ? ? ?                     ? 
3 water       nat water                         18.015    121 ? ? ?                     ? 
# 
_entity_name_com.entity_id   1 
_entity_name_com.name        'D7-related 4 protein' 
# 
_entity_poly.entity_id                      1 
_entity_poly.type                           'polypeptide(L)' 
_entity_poly.nstd_linkage                   no 
_entity_poly.nstd_monomer                   no 
_entity_poly.pdbx_seq_one_letter_code       
;METVQDCENKLPPSLKSRLCEIRRYEIIEGPEMDKHIHCVMRALDFVYEDGRGDYHKLYDPLNIIELDKRHDVNLEKCIG
ECVQVPTSERAHVFYKCLLKSTTGRTFKKVFDLMELKKAGKVPQHQRYTAEFVQIMKDYDKALNC
;
_entity_poly.pdbx_seq_one_letter_code_can   
;METVQDCENKLPPSLKSRLCEIRRYEIIEGPEMDKHIHCVMRALDFVYEDGRGDYHKLYDPLNIIELDKRHDVNLEKCIG
ECVQVPTSERAHVFYKCLLKSTTGRTFKKVFDLMELKKAGKVPQHQRYTAEFVQIMKDYDKALNC
;
_entity_poly.pdbx_strand_id                 A 
_entity_poly.pdbx_target_identifier         ? 
# 
loop_
_pdbx_entity_nonpoly.entity_id 
_pdbx_entity_nonpoly.name 
_pdbx_entity_nonpoly.comp_id 
2 '2-(1H-INDOL-3-YL)ETHANAMINE' TSS 
3 water                         HOH 
# 
loop_
_entity_poly_seq.entity_id 
_entity_poly_seq.num 
_entity_poly_seq.mon_id 
_entity_poly_seq.hetero 
1 1   MET n 
1 2   GLU n 
1 3   THR n 
1 4   VAL n 
1 5   GLN n 
1 6   ASP n 
1 7   CYS n 
1 8   GLU n 
1 9   ASN n 
1 10  LYS n 
1 11  LEU n 
1 12  PRO n 
1 13  PRO n 
1 14  SER n 
1 15  LEU n 
1 16  LYS n 
1 17  SER n 
1 18  ARG n 
1 19  LEU n 
1 20  CYS n 
1 21  GLU n 
1 22  ILE n 
1 23  ARG n 
1 24  ARG n 
1 25  TYR n 
1 26  GLU n 
1 27  ILE n 
1 28  ILE n 
1 29  GLU n 
1 30  GLY n 
1 31  PRO n 
1 32  GLU n 
1 33  MET n 
1 34  ASP n 
1 35  LYS n 
1 36  HIS n 
1 37  ILE n 
1 38  HIS n 
1 39  CYS n 
1 40  VAL n 
1 41  MET n 
1 42  ARG n 
1 43  ALA n 
1 44  LEU n 
1 45  ASP n 
1 46  PHE n 
1 47  VAL n 
1 48  TYR n 
1 49  GLU n 
1 50  ASP n 
1 51  GLY n 
1 52  ARG n 
1 53  GLY n 
1 54  ASP n 
1 55  TYR n 
1 56  HIS n 
1 57  LYS n 
1 58  LEU n 
1 59  TYR n 
1 60  ASP n 
1 61  PRO n 
1 62  LEU n 
1 63  ASN n 
1 64  ILE n 
1 65  ILE n 
1 66  GLU n 
1 67  LEU n 
1 68  ASP n 
1 69  LYS n 
1 70  ARG n 
1 71  HIS n 
1 72  ASP n 
1 73  VAL n 
1 74  ASN n 
1 75  LEU n 
1 76  GLU n 
1 77  LYS n 
1 78  CYS n 
1 79  ILE n 
1 80  GLY n 
1 81  GLU n 
1 82  CYS n 
1 83  VAL n 
1 84  GLN n 
1 85  VAL n 
1 86  PRO n 
1 87  THR n 
1 88  SER n 
1 89  GLU n 
1 90  ARG n 
1 91  ALA n 
1 92  HIS n 
1 93  VAL n 
1 94  PHE n 
1 95  TYR n 
1 96  LYS n 
1 97  CYS n 
1 98  LEU n 
1 99  LEU n 
1 100 LYS n 
1 101 SER n 
1 102 THR n 
1 103 THR n 
1 104 GLY n 
1 105 ARG n 
1 106 THR n 
1 107 PHE n 
1 108 LYS n 
1 109 LYS n 
1 110 VAL n 
1 111 PHE n 
1 112 ASP n 
1 113 LEU n 
1 114 MET n 
1 115 GLU n 
1 116 LEU n 
1 117 LYS n 
1 118 LYS n 
1 119 ALA n 
1 120 GLY n 
1 121 LYS n 
1 122 VAL n 
1 123 PRO n 
1 124 GLN n 
1 125 HIS n 
1 126 GLN n 
1 127 ARG n 
1 128 TYR n 
1 129 THR n 
1 130 ALA n 
1 131 GLU n 
1 132 PHE n 
1 133 VAL n 
1 134 GLN n 
1 135 ILE n 
1 136 MET n 
1 137 LYS n 
1 138 ASP n 
1 139 TYR n 
1 140 ASP n 
1 141 LYS n 
1 142 ALA n 
1 143 LEU n 
1 144 ASN n 
1 145 CYS n 
# 
_entity_src_gen.entity_id                          1 
_entity_src_gen.pdbx_src_id                        1 
_entity_src_gen.pdbx_alt_source_flag               sample 
_entity_src_gen.pdbx_seq_type                      ? 
_entity_src_gen.pdbx_beg_seq_num                   ? 
_entity_src_gen.pdbx_end_seq_num                   ? 
_entity_src_gen.gene_src_common_name               'African malaria mosquito' 
_entity_src_gen.gene_src_genus                     Anopheles 
_entity_src_gen.pdbx_gene_src_gene                 D7r4 
_entity_src_gen.gene_src_species                   ? 
_entity_src_gen.gene_src_strain                    G3 
_entity_src_gen.gene_src_tissue                    ? 
_entity_src_gen.gene_src_tissue_fraction           ? 
_entity_src_gen.gene_src_details                   ? 
_entity_src_gen.pdbx_gene_src_fragment             ? 
_entity_src_gen.pdbx_gene_src_scientific_name      'Anopheles gambiae' 
_entity_src_gen.pdbx_gene_src_ncbi_taxonomy_id     7165 
_entity_src_gen.pdbx_gene_src_variant              ? 
_entity_src_gen.pdbx_gene_src_cell_line            ? 
_entity_src_gen.pdbx_gene_src_atcc                 ? 
_entity_src_gen.pdbx_gene_src_organ                ? 
_entity_src_gen.pdbx_gene_src_organelle            ? 
_entity_src_gen.pdbx_gene_src_cell                 ? 
_entity_src_gen.pdbx_gene_src_cellular_location    ? 
_entity_src_gen.host_org_common_name               ? 
_entity_src_gen.pdbx_host_org_scientific_name      'Escherichia coli' 
_entity_src_gen.pdbx_host_org_ncbi_taxonomy_id     562 
_entity_src_gen.host_org_genus                     Escherichia 
_entity_src_gen.pdbx_host_org_gene                 ? 
_entity_src_gen.pdbx_host_org_organ                ? 
_entity_src_gen.host_org_species                   ? 
_entity_src_gen.pdbx_host_org_tissue               ? 
_entity_src_gen.pdbx_host_org_tissue_fraction      ? 
_entity_src_gen.pdbx_host_org_strain               'BL21(DE3)pLysS' 
_entity_src_gen.pdbx_host_org_variant              ? 
_entity_src_gen.pdbx_host_org_cell_line            ? 
_entity_src_gen.pdbx_host_org_atcc                 ? 
_entity_src_gen.pdbx_host_org_culture_collection   ? 
_entity_src_gen.pdbx_host_org_cell                 ? 
_entity_src_gen.pdbx_host_org_organelle            ? 
_entity_src_gen.pdbx_host_org_cellular_location    ? 
_entity_src_gen.pdbx_host_org_vector_type          PLASMID 
_entity_src_gen.pdbx_host_org_vector               ? 
_entity_src_gen.host_org_details                   ? 
_entity_src_gen.expression_system_id               ? 
_entity_src_gen.plasmid_name                       pET17b 
_entity_src_gen.plasmid_details                    ? 
_entity_src_gen.pdbx_description                   ? 
# 
loop_
_chem_comp.id 
_chem_comp.type 
_chem_comp.mon_nstd_flag 
_chem_comp.name 
_chem_comp.pdbx_synonyms 
_chem_comp.formula 
_chem_comp.formula_weight 
ALA 'L-peptide linking' y ALANINE                       ?          'C3 H7 N O2'     89.093  
ARG 'L-peptide linking' y ARGININE                      ?          'C6 H15 N4 O2 1' 175.209 
ASN 'L-peptide linking' y ASPARAGINE                    ?          'C4 H8 N2 O3'    132.118 
ASP 'L-peptide linking' y 'ASPARTIC ACID'               ?          'C4 H7 N O4'     133.103 
CYS 'L-peptide linking' y CYSTEINE                      ?          'C3 H7 N O2 S'   121.158 
GLN 'L-peptide linking' y GLUTAMINE                     ?          'C5 H10 N2 O3'   146.144 
GLU 'L-peptide linking' y 'GLUTAMIC ACID'               ?          'C5 H9 N O4'     147.129 
GLY 'peptide linking'   y GLYCINE                       ?          'C2 H5 N O2'     75.067  
HIS 'L-peptide linking' y HISTIDINE                     ?          'C6 H10 N3 O2 1' 156.162 
HOH non-polymer         . WATER                         ?          'H2 O'           18.015  
ILE 'L-peptide linking' y ISOLEUCINE                    ?          'C6 H13 N O2'    131.173 
LEU 'L-peptide linking' y LEUCINE                       ?          'C6 H13 N O2'    131.173 
LYS 'L-peptide linking' y LYSINE                        ?          'C6 H15 N2 O2 1' 147.195 
MET 'L-peptide linking' y METHIONINE                    ?          'C5 H11 N O2 S'  149.211 
PHE 'L-peptide linking' y PHENYLALANINE                 ?          'C9 H11 N O2'    165.189 
PRO 'L-peptide linking' y PROLINE                       ?          'C5 H9 N O2'     115.130 
SER 'L-peptide linking' y SERINE                        ?          'C3 H7 N O3'     105.093 
THR 'L-peptide linking' y THREONINE                     ?          'C4 H9 N O3'     119.119 
TSS non-polymer         . '2-(1H-INDOL-3-YL)ETHANAMINE' TRYPTAMINE 'C10 H12 N2'     160.216 
TYR 'L-peptide linking' y TYROSINE                      ?          'C9 H11 N O3'    181.189 
VAL 'L-peptide linking' y VALINE                        ?          'C5 H11 N O2'    117.146 
# 
loop_
_pdbx_poly_seq_scheme.asym_id 
_pdbx_poly_seq_scheme.entity_id 
_pdbx_poly_seq_scheme.seq_id 
_pdbx_poly_seq_scheme.mon_id 
_pdbx_poly_seq_scheme.ndb_seq_num 
_pdbx_poly_seq_scheme.pdb_seq_num 
_pdbx_poly_seq_scheme.auth_seq_num 
_pdbx_poly_seq_scheme.pdb_mon_id 
_pdbx_poly_seq_scheme.auth_mon_id 
_pdbx_poly_seq_scheme.pdb_strand_id 
_pdbx_poly_seq_scheme.pdb_ins_code 
_pdbx_poly_seq_scheme.hetero 
A 1 1   MET 1   0   ?   ?   ?   A . n 
A 1 2   GLU 2   1   1   GLU GLU A . n 
A 1 3   THR 3   2   2   THR THR A . n 
A 1 4   VAL 4   3   3   VAL VAL A . n 
A 1 5   GLN 5   4   4   GLN GLN A . n 
A 1 6   ASP 6   5   5   ASP ASP A . n 
A 1 7   CYS 7   6   6   CYS CYS A . n 
A 1 8   GLU 8   7   7   GLU GLU A . n 
A 1 9   ASN 9   8   8   ASN ASN A . n 
A 1 10  LYS 10  9   9   LYS LYS A . n 
A 1 11  LEU 11  10  10  LEU LEU A . n 
A 1 12  PRO 12  11  11  PRO PRO A . n 
A 1 13  PRO 13  12  12  PRO PRO A . n 
A 1 14  SER 14  13  13  SER SER A . n 
A 1 15  LEU 15  14  14  LEU LEU A . n 
A 1 16  LYS 16  15  15  LYS LYS A . n 
A 1 17  SER 17  16  16  SER SER A . n 
A 1 18  ARG 18  17  17  ARG ARG A . n 
A 1 19  LEU 19  18  18  LEU LEU A . n 
A 1 20  CYS 20  19  19  CYS CYS A . n 
A 1 21  GLU 21  20  20  GLU GLU A . n 
A 1 22  ILE 22  21  21  ILE ILE A . n 
A 1 23  ARG 23  22  22  ARG ARG A . n 
A 1 24  ARG 24  23  23  ARG ARG A . n 
A 1 25  TYR 25  24  24  TYR TYR A . n 
A 1 26  GLU 26  25  25  GLU GLU A . n 
A 1 27  ILE 27  26  26  ILE ILE A . n 
A 1 28  ILE 28  27  27  ILE ILE A . n 
A 1 29  GLU 29  28  28  GLU GLU A . n 
A 1 30  GLY 30  29  29  GLY GLY A . n 
A 1 31  PRO 31  30  30  PRO PRO A . n 
A 1 32  GLU 32  31  31  GLU GLU A . n 
A 1 33  MET 33  32  32  MET MET A . n 
A 1 34  ASP 34  33  33  ASP ASP A . n 
A 1 35  LYS 35  34  34  LYS LYS A . n 
A 1 36  HIS 36  35  35  HIS HIS A . n 
A 1 37  ILE 37  36  36  ILE ILE A . n 
A 1 38  HIS 38  37  37  HIS HIS A . n 
A 1 39  CYS 39  38  38  CYS CYS A . n 
A 1 40  VAL 40  39  39  VAL VAL A . n 
A 1 41  MET 41  40  40  MET MET A . n 
A 1 42  ARG 42  41  41  ARG ARG A . n 
A 1 43  ALA 43  42  42  ALA ALA A . n 
A 1 44  LEU 44  43  43  LEU LEU A . n 
A 1 45  ASP 45  44  44  ASP ASP A . n 
A 1 46  PHE 46  45  45  PHE PHE A . n 
A 1 47  VAL 47  46  46  VAL VAL A . n 
A 1 48  TYR 48  47  47  TYR TYR A . n 
A 1 49  GLU 49  48  48  GLU GLU A . n 
A 1 50  ASP 50  49  49  ASP ASP A . n 
A 1 51  GLY 51  50  50  GLY GLY A . n 
A 1 52  ARG 52  51  51  ARG ARG A . n 
A 1 53  GLY 53  52  52  GLY GLY A . n 
A 1 54  ASP 54  53  53  ASP ASP A . n 
A 1 55  TYR 55  54  54  TYR TYR A . n 
A 1 56  HIS 56  55  55  HIS HIS A . n 
A 1 57  LYS 57  56  56  LYS LYS A . n 
A 1 58  LEU 58  57  57  LEU LEU A . n 
A 1 59  TYR 59  58  58  TYR TYR A . n 
A 1 60  ASP 60  59  59  ASP ASP A . n 
A 1 61  PRO 61  60  60  PRO PRO A . n 
A 1 62  LEU 62  61  61  LEU LEU A . n 
A 1 63  ASN 63  62  62  ASN ASN A . n 
A 1 64  ILE 64  63  63  ILE ILE A . n 
A 1 65  ILE 65  64  64  ILE ILE A . n 
A 1 66  GLU 66  65  65  GLU GLU A . n 
A 1 67  LEU 67  66  66  LEU LEU A . n 
A 1 68  ASP 68  67  67  ASP ASP A . n 
A 1 69  LYS 69  68  68  LYS LYS A . n 
A 1 70  ARG 70  69  69  ARG ARG A . n 
A 1 71  HIS 71  70  70  HIS HIS A . n 
A 1 72  ASP 72  71  71  ASP ASP A . n 
A 1 73  VAL 73  72  72  VAL VAL A . n 
A 1 74  ASN 74  73  73  ASN ASN A . n 
A 1 75  LEU 75  74  74  LEU LEU A . n 
A 1 76  GLU 76  75  75  GLU GLU A . n 
A 1 77  LYS 77  76  76  LYS LYS A . n 
A 1 78  CYS 78  77  77  CYS CYS A . n 
A 1 79  ILE 79  78  78  ILE ILE A . n 
A 1 80  GLY 80  79  79  GLY GLY A . n 
A 1 81  GLU 81  80  80  GLU GLU A . n 
A 1 82  CYS 82  81  81  CYS CYS A . n 
A 1 83  VAL 83  82  82  VAL VAL A . n 
A 1 84  GLN 84  83  83  GLN GLN A . n 
A 1 85  VAL 85  84  84  VAL VAL A . n 
A 1 86  PRO 86  85  85  PRO PRO A . n 
A 1 87  THR 87  86  86  THR THR A . n 
A 1 88  SER 88  87  87  SER SER A . n 
A 1 89  GLU 89  88  88  GLU GLU A . n 
A 1 90  ARG 90  89  89  ARG ARG A . n 
A 1 91  ALA 91  90  90  ALA ALA A . n 
A 1 92  HIS 92  91  91  HIS HIS A . n 
A 1 93  VAL 93  92  92  VAL VAL A . n 
A 1 94  PHE 94  93  93  PHE PHE A . n 
A 1 95  TYR 95  94  94  TYR TYR A . n 
A 1 96  LYS 96  95  95  LYS LYS A . n 
A 1 97  CYS 97  96  96  CYS CYS A . n 
A 1 98  LEU 98  97  97  LEU LEU A . n 
A 1 99  LEU 99  98  98  LEU LEU A . n 
A 1 100 LYS 100 99  99  LYS LYS A . n 
A 1 101 SER 101 100 100 SER SER A . n 
A 1 102 THR 102 101 101 THR THR A . n 
A 1 103 THR 103 102 102 THR THR A . n 
A 1 104 GLY 104 103 103 GLY GLY A . n 
A 1 105 ARG 105 104 104 ARG ARG A . n 
A 1 106 THR 106 105 105 THR THR A . n 
A 1 107 PHE 107 106 106 PHE PHE A . n 
A 1 108 LYS 108 107 107 LYS LYS A . n 
A 1 109 LYS 109 108 108 LYS LYS A . n 
A 1 110 VAL 110 109 109 VAL VAL A . n 
A 1 111 PHE 111 110 110 PHE PHE A . n 
A 1 112 ASP 112 111 111 ASP ASP A . n 
A 1 113 LEU 113 112 112 LEU LEU A . n 
A 1 114 MET 114 113 113 MET MET A . n 
A 1 115 GLU 115 114 114 GLU GLU A . n 
A 1 116 LEU 116 115 115 LEU LEU A . n 
A 1 117 LYS 117 116 116 LYS LYS A . n 
A 1 118 LYS 118 117 117 LYS LYS A . n 
A 1 119 ALA 119 118 118 ALA ALA A . n 
A 1 120 GLY 120 119 119 GLY GLY A . n 
A 1 121 LYS 121 120 120 LYS LYS A . n 
A 1 122 VAL 122 121 121 VAL VAL A . n 
A 1 123 PRO 123 122 122 PRO PRO A . n 
A 1 124 GLN 124 123 123 GLN GLN A . n 
A 1 125 HIS 125 124 124 HIS HIS A . n 
A 1 126 GLN 126 125 125 GLN GLN A . n 
A 1 127 ARG 127 126 126 ARG ARG A . n 
A 1 128 TYR 128 127 127 TYR TYR A . n 
A 1 129 THR 129 128 128 THR THR A . n 
A 1 130 ALA 130 129 129 ALA ALA A . n 
A 1 131 GLU 131 130 130 GLU GLU A . n 
A 1 132 PHE 132 131 131 PHE PHE A . n 
A 1 133 VAL 133 132 132 VAL VAL A . n 
A 1 134 GLN 134 133 133 GLN GLN A . n 
A 1 135 ILE 135 134 134 ILE ILE A . n 
A 1 136 MET 136 135 135 MET MET A . n 
A 1 137 LYS 137 136 136 LYS LYS A . n 
A 1 138 ASP 138 137 137 ASP ASP A . n 
A 1 139 TYR 139 138 138 TYR TYR A . n 
A 1 140 ASP 140 139 139 ASP ASP A . n 
A 1 141 LYS 141 140 140 LYS LYS A . n 
A 1 142 ALA 142 141 141 ALA ALA A . n 
A 1 143 LEU 143 142 142 LEU LEU A . n 
A 1 144 ASN 144 143 143 ASN ASN A . n 
A 1 145 CYS 145 144 144 CYS CYS A . n 
# 
loop_
_pdbx_nonpoly_scheme.asym_id 
_pdbx_nonpoly_scheme.entity_id 
_pdbx_nonpoly_scheme.mon_id 
_pdbx_nonpoly_scheme.ndb_seq_num 
_pdbx_nonpoly_scheme.pdb_seq_num 
_pdbx_nonpoly_scheme.auth_seq_num 
_pdbx_nonpoly_scheme.pdb_mon_id 
_pdbx_nonpoly_scheme.auth_mon_id 
_pdbx_nonpoly_scheme.pdb_strand_id 
_pdbx_nonpoly_scheme.pdb_ins_code 
B 2 TSS 1   145 145 TSS TSS A . 
C 3 HOH 1   146 1   HOH HOH A . 
C 3 HOH 2   147 2   HOH HOH A . 
C 3 HOH 3   148 3   HOH HOH A . 
C 3 HOH 4   149 4   HOH HOH A . 
C 3 HOH 5   150 5   HOH HOH A . 
C 3 HOH 6   151 6   HOH HOH A . 
C 3 HOH 7   152 7   HOH HOH A . 
C 3 HOH 8   153 8   HOH HOH A . 
C 3 HOH 9   154 9   HOH HOH A . 
C 3 HOH 10  155 10  HOH HOH A . 
C 3 HOH 11  156 11  HOH HOH A . 
C 3 HOH 12  157 12  HOH HOH A . 
C 3 HOH 13  158 13  HOH HOH A . 
C 3 HOH 14  159 14  HOH HOH A . 
C 3 HOH 15  160 15  HOH HOH A . 
C 3 HOH 16  161 16  HOH HOH A . 
C 3 HOH 17  162 17  HOH HOH A . 
C 3 HOH 18  163 18  HOH HOH A . 
C 3 HOH 19  164 19  HOH HOH A . 
C 3 HOH 20  165 20  HOH HOH A . 
C 3 HOH 21  166 22  HOH HOH A . 
C 3 HOH 22  167 23  HOH HOH A . 
C 3 HOH 23  168 24  HOH HOH A . 
C 3 HOH 24  169 25  HOH HOH A . 
C 3 HOH 25  170 26  HOH HOH A . 
C 3 HOH 26  171 27  HOH HOH A . 
C 3 HOH 27  172 28  HOH HOH A . 
C 3 HOH 28  173 30  HOH HOH A . 
C 3 HOH 29  174 31  HOH HOH A . 
C 3 HOH 30  175 32  HOH HOH A . 
C 3 HOH 31  176 33  HOH HOH A . 
C 3 HOH 32  177 34  HOH HOH A . 
C 3 HOH 33  178 35  HOH HOH A . 
C 3 HOH 34  179 36  HOH HOH A . 
C 3 HOH 35  180 37  HOH HOH A . 
C 3 HOH 36  181 38  HOH HOH A . 
C 3 HOH 37  182 39  HOH HOH A . 
C 3 HOH 38  183 40  HOH HOH A . 
C 3 HOH 39  184 41  HOH HOH A . 
C 3 HOH 40  185 42  HOH HOH A . 
C 3 HOH 41  186 43  HOH HOH A . 
C 3 HOH 42  187 44  HOH HOH A . 
C 3 HOH 43  188 45  HOH HOH A . 
C 3 HOH 44  189 46  HOH HOH A . 
C 3 HOH 45  190 47  HOH HOH A . 
C 3 HOH 46  191 48  HOH HOH A . 
C 3 HOH 47  192 49  HOH HOH A . 
C 3 HOH 48  193 50  HOH HOH A . 
C 3 HOH 49  194 51  HOH HOH A . 
C 3 HOH 50  195 54  HOH HOH A . 
C 3 HOH 51  196 56  HOH HOH A . 
C 3 HOH 52  197 57  HOH HOH A . 
C 3 HOH 53  198 58  HOH HOH A . 
C 3 HOH 54  199 59  HOH HOH A . 
C 3 HOH 55  200 60  HOH HOH A . 
C 3 HOH 56  201 61  HOH HOH A . 
C 3 HOH 57  202 62  HOH HOH A . 
C 3 HOH 58  203 63  HOH HOH A . 
C 3 HOH 59  204 64  HOH HOH A . 
C 3 HOH 60  205 65  HOH HOH A . 
C 3 HOH 61  206 66  HOH HOH A . 
C 3 HOH 62  207 67  HOH HOH A . 
C 3 HOH 63  208 68  HOH HOH A . 
C 3 HOH 64  209 70  HOH HOH A . 
C 3 HOH 65  210 71  HOH HOH A . 
C 3 HOH 66  211 72  HOH HOH A . 
C 3 HOH 67  212 73  HOH HOH A . 
C 3 HOH 68  213 74  HOH HOH A . 
C 3 HOH 69  214 75  HOH HOH A . 
C 3 HOH 70  215 76  HOH HOH A . 
C 3 HOH 71  216 77  HOH HOH A . 
C 3 HOH 72  217 78  HOH HOH A . 
C 3 HOH 73  218 79  HOH HOH A . 
C 3 HOH 74  219 80  HOH HOH A . 
C 3 HOH 75  220 81  HOH HOH A . 
C 3 HOH 76  221 82  HOH HOH A . 
C 3 HOH 77  222 83  HOH HOH A . 
C 3 HOH 78  223 84  HOH HOH A . 
C 3 HOH 79  224 85  HOH HOH A . 
C 3 HOH 80  225 86  HOH HOH A . 
C 3 HOH 81  226 87  HOH HOH A . 
C 3 HOH 82  227 88  HOH HOH A . 
C 3 HOH 83  228 89  HOH HOH A . 
C 3 HOH 84  229 90  HOH HOH A . 
C 3 HOH 85  230 91  HOH HOH A . 
C 3 HOH 86  231 92  HOH HOH A . 
C 3 HOH 87  232 93  HOH HOH A . 
C 3 HOH 88  233 94  HOH HOH A . 
C 3 HOH 89  234 95  HOH HOH A . 
C 3 HOH 90  235 96  HOH HOH A . 
C 3 HOH 91  236 97  HOH HOH A . 
C 3 HOH 92  237 98  HOH HOH A . 
C 3 HOH 93  238 99  HOH HOH A . 
C 3 HOH 94  239 100 HOH HOH A . 
C 3 HOH 95  240 101 HOH HOH A . 
C 3 HOH 96  241 102 HOH HOH A . 
C 3 HOH 97  242 103 HOH HOH A . 
C 3 HOH 98  243 104 HOH HOH A . 
C 3 HOH 99  244 105 HOH HOH A . 
C 3 HOH 100 245 106 HOH HOH A . 
C 3 HOH 101 246 107 HOH HOH A . 
C 3 HOH 102 247 108 HOH HOH A . 
C 3 HOH 103 248 109 HOH HOH A . 
C 3 HOH 104 249 110 HOH HOH A . 
C 3 HOH 105 250 111 HOH HOH A . 
C 3 HOH 106 251 112 HOH HOH A . 
C 3 HOH 107 252 113 HOH HOH A . 
C 3 HOH 108 253 114 HOH HOH A . 
C 3 HOH 109 254 115 HOH HOH A . 
C 3 HOH 110 255 116 HOH HOH A . 
C 3 HOH 111 256 117 HOH HOH A . 
C 3 HOH 112 257 118 HOH HOH A . 
C 3 HOH 113 258 119 HOH HOH A . 
C 3 HOH 114 259 120 HOH HOH A . 
C 3 HOH 115 260 121 HOH HOH A . 
C 3 HOH 116 261 122 HOH HOH A . 
C 3 HOH 117 262 123 HOH HOH A . 
C 3 HOH 118 263 124 HOH HOH A . 
C 3 HOH 119 264 125 HOH HOH A . 
C 3 HOH 120 265 126 HOH HOH A . 
C 3 HOH 121 266 127 HOH HOH A . 
# 
loop_
_software.name 
_software.version 
_software.date 
_software.type 
_software.contact_author 
_software.contact_author_email 
_software.classification 
_software.location 
_software.language 
_software.citation_id 
_software.pdbx_ordinal 
DENZO       .     ?                package 'Zbyszek Otwinowski' zbyszek@mix.swmed.edu    'data reduction'  
http://www.lnls.br/infra/linhasluz/denzo-hkl.htm ?          ? 1 
SCALEPACK   .     ?                package 'Zbyszek Otwinowski' zbyszek@mix.swmed.edu    'data scaling'    
http://www.lnls.br/infra/linhasluz/denzo-hkl.htm ?          ? 2 
REFMAC      .     ?                program 'Murshudov, G.N.'    ccp4@dl.ac.uk            refinement        
http://www.ccp4.ac.uk/main.html                  Fortran_77 ? 3 
PDB_EXTRACT 2.000 'April. 3, 2006' package PDB                  sw-help@rcsb.rutgers.edu 'data extraction' 
http://pdb.rutgers.edu/software/                 C++        ? 4 
HKL-3000    .     ?                ?       ?                    ?                        'data reduction'  ? ?          ? 5 
HKL-3000    .     ?                ?       ?                    ?                        'data scaling'    ? ?          ? 6 
# 
_cell.entry_id           2PQL 
_cell.length_a           63.101 
_cell.length_b           63.101 
_cell.length_c           42.596 
_cell.angle_alpha        90.00 
_cell.angle_beta         90.00 
_cell.angle_gamma        90.00 
_cell.Z_PDB              4 
_cell.pdbx_unique_axis   ? 
_cell.length_a_esd       ? 
_cell.length_b_esd       ? 
_cell.length_c_esd       ? 
_cell.angle_alpha_esd    ? 
_cell.angle_beta_esd     ? 
_cell.angle_gamma_esd    ? 
# 
_symmetry.entry_id                         2PQL 
_symmetry.space_group_name_H-M             'P 43' 
_symmetry.pdbx_full_space_group_name_H-M   ? 
_symmetry.cell_setting                     ? 
_symmetry.Int_Tables_number                78 
_symmetry.space_group_name_Hall            ? 
# 
_exptl.entry_id          2PQL 
_exptl.method            'X-RAY DIFFRACTION' 
_exptl.crystals_number   1 
# 
_exptl_crystal.id                    1 
_exptl_crystal.density_meas          ? 
_exptl_crystal.density_Matthews      2.50 
_exptl_crystal.density_percent_sol   50.76 
_exptl_crystal.description           ? 
_exptl_crystal.F_000                 ? 
_exptl_crystal.preparation           ? 
# 
_exptl_crystal_grow.crystal_id      1 
_exptl_crystal_grow.method          ? 
_exptl_crystal_grow.temp            298.0 
_exptl_crystal_grow.temp_details    ? 
_exptl_crystal_grow.pH              8.00 
_exptl_crystal_grow.pdbx_details    
'20 % PEG 6000, 0.1 M Tris HCl, pH 8.0, VAPOR DIFFUSION, HANGING DROP, temperature 298.0K, pH 8.00' 
_exptl_crystal_grow.pdbx_pH_range   . 
# 
_diffrn.id                     1 
_diffrn.ambient_temp           100.0 
_diffrn.ambient_temp_details   ? 
_diffrn.crystal_id             1 
# 
_diffrn_detector.diffrn_id              1 
_diffrn_detector.detector               CCD 
_diffrn_detector.type                   'ADSC QUANTUM 315' 
_diffrn_detector.pdbx_collection_date   2006-12-15 
_diffrn_detector.details                'ROSENBAUM-ROCK VERTICAL FOCUSING MIRROR' 
# 
_diffrn_radiation.diffrn_id                        1 
_diffrn_radiation.wavelength_id                    1 
_diffrn_radiation.pdbx_monochromatic_or_laue_m_l   M 
_diffrn_radiation.monochromator                    'SI 111, SAGITALLY FOCUSED SI 111' 
_diffrn_radiation.pdbx_diffrn_protocol             'SINGLE WAVELENGTH' 
_diffrn_radiation.pdbx_scattering_type             x-ray 
# 
_diffrn_radiation_wavelength.id           1 
_diffrn_radiation_wavelength.wavelength   0.9790981 
_diffrn_radiation_wavelength.wt           1.0 
# 
_diffrn_source.diffrn_id                   1 
_diffrn_source.source                      SYNCHROTRON 
_diffrn_source.type                        'APS BEAMLINE 19-ID' 
_diffrn_source.pdbx_synchrotron_site       APS 
_diffrn_source.pdbx_synchrotron_beamline   19-ID 
_diffrn_source.pdbx_wavelength             0.9790981 
_diffrn_source.pdbx_wavelength_list        ? 
# 
_reflns.entry_id                     2PQL 
_reflns.observed_criterion_sigma_I   0.000 
_reflns.observed_criterion_sigma_F   ? 
_reflns.d_resolution_low             63.120 
_reflns.d_resolution_high            2.200 
_reflns.number_obs                   8615 
_reflns.number_all                   ? 
_reflns.percent_possible_obs         99.9 
_reflns.pdbx_Rmerge_I_obs            0.05600 
_reflns.pdbx_Rsym_value              ? 
_reflns.pdbx_netI_over_sigmaI        24.9000 
_reflns.B_iso_Wilson_estimate        ? 
_reflns.pdbx_redundancy              7.900 
_reflns.R_free_details               ? 
_reflns.limit_h_max                  ? 
_reflns.limit_h_min                  ? 
_reflns.limit_k_max                  ? 
_reflns.limit_k_min                  ? 
_reflns.limit_l_max                  ? 
_reflns.limit_l_min                  ? 
_reflns.observed_criterion_F_max     ? 
_reflns.observed_criterion_F_min     ? 
_reflns.pdbx_chi_squared             ? 
_reflns.pdbx_scaling_rejects         ? 
_reflns.pdbx_ordinal                 1 
_reflns.pdbx_diffrn_id               1 
# 
_reflns_shell.d_res_high             2.20 
_reflns_shell.d_res_low              2.28 
_reflns_shell.percent_possible_all   100.0 
_reflns_shell.Rmerge_I_obs           0.18900 
_reflns_shell.pdbx_Rsym_value        ? 
_reflns_shell.meanI_over_sigI_obs    16.830 
_reflns_shell.pdbx_redundancy        8.00 
_reflns_shell.percent_possible_obs   ? 
_reflns_shell.number_unique_all      ? 
_reflns_shell.number_measured_all    ? 
_reflns_shell.number_measured_obs    ? 
_reflns_shell.number_unique_obs      ? 
_reflns_shell.pdbx_chi_squared       ? 
_reflns_shell.pdbx_ordinal           1 
_reflns_shell.pdbx_diffrn_id         1 
# 
_refine.entry_id                                 2PQL 
_refine.ls_number_reflns_obs                     8601 
_refine.ls_number_reflns_all                     8660 
_refine.pdbx_ls_sigma_I                          ? 
_refine.pdbx_ls_sigma_F                          0.000 
_refine.pdbx_data_cutoff_high_absF               ? 
_refine.pdbx_data_cutoff_low_absF                ? 
_refine.pdbx_data_cutoff_high_rms_absF           ? 
_refine.ls_d_res_low                             31.55 
_refine.ls_d_res_high                            2.20 
_refine.ls_percent_reflns_obs                    99.3 
_refine.ls_R_factor_obs                          0.176 
_refine.ls_R_factor_all                          ? 
_refine.ls_R_factor_R_work                       0.172 
_refine.ls_R_factor_R_free                       0.248 
_refine.ls_R_factor_R_free_error                 ? 
_refine.ls_R_factor_R_free_error_details         ? 
_refine.ls_percent_reflns_R_free                 4.700 
_refine.ls_number_reflns_R_free                  407 
_refine.ls_number_parameters                     ? 
_refine.ls_number_restraints                     ? 
_refine.occupancy_min                            ? 
_refine.occupancy_max                            ? 
_refine.correlation_coeff_Fo_to_Fc               0.951 
_refine.correlation_coeff_Fo_to_Fc_free          0.905 
_refine.B_iso_mean                               27.45 
_refine.aniso_B[1][1]                            0.23000 
_refine.aniso_B[2][2]                            0.23000 
_refine.aniso_B[3][3]                            -0.46000 
_refine.aniso_B[1][2]                            0.00000 
_refine.aniso_B[1][3]                            0.00000 
_refine.aniso_B[2][3]                            0.00000 
_refine.solvent_model_details                    MASK 
_refine.solvent_model_param_ksol                 ? 
_refine.solvent_model_param_bsol                 ? 
_refine.pdbx_solvent_vdw_probe_radii             1.40 
_refine.pdbx_solvent_ion_probe_radii             0.80 
_refine.pdbx_solvent_shrinkage_radii             0.80 
_refine.pdbx_ls_cross_valid_method               THROUGHOUT 
_refine.details                                  'HYDROGENS HAVE BEEN ADDED IN THE RIDING POSITIONS' 
_refine.pdbx_starting_model                      ? 
_refine.pdbx_method_to_determine_struct          'FOURIER SYNTHESIS' 
_refine.pdbx_isotropic_thermal_model             ? 
_refine.pdbx_stereochemistry_target_values       'MAXIMUM LIKELIHOOD' 
_refine.pdbx_stereochem_target_val_spec_case     ? 
_refine.pdbx_R_Free_selection_details            RANDOM 
_refine.pdbx_overall_ESU_R                       0.263 
_refine.pdbx_overall_ESU_R_Free                  0.224 
_refine.overall_SU_ML                            0.142 
_refine.overall_SU_B                             10.065 
_refine.ls_redundancy_reflns_obs                 ? 
_refine.B_iso_min                                ? 
_refine.B_iso_max                                ? 
_refine.overall_SU_R_Cruickshank_DPI             ? 
_refine.overall_SU_R_free                        ? 
_refine.ls_wR_factor_R_free                      ? 
_refine.ls_wR_factor_R_work                      ? 
_refine.overall_FOM_free_R_set                   ? 
_refine.overall_FOM_work_R_set                   ? 
_refine.pdbx_refine_id                           'X-RAY DIFFRACTION' 
_refine.pdbx_TLS_residual_ADP_flag               'LIKELY RESIDUAL' 
_refine.pdbx_diffrn_id                           1 
_refine.pdbx_overall_phase_error                 ? 
_refine.pdbx_overall_SU_R_free_Cruickshank_DPI   ? 
_refine.pdbx_overall_SU_R_Blow_DPI               ? 
_refine.pdbx_overall_SU_R_free_Blow_DPI          ? 
# 
_refine_hist.pdbx_refine_id                   'X-RAY DIFFRACTION' 
_refine_hist.cycle_id                         LAST 
_refine_hist.pdbx_number_atoms_protein        1185 
_refine_hist.pdbx_number_atoms_nucleic_acid   0 
_refine_hist.pdbx_number_atoms_ligand         12 
_refine_hist.number_atoms_solvent             121 
_refine_hist.number_atoms_total               1318 
_refine_hist.d_res_high                       2.20 
_refine_hist.d_res_low                        31.55 
# 
loop_
_refine_ls_restr.type 
_refine_ls_restr.dev_ideal 
_refine_ls_restr.dev_ideal_target 
_refine_ls_restr.weight 
_refine_ls_restr.number 
_refine_ls_restr.pdbx_refine_id 
_refine_ls_restr.pdbx_restraint_function 
r_bond_refined_d             0.012  0.022  ? 1224 'X-RAY DIFFRACTION' ? 
r_bond_other_d               ?      ?      ? ?    'X-RAY DIFFRACTION' ? 
r_angle_refined_deg          1.347  1.987  ? 1646 'X-RAY DIFFRACTION' ? 
r_angle_other_deg            ?      ?      ? ?    'X-RAY DIFFRACTION' ? 
r_dihedral_angle_1_deg       17.785 5.000  ? 143  'X-RAY DIFFRACTION' ? 
r_dihedral_angle_2_deg       33.213 24.000 ? 60   'X-RAY DIFFRACTION' ? 
r_dihedral_angle_3_deg       15.295 15.000 ? 237  'X-RAY DIFFRACTION' ? 
r_dihedral_angle_4_deg       22.001 15.000 ? 9    'X-RAY DIFFRACTION' ? 
r_chiral_restr               0.088  0.200  ? 175  'X-RAY DIFFRACTION' ? 
r_gen_planes_refined         0.004  0.020  ? 912  'X-RAY DIFFRACTION' ? 
r_gen_planes_other           ?      ?      ? ?    'X-RAY DIFFRACTION' ? 
r_nbd_refined                0.222  0.200  ? 561  'X-RAY DIFFRACTION' ? 
r_nbd_other                  ?      ?      ? ?    'X-RAY DIFFRACTION' ? 
r_nbtor_refined              0.315  0.200  ? 845  'X-RAY DIFFRACTION' ? 
r_nbtor_other                ?      ?      ? ?    'X-RAY DIFFRACTION' ? 
r_xyhbond_nbd_refined        0.201  0.200  ? 98   'X-RAY DIFFRACTION' ? 
r_xyhbond_nbd_other          ?      ?      ? ?    'X-RAY DIFFRACTION' ? 
r_metal_ion_refined          ?      ?      ? ?    'X-RAY DIFFRACTION' ? 
r_metal_ion_other            ?      ?      ? ?    'X-RAY DIFFRACTION' ? 
r_symmetry_vdw_refined       0.178  0.200  ? 19   'X-RAY DIFFRACTION' ? 
r_symmetry_vdw_other         ?      ?      ? ?    'X-RAY DIFFRACTION' ? 
r_symmetry_hbond_refined     0.230  0.200  ? 7    'X-RAY DIFFRACTION' ? 
r_symmetry_hbond_other       ?      ?      ? ?    'X-RAY DIFFRACTION' ? 
r_symmetry_metal_ion_refined ?      ?      ? ?    'X-RAY DIFFRACTION' ? 
r_symmetry_metal_ion_other   ?      ?      ? ?    'X-RAY DIFFRACTION' ? 
r_mcbond_it                  1.761  1.500  ? 737  'X-RAY DIFFRACTION' ? 
r_mcbond_other               ?      ?      ? ?    'X-RAY DIFFRACTION' ? 
r_mcangle_it                 2.569  2.000  ? 1171 'X-RAY DIFFRACTION' ? 
r_scbond_it                  4.579  3.000  ? 532  'X-RAY DIFFRACTION' ? 
r_scangle_it                 6.656  4.500  ? 475  'X-RAY DIFFRACTION' ? 
r_rigid_bond_restr           ?      ?      ? ?    'X-RAY DIFFRACTION' ? 
r_sphericity_free            ?      ?      ? ?    'X-RAY DIFFRACTION' ? 
r_sphericity_bonded          ?      ?      ? ?    'X-RAY DIFFRACTION' ? 
# 
_refine_ls_shell.pdbx_total_number_of_bins_used   20 
_refine_ls_shell.d_res_high                       2.20 
_refine_ls_shell.d_res_low                        2.26 
_refine_ls_shell.number_reflns_R_work             573 
_refine_ls_shell.R_factor_R_work                  0.1610 
_refine_ls_shell.percent_reflns_obs               92.82 
_refine_ls_shell.R_factor_R_free                  0.3420 
_refine_ls_shell.R_factor_R_free_error            ? 
_refine_ls_shell.percent_reflns_R_free            ? 
_refine_ls_shell.number_reflns_R_free             35 
_refine_ls_shell.number_reflns_all                ? 
_refine_ls_shell.R_factor_all                     ? 
_refine_ls_shell.redundancy_reflns_obs            ? 
_refine_ls_shell.number_reflns_obs                ? 
_refine_ls_shell.pdbx_refine_id                   'X-RAY DIFFRACTION' 
# 
_struct.entry_id                  2PQL 
_struct.title                     'Crystal Structure of Anopheles gambiae D7R4-tryptamine complex' 
_struct.pdbx_model_details        ? 
_struct.pdbx_CASP_flag            ? 
_struct.pdbx_model_type_details   ? 
# 
_struct_keywords.entry_id        2PQL 
_struct_keywords.pdbx_keywords   'TRANSPORT PROTEIN' 
_struct_keywords.text            'ALL-HELICAL, ODORANT-BINDING PROTEIN, TRANSPORT PROTEIN' 
# 
loop_
_struct_asym.id 
_struct_asym.pdbx_blank_PDB_chainid_flag 
_struct_asym.pdbx_modified 
_struct_asym.entity_id 
_struct_asym.details 
A N N 1 ? 
B N N 2 ? 
C N N 3 ? 
# 
_struct_ref.id                         1 
_struct_ref.db_name                    UNP 
_struct_ref.db_code                    Q9BIH3_ANOGA 
_struct_ref.pdbx_db_accession          Q9BIH3 
_struct_ref.entity_id                  1 
_struct_ref.pdbx_seq_one_letter_code   
;ETVQDCENKLPPSLKSRLCEIRRYEIIEGPEMDKHIHCVMRALDFVYEDGRGDYHKLYDPLNIIELDKRHDVNLEKCIGE
CVQVPTSERAHVFYKCLLKSTTGRTFKKVFDLMELKKAGKVPQHQRYTAEFVQIMKDYDKALNC
;
_struct_ref.pdbx_align_begin           22 
_struct_ref.pdbx_db_isoform            ? 
# 
_struct_ref_seq.align_id                      1 
_struct_ref_seq.ref_id                        1 
_struct_ref_seq.pdbx_PDB_id_code              2PQL 
_struct_ref_seq.pdbx_strand_id                A 
_struct_ref_seq.seq_align_beg                 2 
_struct_ref_seq.pdbx_seq_align_beg_ins_code   ? 
_struct_ref_seq.seq_align_end                 145 
_struct_ref_seq.pdbx_seq_align_end_ins_code   ? 
_struct_ref_seq.pdbx_db_accession             Q9BIH3 
_struct_ref_seq.db_align_beg                  22 
_struct_ref_seq.pdbx_db_align_beg_ins_code    ? 
_struct_ref_seq.db_align_end                  165 
_struct_ref_seq.pdbx_db_align_end_ins_code    ? 
_struct_ref_seq.pdbx_auth_seq_align_beg       1 
_struct_ref_seq.pdbx_auth_seq_align_end       144 
# 
_struct_ref_seq_dif.align_id                     1 
_struct_ref_seq_dif.pdbx_pdb_id_code             2PQL 
_struct_ref_seq_dif.mon_id                       MET 
_struct_ref_seq_dif.pdbx_pdb_strand_id           A 
_struct_ref_seq_dif.seq_num                      1 
_struct_ref_seq_dif.pdbx_pdb_ins_code            ? 
_struct_ref_seq_dif.pdbx_seq_db_name             UNP 
_struct_ref_seq_dif.pdbx_seq_db_accession_code   Q9BIH3 
_struct_ref_seq_dif.db_mon_id                    ? 
_struct_ref_seq_dif.pdbx_seq_db_seq_num          ? 
_struct_ref_seq_dif.details                      'expression tag' 
_struct_ref_seq_dif.pdbx_auth_seq_num            0 
_struct_ref_seq_dif.pdbx_ordinal                 1 
# 
_pdbx_struct_assembly.id                   1 
_pdbx_struct_assembly.details              author_defined_assembly 
_pdbx_struct_assembly.method_details       ? 
_pdbx_struct_assembly.oligomeric_details   monomeric 
_pdbx_struct_assembly.oligomeric_count     1 
# 
_pdbx_struct_assembly_gen.assembly_id       1 
_pdbx_struct_assembly_gen.oper_expression   1 
_pdbx_struct_assembly_gen.asym_id_list      A,B,C 
# 
_pdbx_struct_oper_list.id                   1 
_pdbx_struct_oper_list.type                 'identity operation' 
_pdbx_struct_oper_list.name                 1_555 
_pdbx_struct_oper_list.symmetry_operation   x,y,z 
_pdbx_struct_oper_list.matrix[1][1]         1.0000000000 
_pdbx_struct_oper_list.matrix[1][2]         0.0000000000 
_pdbx_struct_oper_list.matrix[1][3]         0.0000000000 
_pdbx_struct_oper_list.vector[1]            0.0000000000 
_pdbx_struct_oper_list.matrix[2][1]         0.0000000000 
_pdbx_struct_oper_list.matrix[2][2]         1.0000000000 
_pdbx_struct_oper_list.matrix[2][3]         0.0000000000 
_pdbx_struct_oper_list.vector[2]            0.0000000000 
_pdbx_struct_oper_list.matrix[3][1]         0.0000000000 
_pdbx_struct_oper_list.matrix[3][2]         0.0000000000 
_pdbx_struct_oper_list.matrix[3][3]         1.0000000000 
_pdbx_struct_oper_list.vector[3]            0.0000000000 
# 
_struct_biol.id        1 
_struct_biol.details   ? 
# 
loop_
_struct_conf.conf_type_id 
_struct_conf.id 
_struct_conf.pdbx_PDB_helix_id 
_struct_conf.beg_label_comp_id 
_struct_conf.beg_label_asym_id 
_struct_conf.beg_label_seq_id 
_struct_conf.pdbx_beg_PDB_ins_code 
_struct_conf.end_label_comp_id 
_struct_conf.end_label_asym_id 
_struct_conf.end_label_seq_id 
_struct_conf.pdbx_end_PDB_ins_code 
_struct_conf.beg_auth_comp_id 
_struct_conf.beg_auth_asym_id 
_struct_conf.beg_auth_seq_id 
_struct_conf.end_auth_comp_id 
_struct_conf.end_auth_asym_id 
_struct_conf.end_auth_seq_id 
_struct_conf.pdbx_PDB_helix_class 
_struct_conf.details 
_struct_conf.pdbx_PDB_helix_length 
HELX_P HELX_P1  1  THR A 3   ? LYS A 10  ? THR A 2   LYS A 9   1 ? 8  
HELX_P HELX_P2  2  LEU A 15  ? LEU A 15  ? LEU A 14  LEU A 14  5 ? 1  
HELX_P HELX_P3  3  LYS A 16  ? LYS A 16  ? LYS A 15  LYS A 15  5 ? 1  
HELX_P HELX_P4  4  SER A 17  ? SER A 17  ? SER A 16  SER A 16  5 ? 1  
HELX_P HELX_P5  5  ARG A 18  ? ARG A 24  ? ARG A 17  ARG A 23  1 ? 7  
HELX_P HELX_P6  6  MET A 33  ? ASP A 34  ? MET A 32  ASP A 33  1 ? 2  
HELX_P HELX_P7  7  LYS A 35  ? LYS A 35  ? LYS A 34  LYS A 34  1 ? 1  
HELX_P HELX_P8  8  HIS A 36  ? LEU A 44  ? HIS A 35  LEU A 43  1 ? 9  
HELX_P HELX_P9  9  ASP A 54  ? GLU A 66  ? ASP A 53  GLU A 65  1 ? 13 
HELX_P HELX_P10 10 LYS A 69  ? VAL A 85  ? LYS A 68  VAL A 84  1 ? 17 
HELX_P HELX_P11 11 GLU A 89  ? SER A 101 ? GLU A 88  SER A 100 1 ? 13 
HELX_P HELX_P12 12 THR A 103 ? ALA A 119 ? THR A 102 ALA A 118 1 ? 17 
HELX_P HELX_P13 13 THR A 129 ? LEU A 143 ? THR A 128 LEU A 142 1 ? 15 
# 
_struct_conf_type.id          HELX_P 
_struct_conf_type.criteria    ? 
_struct_conf_type.reference   ? 
# 
loop_
_struct_conn.id 
_struct_conn.conn_type_id 
_struct_conn.pdbx_leaving_atom_flag 
_struct_conn.pdbx_PDB_id 
_struct_conn.ptnr1_label_asym_id 
_struct_conn.ptnr1_label_comp_id 
_struct_conn.ptnr1_label_seq_id 
_struct_conn.ptnr1_label_atom_id 
_struct_conn.pdbx_ptnr1_label_alt_id 
_struct_conn.pdbx_ptnr1_PDB_ins_code 
_struct_conn.pdbx_ptnr1_standard_comp_id 
_struct_conn.ptnr1_symmetry 
_struct_conn.ptnr2_label_asym_id 
_struct_conn.ptnr2_label_comp_id 
_struct_conn.ptnr2_label_seq_id 
_struct_conn.ptnr2_label_atom_id 
_struct_conn.pdbx_ptnr2_label_alt_id 
_struct_conn.pdbx_ptnr2_PDB_ins_code 
_struct_conn.ptnr1_auth_asym_id 
_struct_conn.ptnr1_auth_comp_id 
_struct_conn.ptnr1_auth_seq_id 
_struct_conn.ptnr2_auth_asym_id 
_struct_conn.ptnr2_auth_comp_id 
_struct_conn.ptnr2_auth_seq_id 
_struct_conn.ptnr2_symmetry 
_struct_conn.pdbx_ptnr3_label_atom_id 
_struct_conn.pdbx_ptnr3_label_seq_id 
_struct_conn.pdbx_ptnr3_label_comp_id 
_struct_conn.pdbx_ptnr3_label_asym_id 
_struct_conn.pdbx_ptnr3_label_alt_id 
_struct_conn.pdbx_ptnr3_PDB_ins_code 
_struct_conn.details 
_struct_conn.pdbx_dist_value 
_struct_conn.pdbx_value_order 
_struct_conn.pdbx_role 
disulf1 disulf ? ? A CYS 7  SG ? ? ? 1_555 A CYS 39  SG ? ? A CYS 6  A CYS 38  1_555 ? ? ? ? ? ? ? 2.039 ? ? 
disulf2 disulf ? ? A CYS 20 SG ? ? ? 1_555 A CYS 145 SG ? ? A CYS 19 A CYS 144 1_555 ? ? ? ? ? ? ? 2.041 ? ? 
disulf3 disulf ? ? A CYS 78 SG ? ? ? 1_555 A CYS 97  SG ? ? A CYS 77 A CYS 96  1_555 ? ? ? ? ? ? ? 2.049 ? ? 
# 
_struct_conn_type.id          disulf 
_struct_conn_type.criteria    ? 
_struct_conn_type.reference   ? 
# 
loop_
_pdbx_modification_feature.ordinal 
_pdbx_modification_feature.label_comp_id 
_pdbx_modification_feature.label_asym_id 
_pdbx_modification_feature.label_seq_id 
_pdbx_modification_feature.label_alt_id 
_pdbx_modification_feature.modified_residue_label_comp_id 
_pdbx_modification_feature.modified_residue_label_asym_id 
_pdbx_modification_feature.modified_residue_label_seq_id 
_pdbx_modification_feature.modified_residue_label_alt_id 
_pdbx_modification_feature.auth_comp_id 
_pdbx_modification_feature.auth_asym_id 
_pdbx_modification_feature.auth_seq_id 
_pdbx_modification_feature.PDB_ins_code 
_pdbx_modification_feature.symmetry 
_pdbx_modification_feature.modified_residue_auth_comp_id 
_pdbx_modification_feature.modified_residue_auth_asym_id 
_pdbx_modification_feature.modified_residue_auth_seq_id 
_pdbx_modification_feature.modified_residue_PDB_ins_code 
_pdbx_modification_feature.modified_residue_symmetry 
_pdbx_modification_feature.comp_id_linking_atom 
_pdbx_modification_feature.modified_residue_id_linking_atom 
_pdbx_modification_feature.modified_residue_id 
_pdbx_modification_feature.ref_pcm_id 
_pdbx_modification_feature.ref_comp_id 
_pdbx_modification_feature.type 
_pdbx_modification_feature.category 
1 CYS A 7  ? CYS A 39  ? CYS A 6  ? 1_555 CYS A 38  ? 1_555 SG SG . . . None 'Disulfide bridge' 
2 CYS A 20 ? CYS A 145 ? CYS A 19 ? 1_555 CYS A 144 ? 1_555 SG SG . . . None 'Disulfide bridge' 
3 CYS A 78 ? CYS A 97  ? CYS A 77 ? 1_555 CYS A 96  ? 1_555 SG SG . . . None 'Disulfide bridge' 
# 
_struct_site.id                   AC1 
_struct_site.pdbx_evidence_code   Software 
_struct_site.pdbx_auth_asym_id    A 
_struct_site.pdbx_auth_comp_id    TSS 
_struct_site.pdbx_auth_seq_id     145 
_struct_site.pdbx_auth_ins_code   ? 
_struct_site.pdbx_num_residues    11 
_struct_site.details              'BINDING SITE FOR RESIDUE TSS A 145' 
# 
loop_
_struct_site_gen.id 
_struct_site_gen.site_id 
_struct_site_gen.pdbx_num_res 
_struct_site_gen.label_comp_id 
_struct_site_gen.label_asym_id 
_struct_site_gen.label_seq_id 
_struct_site_gen.pdbx_auth_ins_code 
_struct_site_gen.auth_comp_id 
_struct_site_gen.auth_asym_id 
_struct_site_gen.auth_seq_id 
_struct_site_gen.label_atom_id 
_struct_site_gen.label_alt_id 
_struct_site_gen.symmetry 
_struct_site_gen.details 
1  AC1 11 ILE A 22  ? ILE A 21  . ? 1_555 ? 
2  AC1 11 ARG A 23  ? ARG A 22  . ? 1_555 ? 
3  AC1 11 TYR A 25  ? TYR A 24  . ? 1_555 ? 
4  AC1 11 HIS A 36  ? HIS A 35  . ? 1_555 ? 
5  AC1 11 ILE A 37  ? ILE A 36  . ? 1_555 ? 
6  AC1 11 TYR A 95  ? TYR A 94  . ? 1_555 ? 
7  AC1 11 PHE A 111 ? PHE A 110 . ? 1_555 ? 
8  AC1 11 ASP A 112 ? ASP A 111 . ? 1_555 ? 
9  AC1 11 GLU A 115 ? GLU A 114 . ? 1_555 ? 
10 AC1 11 MET A 136 ? MET A 135 . ? 1_555 ? 
11 AC1 11 HOH C .   ? HOH A 180 . ? 1_555 ? 
# 
_pdbx_entry_details.entry_id                   2PQL 
_pdbx_entry_details.compound_details           ? 
_pdbx_entry_details.source_details             ? 
_pdbx_entry_details.nonpolymer_details         ? 
_pdbx_entry_details.sequence_details           ? 
_pdbx_entry_details.has_ligand_of_interest     ? 
_pdbx_entry_details.has_protein_modification   Y 
# 
_pdbx_validate_rmsd_bond.id                        1 
_pdbx_validate_rmsd_bond.PDB_model_num             1 
_pdbx_validate_rmsd_bond.auth_atom_id_1            CD 
_pdbx_validate_rmsd_bond.auth_asym_id_1            A 
_pdbx_validate_rmsd_bond.auth_comp_id_1            LYS 
_pdbx_validate_rmsd_bond.auth_seq_id_1             9 
_pdbx_validate_rmsd_bond.PDB_ins_code_1            ? 
_pdbx_validate_rmsd_bond.label_alt_id_1            ? 
_pdbx_validate_rmsd_bond.auth_atom_id_2            CE 
_pdbx_validate_rmsd_bond.auth_asym_id_2            A 
_pdbx_validate_rmsd_bond.auth_comp_id_2            LYS 
_pdbx_validate_rmsd_bond.auth_seq_id_2             9 
_pdbx_validate_rmsd_bond.PDB_ins_code_2            ? 
_pdbx_validate_rmsd_bond.label_alt_id_2            ? 
_pdbx_validate_rmsd_bond.bond_value                1.769 
_pdbx_validate_rmsd_bond.bond_target_value         1.508 
_pdbx_validate_rmsd_bond.bond_deviation            0.261 
_pdbx_validate_rmsd_bond.bond_standard_deviation   0.025 
_pdbx_validate_rmsd_bond.linker_flag               N 
# 
_pdbx_validate_torsion.id              1 
_pdbx_validate_torsion.PDB_model_num   1 
_pdbx_validate_torsion.auth_comp_id    ASN 
_pdbx_validate_torsion.auth_asym_id    A 
_pdbx_validate_torsion.auth_seq_id     143 
_pdbx_validate_torsion.PDB_ins_code    ? 
_pdbx_validate_torsion.label_alt_id    ? 
_pdbx_validate_torsion.phi             81.96 
_pdbx_validate_torsion.psi             26.30 
# 
_pdbx_validate_peptide_omega.id               1 
_pdbx_validate_peptide_omega.PDB_model_num    1 
_pdbx_validate_peptide_omega.auth_comp_id_1   PRO 
_pdbx_validate_peptide_omega.auth_asym_id_1   A 
_pdbx_validate_peptide_omega.auth_seq_id_1    11 
_pdbx_validate_peptide_omega.PDB_ins_code_1   ? 
_pdbx_validate_peptide_omega.label_alt_id_1   ? 
_pdbx_validate_peptide_omega.auth_comp_id_2   PRO 
_pdbx_validate_peptide_omega.auth_asym_id_2   A 
_pdbx_validate_peptide_omega.auth_seq_id_2    12 
_pdbx_validate_peptide_omega.PDB_ins_code_2   ? 
_pdbx_validate_peptide_omega.label_alt_id_2   ? 
_pdbx_validate_peptide_omega.omega            -126.67 
# 
_pdbx_refine_tls.id               1 
_pdbx_refine_tls.details          ? 
_pdbx_refine_tls.method           refined 
_pdbx_refine_tls.origin_x         0.0903 
_pdbx_refine_tls.origin_y         0.3201 
_pdbx_refine_tls.origin_z         0.2140 
_pdbx_refine_tls.T[1][1]          -0.0638 
_pdbx_refine_tls.T[2][2]          -0.0378 
_pdbx_refine_tls.T[3][3]          -0.0886 
_pdbx_refine_tls.T[1][2]          -0.0138 
_pdbx_refine_tls.T[1][3]          0.0054 
_pdbx_refine_tls.T[2][3]          -0.0297 
_pdbx_refine_tls.L[1][1]          2.5546 
_pdbx_refine_tls.L[2][2]          1.3747 
_pdbx_refine_tls.L[3][3]          3.4653 
_pdbx_refine_tls.L[1][2]          -0.8871 
_pdbx_refine_tls.L[1][3]          -1.6290 
_pdbx_refine_tls.L[2][3]          0.5268 
_pdbx_refine_tls.S[1][1]          -0.0758 
_pdbx_refine_tls.S[1][2]          0.3091 
_pdbx_refine_tls.S[1][3]          -0.2733 
_pdbx_refine_tls.S[2][1]          0.1352 
_pdbx_refine_tls.S[2][2]          -0.0912 
_pdbx_refine_tls.S[2][3]          0.1689 
_pdbx_refine_tls.S[3][1]          0.2637 
_pdbx_refine_tls.S[3][2]          -0.4078 
_pdbx_refine_tls.S[3][3]          0.1670 
_pdbx_refine_tls.pdbx_refine_id   'X-RAY DIFFRACTION' 
# 
_pdbx_refine_tls_group.id                  1 
_pdbx_refine_tls_group.refine_tls_id       1 
_pdbx_refine_tls_group.beg_auth_asym_id    A 
_pdbx_refine_tls_group.beg_auth_seq_id     1 
_pdbx_refine_tls_group.beg_label_asym_id   A 
_pdbx_refine_tls_group.beg_label_seq_id    2 
_pdbx_refine_tls_group.end_auth_asym_id    A 
_pdbx_refine_tls_group.end_auth_seq_id     144 
_pdbx_refine_tls_group.end_label_asym_id   A 
_pdbx_refine_tls_group.end_label_seq_id    145 
_pdbx_refine_tls_group.selection           ? 
_pdbx_refine_tls_group.pdbx_refine_id      'X-RAY DIFFRACTION' 
_pdbx_refine_tls_group.selection_details   ? 
# 
_pdbx_unobs_or_zero_occ_residues.id               1 
_pdbx_unobs_or_zero_occ_residues.PDB_model_num    1 
_pdbx_unobs_or_zero_occ_residues.polymer_flag     Y 
_pdbx_unobs_or_zero_occ_residues.occupancy_flag   1 
_pdbx_unobs_or_zero_occ_residues.auth_asym_id     A 
_pdbx_unobs_or_zero_occ_residues.auth_comp_id     MET 
_pdbx_unobs_or_zero_occ_residues.auth_seq_id      0 
_pdbx_unobs_or_zero_occ_residues.PDB_ins_code     ? 
_pdbx_unobs_or_zero_occ_residues.label_asym_id    A 
_pdbx_unobs_or_zero_occ_residues.label_comp_id    MET 
_pdbx_unobs_or_zero_occ_residues.label_seq_id     1 
# 
loop_
_chem_comp_atom.comp_id 
_chem_comp_atom.atom_id 
_chem_comp_atom.type_symbol 
_chem_comp_atom.pdbx_aromatic_flag 
_chem_comp_atom.pdbx_stereo_config 
_chem_comp_atom.pdbx_ordinal 
ALA N    N N N 1   
ALA CA   C N S 2   
ALA C    C N N 3   
ALA O    O N N 4   
ALA CB   C N N 5   
ALA OXT  O N N 6   
ALA H    H N N 7   
ALA H2   H N N 8   
ALA HA   H N N 9   
ALA HB1  H N N 10  
ALA HB2  H N N 11  
ALA HB3  H N N 12  
ALA HXT  H N N 13  
ARG N    N N N 14  
ARG CA   C N S 15  
ARG C    C N N 16  
ARG O    O N N 17  
ARG CB   C N N 18  
ARG CG   C N N 19  
ARG CD   C N N 20  
ARG NE   N N N 21  
ARG CZ   C N N 22  
ARG NH1  N N N 23  
ARG NH2  N N N 24  
ARG OXT  O N N 25  
ARG H    H N N 26  
ARG H2   H N N 27  
ARG HA   H N N 28  
ARG HB2  H N N 29  
ARG HB3  H N N 30  
ARG HG2  H N N 31  
ARG HG3  H N N 32  
ARG HD2  H N N 33  
ARG HD3  H N N 34  
ARG HE   H N N 35  
ARG HH11 H N N 36  
ARG HH12 H N N 37  
ARG HH21 H N N 38  
ARG HH22 H N N 39  
ARG HXT  H N N 40  
ASN N    N N N 41  
ASN CA   C N S 42  
ASN C    C N N 43  
ASN O    O N N 44  
ASN CB   C N N 45  
ASN CG   C N N 46  
ASN OD1  O N N 47  
ASN ND2  N N N 48  
ASN OXT  O N N 49  
ASN H    H N N 50  
ASN H2   H N N 51  
ASN HA   H N N 52  
ASN HB2  H N N 53  
ASN HB3  H N N 54  
ASN HD21 H N N 55  
ASN HD22 H N N 56  
ASN HXT  H N N 57  
ASP N    N N N 58  
ASP CA   C N S 59  
ASP C    C N N 60  
ASP O    O N N 61  
ASP CB   C N N 62  
ASP CG   C N N 63  
ASP OD1  O N N 64  
ASP OD2  O N N 65  
ASP OXT  O N N 66  
ASP H    H N N 67  
ASP H2   H N N 68  
ASP HA   H N N 69  
ASP HB2  H N N 70  
ASP HB3  H N N 71  
ASP HD2  H N N 72  
ASP HXT  H N N 73  
CYS N    N N N 74  
CYS CA   C N R 75  
CYS C    C N N 76  
CYS O    O N N 77  
CYS CB   C N N 78  
CYS SG   S N N 79  
CYS OXT  O N N 80  
CYS H    H N N 81  
CYS H2   H N N 82  
CYS HA   H N N 83  
CYS HB2  H N N 84  
CYS HB3  H N N 85  
CYS HG   H N N 86  
CYS HXT  H N N 87  
GLN N    N N N 88  
GLN CA   C N S 89  
GLN C    C N N 90  
GLN O    O N N 91  
GLN CB   C N N 92  
GLN CG   C N N 93  
GLN CD   C N N 94  
GLN OE1  O N N 95  
GLN NE2  N N N 96  
GLN OXT  O N N 97  
GLN H    H N N 98  
GLN H2   H N N 99  
GLN HA   H N N 100 
GLN HB2  H N N 101 
GLN HB3  H N N 102 
GLN HG2  H N N 103 
GLN HG3  H N N 104 
GLN HE21 H N N 105 
GLN HE22 H N N 106 
GLN HXT  H N N 107 
GLU N    N N N 108 
GLU CA   C N S 109 
GLU C    C N N 110 
GLU O    O N N 111 
GLU CB   C N N 112 
GLU CG   C N N 113 
GLU CD   C N N 114 
GLU OE1  O N N 115 
GLU OE2  O N N 116 
GLU OXT  O N N 117 
GLU H    H N N 118 
GLU H2   H N N 119 
GLU HA   H N N 120 
GLU HB2  H N N 121 
GLU HB3  H N N 122 
GLU HG2  H N N 123 
GLU HG3  H N N 124 
GLU HE2  H N N 125 
GLU HXT  H N N 126 
GLY N    N N N 127 
GLY CA   C N N 128 
GLY C    C N N 129 
GLY O    O N N 130 
GLY OXT  O N N 131 
GLY H    H N N 132 
GLY H2   H N N 133 
GLY HA2  H N N 134 
GLY HA3  H N N 135 
GLY HXT  H N N 136 
HIS N    N N N 137 
HIS CA   C N S 138 
HIS C    C N N 139 
HIS O    O N N 140 
HIS CB   C N N 141 
HIS CG   C Y N 142 
HIS ND1  N Y N 143 
HIS CD2  C Y N 144 
HIS CE1  C Y N 145 
HIS NE2  N Y N 146 
HIS OXT  O N N 147 
HIS H    H N N 148 
HIS H2   H N N 149 
HIS HA   H N N 150 
HIS HB2  H N N 151 
HIS HB3  H N N 152 
HIS HD1  H N N 153 
HIS HD2  H N N 154 
HIS HE1  H N N 155 
HIS HE2  H N N 156 
HIS HXT  H N N 157 
HOH O    O N N 158 
HOH H1   H N N 159 
HOH H2   H N N 160 
ILE N    N N N 161 
ILE CA   C N S 162 
ILE C    C N N 163 
ILE O    O N N 164 
ILE CB   C N S 165 
ILE CG1  C N N 166 
ILE CG2  C N N 167 
ILE CD1  C N N 168 
ILE OXT  O N N 169 
ILE H    H N N 170 
ILE H2   H N N 171 
ILE HA   H N N 172 
ILE HB   H N N 173 
ILE HG12 H N N 174 
ILE HG13 H N N 175 
ILE HG21 H N N 176 
ILE HG22 H N N 177 
ILE HG23 H N N 178 
ILE HD11 H N N 179 
ILE HD12 H N N 180 
ILE HD13 H N N 181 
ILE HXT  H N N 182 
LEU N    N N N 183 
LEU CA   C N S 184 
LEU C    C N N 185 
LEU O    O N N 186 
LEU CB   C N N 187 
LEU CG   C N N 188 
LEU CD1  C N N 189 
LEU CD2  C N N 190 
LEU OXT  O N N 191 
LEU H    H N N 192 
LEU H2   H N N 193 
LEU HA   H N N 194 
LEU HB2  H N N 195 
LEU HB3  H N N 196 
LEU HG   H N N 197 
LEU HD11 H N N 198 
LEU HD12 H N N 199 
LEU HD13 H N N 200 
LEU HD21 H N N 201 
LEU HD22 H N N 202 
LEU HD23 H N N 203 
LEU HXT  H N N 204 
LYS N    N N N 205 
LYS CA   C N S 206 
LYS C    C N N 207 
LYS O    O N N 208 
LYS CB   C N N 209 
LYS CG   C N N 210 
LYS CD   C N N 211 
LYS CE   C N N 212 
LYS NZ   N N N 213 
LYS OXT  O N N 214 
LYS H    H N N 215 
LYS H2   H N N 216 
LYS HA   H N N 217 
LYS HB2  H N N 218 
LYS HB3  H N N 219 
LYS HG2  H N N 220 
LYS HG3  H N N 221 
LYS HD2  H N N 222 
LYS HD3  H N N 223 
LYS HE2  H N N 224 
LYS HE3  H N N 225 
LYS HZ1  H N N 226 
LYS HZ2  H N N 227 
LYS HZ3  H N N 228 
LYS HXT  H N N 229 
MET N    N N N 230 
MET CA   C N S 231 
MET C    C N N 232 
MET O    O N N 233 
MET CB   C N N 234 
MET CG   C N N 235 
MET SD   S N N 236 
MET CE   C N N 237 
MET OXT  O N N 238 
MET H    H N N 239 
MET H2   H N N 240 
MET HA   H N N 241 
MET HB2  H N N 242 
MET HB3  H N N 243 
MET HG2  H N N 244 
MET HG3  H N N 245 
MET HE1  H N N 246 
MET HE2  H N N 247 
MET HE3  H N N 248 
MET HXT  H N N 249 
PHE N    N N N 250 
PHE CA   C N S 251 
PHE C    C N N 252 
PHE O    O N N 253 
PHE CB   C N N 254 
PHE CG   C Y N 255 
PHE CD1  C Y N 256 
PHE CD2  C Y N 257 
PHE CE1  C Y N 258 
PHE CE2  C Y N 259 
PHE CZ   C Y N 260 
PHE OXT  O N N 261 
PHE H    H N N 262 
PHE H2   H N N 263 
PHE HA   H N N 264 
PHE HB2  H N N 265 
PHE HB3  H N N 266 
PHE HD1  H N N 267 
PHE HD2  H N N 268 
PHE HE1  H N N 269 
PHE HE2  H N N 270 
PHE HZ   H N N 271 
PHE HXT  H N N 272 
PRO N    N N N 273 
PRO CA   C N S 274 
PRO C    C N N 275 
PRO O    O N N 276 
PRO CB   C N N 277 
PRO CG   C N N 278 
PRO CD   C N N 279 
PRO OXT  O N N 280 
PRO H    H N N 281 
PRO HA   H N N 282 
PRO HB2  H N N 283 
PRO HB3  H N N 284 
PRO HG2  H N N 285 
PRO HG3  H N N 286 
PRO HD2  H N N 287 
PRO HD3  H N N 288 
PRO HXT  H N N 289 
SER N    N N N 290 
SER CA   C N S 291 
SER C    C N N 292 
SER O    O N N 293 
SER CB   C N N 294 
SER OG   O N N 295 
SER OXT  O N N 296 
SER H    H N N 297 
SER H2   H N N 298 
SER HA   H N N 299 
SER HB2  H N N 300 
SER HB3  H N N 301 
SER HG   H N N 302 
SER HXT  H N N 303 
THR N    N N N 304 
THR CA   C N S 305 
THR C    C N N 306 
THR O    O N N 307 
THR CB   C N R 308 
THR OG1  O N N 309 
THR CG2  C N N 310 
THR OXT  O N N 311 
THR H    H N N 312 
THR H2   H N N 313 
THR HA   H N N 314 
THR HB   H N N 315 
THR HG1  H N N 316 
THR HG21 H N N 317 
THR HG22 H N N 318 
THR HG23 H N N 319 
THR HXT  H N N 320 
TSS N1   N N N 321 
TSS CA   C N N 322 
TSS CB   C N N 323 
TSS CG   C Y N 324 
TSS CD1  C Y N 325 
TSS NE1  N Y N 326 
TSS CE2  C Y N 327 
TSS CD2  C Y N 328 
TSS CZ2  C Y N 329 
TSS CH2  C Y N 330 
TSS CZ3  C Y N 331 
TSS CE3  C Y N 332 
TSS HN11 H N N 333 
TSS HN12 H N N 334 
TSS HA1  H N N 335 
TSS HA2  H N N 336 
TSS HB1  H N N 337 
TSS HB2  H N N 338 
TSS HD1  H N N 339 
TSS HE1  H N N 340 
TSS HZ2  H N N 341 
TSS HH2  H N N 342 
TSS HZ3  H N N 343 
TSS HE3  H N N 344 
TYR N    N N N 345 
TYR CA   C N S 346 
TYR C    C N N 347 
TYR O    O N N 348 
TYR CB   C N N 349 
TYR CG   C Y N 350 
TYR CD1  C Y N 351 
TYR CD2  C Y N 352 
TYR CE1  C Y N 353 
TYR CE2  C Y N 354 
TYR CZ   C Y N 355 
TYR OH   O N N 356 
TYR OXT  O N N 357 
TYR H    H N N 358 
TYR H2   H N N 359 
TYR HA   H N N 360 
TYR HB2  H N N 361 
TYR HB3  H N N 362 
TYR HD1  H N N 363 
TYR HD2  H N N 364 
TYR HE1  H N N 365 
TYR HE2  H N N 366 
TYR HH   H N N 367 
TYR HXT  H N N 368 
VAL N    N N N 369 
VAL CA   C N S 370 
VAL C    C N N 371 
VAL O    O N N 372 
VAL CB   C N N 373 
VAL CG1  C N N 374 
VAL CG2  C N N 375 
VAL OXT  O N N 376 
VAL H    H N N 377 
VAL H2   H N N 378 
VAL HA   H N N 379 
VAL HB   H N N 380 
VAL HG11 H N N 381 
VAL HG12 H N N 382 
VAL HG13 H N N 383 
VAL HG21 H N N 384 
VAL HG22 H N N 385 
VAL HG23 H N N 386 
VAL HXT  H N N 387 
# 
loop_
_chem_comp_bond.comp_id 
_chem_comp_bond.atom_id_1 
_chem_comp_bond.atom_id_2 
_chem_comp_bond.value_order 
_chem_comp_bond.pdbx_aromatic_flag 
_chem_comp_bond.pdbx_stereo_config 
_chem_comp_bond.pdbx_ordinal 
ALA N   CA   sing N N 1   
ALA N   H    sing N N 2   
ALA N   H2   sing N N 3   
ALA CA  C    sing N N 4   
ALA CA  CB   sing N N 5   
ALA CA  HA   sing N N 6   
ALA C   O    doub N N 7   
ALA C   OXT  sing N N 8   
ALA CB  HB1  sing N N 9   
ALA CB  HB2  sing N N 10  
ALA CB  HB3  sing N N 11  
ALA OXT HXT  sing N N 12  
ARG N   CA   sing N N 13  
ARG N   H    sing N N 14  
ARG N   H2   sing N N 15  
ARG CA  C    sing N N 16  
ARG CA  CB   sing N N 17  
ARG CA  HA   sing N N 18  
ARG C   O    doub N N 19  
ARG C   OXT  sing N N 20  
ARG CB  CG   sing N N 21  
ARG CB  HB2  sing N N 22  
ARG CB  HB3  sing N N 23  
ARG CG  CD   sing N N 24  
ARG CG  HG2  sing N N 25  
ARG CG  HG3  sing N N 26  
ARG CD  NE   sing N N 27  
ARG CD  HD2  sing N N 28  
ARG CD  HD3  sing N N 29  
ARG NE  CZ   sing N N 30  
ARG NE  HE   sing N N 31  
ARG CZ  NH1  sing N N 32  
ARG CZ  NH2  doub N N 33  
ARG NH1 HH11 sing N N 34  
ARG NH1 HH12 sing N N 35  
ARG NH2 HH21 sing N N 36  
ARG NH2 HH22 sing N N 37  
ARG OXT HXT  sing N N 38  
ASN N   CA   sing N N 39  
ASN N   H    sing N N 40  
ASN N   H2   sing N N 41  
ASN CA  C    sing N N 42  
ASN CA  CB   sing N N 43  
ASN CA  HA   sing N N 44  
ASN C   O    doub N N 45  
ASN C   OXT  sing N N 46  
ASN CB  CG   sing N N 47  
ASN CB  HB2  sing N N 48  
ASN CB  HB3  sing N N 49  
ASN CG  OD1  doub N N 50  
ASN CG  ND2  sing N N 51  
ASN ND2 HD21 sing N N 52  
ASN ND2 HD22 sing N N 53  
ASN OXT HXT  sing N N 54  
ASP N   CA   sing N N 55  
ASP N   H    sing N N 56  
ASP N   H2   sing N N 57  
ASP CA  C    sing N N 58  
ASP CA  CB   sing N N 59  
ASP CA  HA   sing N N 60  
ASP C   O    doub N N 61  
ASP C   OXT  sing N N 62  
ASP CB  CG   sing N N 63  
ASP CB  HB2  sing N N 64  
ASP CB  HB3  sing N N 65  
ASP CG  OD1  doub N N 66  
ASP CG  OD2  sing N N 67  
ASP OD2 HD2  sing N N 68  
ASP OXT HXT  sing N N 69  
CYS N   CA   sing N N 70  
CYS N   H    sing N N 71  
CYS N   H2   sing N N 72  
CYS CA  C    sing N N 73  
CYS CA  CB   sing N N 74  
CYS CA  HA   sing N N 75  
CYS C   O    doub N N 76  
CYS C   OXT  sing N N 77  
CYS CB  SG   sing N N 78  
CYS CB  HB2  sing N N 79  
CYS CB  HB3  sing N N 80  
CYS SG  HG   sing N N 81  
CYS OXT HXT  sing N N 82  
GLN N   CA   sing N N 83  
GLN N   H    sing N N 84  
GLN N   H2   sing N N 85  
GLN CA  C    sing N N 86  
GLN CA  CB   sing N N 87  
GLN CA  HA   sing N N 88  
GLN C   O    doub N N 89  
GLN C   OXT  sing N N 90  
GLN CB  CG   sing N N 91  
GLN CB  HB2  sing N N 92  
GLN CB  HB3  sing N N 93  
GLN CG  CD   sing N N 94  
GLN CG  HG2  sing N N 95  
GLN CG  HG3  sing N N 96  
GLN CD  OE1  doub N N 97  
GLN CD  NE2  sing N N 98  
GLN NE2 HE21 sing N N 99  
GLN NE2 HE22 sing N N 100 
GLN OXT HXT  sing N N 101 
GLU N   CA   sing N N 102 
GLU N   H    sing N N 103 
GLU N   H2   sing N N 104 
GLU CA  C    sing N N 105 
GLU CA  CB   sing N N 106 
GLU CA  HA   sing N N 107 
GLU C   O    doub N N 108 
GLU C   OXT  sing N N 109 
GLU CB  CG   sing N N 110 
GLU CB  HB2  sing N N 111 
GLU CB  HB3  sing N N 112 
GLU CG  CD   sing N N 113 
GLU CG  HG2  sing N N 114 
GLU CG  HG3  sing N N 115 
GLU CD  OE1  doub N N 116 
GLU CD  OE2  sing N N 117 
GLU OE2 HE2  sing N N 118 
GLU OXT HXT  sing N N 119 
GLY N   CA   sing N N 120 
GLY N   H    sing N N 121 
GLY N   H2   sing N N 122 
GLY CA  C    sing N N 123 
GLY CA  HA2  sing N N 124 
GLY CA  HA3  sing N N 125 
GLY C   O    doub N N 126 
GLY C   OXT  sing N N 127 
GLY OXT HXT  sing N N 128 
HIS N   CA   sing N N 129 
HIS N   H    sing N N 130 
HIS N   H2   sing N N 131 
HIS CA  C    sing N N 132 
HIS CA  CB   sing N N 133 
HIS CA  HA   sing N N 134 
HIS C   O    doub N N 135 
HIS C   OXT  sing N N 136 
HIS CB  CG   sing N N 137 
HIS CB  HB2  sing N N 138 
HIS CB  HB3  sing N N 139 
HIS CG  ND1  sing Y N 140 
HIS CG  CD2  doub Y N 141 
HIS ND1 CE1  doub Y N 142 
HIS ND1 HD1  sing N N 143 
HIS CD2 NE2  sing Y N 144 
HIS CD2 HD2  sing N N 145 
HIS CE1 NE2  sing Y N 146 
HIS CE1 HE1  sing N N 147 
HIS NE2 HE2  sing N N 148 
HIS OXT HXT  sing N N 149 
HOH O   H1   sing N N 150 
HOH O   H2   sing N N 151 
ILE N   CA   sing N N 152 
ILE N   H    sing N N 153 
ILE N   H2   sing N N 154 
ILE CA  C    sing N N 155 
ILE CA  CB   sing N N 156 
ILE CA  HA   sing N N 157 
ILE C   O    doub N N 158 
ILE C   OXT  sing N N 159 
ILE CB  CG1  sing N N 160 
ILE CB  CG2  sing N N 161 
ILE CB  HB   sing N N 162 
ILE CG1 CD1  sing N N 163 
ILE CG1 HG12 sing N N 164 
ILE CG1 HG13 sing N N 165 
ILE CG2 HG21 sing N N 166 
ILE CG2 HG22 sing N N 167 
ILE CG2 HG23 sing N N 168 
ILE CD1 HD11 sing N N 169 
ILE CD1 HD12 sing N N 170 
ILE CD1 HD13 sing N N 171 
ILE OXT HXT  sing N N 172 
LEU N   CA   sing N N 173 
LEU N   H    sing N N 174 
LEU N   H2   sing N N 175 
LEU CA  C    sing N N 176 
LEU CA  CB   sing N N 177 
LEU CA  HA   sing N N 178 
LEU C   O    doub N N 179 
LEU C   OXT  sing N N 180 
LEU CB  CG   sing N N 181 
LEU CB  HB2  sing N N 182 
LEU CB  HB3  sing N N 183 
LEU CG  CD1  sing N N 184 
LEU CG  CD2  sing N N 185 
LEU CG  HG   sing N N 186 
LEU CD1 HD11 sing N N 187 
LEU CD1 HD12 sing N N 188 
LEU CD1 HD13 sing N N 189 
LEU CD2 HD21 sing N N 190 
LEU CD2 HD22 sing N N 191 
LEU CD2 HD23 sing N N 192 
LEU OXT HXT  sing N N 193 
LYS N   CA   sing N N 194 
LYS N   H    sing N N 195 
LYS N   H2   sing N N 196 
LYS CA  C    sing N N 197 
LYS CA  CB   sing N N 198 
LYS CA  HA   sing N N 199 
LYS C   O    doub N N 200 
LYS C   OXT  sing N N 201 
LYS CB  CG   sing N N 202 
LYS CB  HB2  sing N N 203 
LYS CB  HB3  sing N N 204 
LYS CG  CD   sing N N 205 
LYS CG  HG2  sing N N 206 
LYS CG  HG3  sing N N 207 
LYS CD  CE   sing N N 208 
LYS CD  HD2  sing N N 209 
LYS CD  HD3  sing N N 210 
LYS CE  NZ   sing N N 211 
LYS CE  HE2  sing N N 212 
LYS CE  HE3  sing N N 213 
LYS NZ  HZ1  sing N N 214 
LYS NZ  HZ2  sing N N 215 
LYS NZ  HZ3  sing N N 216 
LYS OXT HXT  sing N N 217 
MET N   CA   sing N N 218 
MET N   H    sing N N 219 
MET N   H2   sing N N 220 
MET CA  C    sing N N 221 
MET CA  CB   sing N N 222 
MET CA  HA   sing N N 223 
MET C   O    doub N N 224 
MET C   OXT  sing N N 225 
MET CB  CG   sing N N 226 
MET CB  HB2  sing N N 227 
MET CB  HB3  sing N N 228 
MET CG  SD   sing N N 229 
MET CG  HG2  sing N N 230 
MET CG  HG3  sing N N 231 
MET SD  CE   sing N N 232 
MET CE  HE1  sing N N 233 
MET CE  HE2  sing N N 234 
MET CE  HE3  sing N N 235 
MET OXT HXT  sing N N 236 
PHE N   CA   sing N N 237 
PHE N   H    sing N N 238 
PHE N   H2   sing N N 239 
PHE CA  C    sing N N 240 
PHE CA  CB   sing N N 241 
PHE CA  HA   sing N N 242 
PHE C   O    doub N N 243 
PHE C   OXT  sing N N 244 
PHE CB  CG   sing N N 245 
PHE CB  HB2  sing N N 246 
PHE CB  HB3  sing N N 247 
PHE CG  CD1  doub Y N 248 
PHE CG  CD2  sing Y N 249 
PHE CD1 CE1  sing Y N 250 
PHE CD1 HD1  sing N N 251 
PHE CD2 CE2  doub Y N 252 
PHE CD2 HD2  sing N N 253 
PHE CE1 CZ   doub Y N 254 
PHE CE1 HE1  sing N N 255 
PHE CE2 CZ   sing Y N 256 
PHE CE2 HE2  sing N N 257 
PHE CZ  HZ   sing N N 258 
PHE OXT HXT  sing N N 259 
PRO N   CA   sing N N 260 
PRO N   CD   sing N N 261 
PRO N   H    sing N N 262 
PRO CA  C    sing N N 263 
PRO CA  CB   sing N N 264 
PRO CA  HA   sing N N 265 
PRO C   O    doub N N 266 
PRO C   OXT  sing N N 267 
PRO CB  CG   sing N N 268 
PRO CB  HB2  sing N N 269 
PRO CB  HB3  sing N N 270 
PRO CG  CD   sing N N 271 
PRO CG  HG2  sing N N 272 
PRO CG  HG3  sing N N 273 
PRO CD  HD2  sing N N 274 
PRO CD  HD3  sing N N 275 
PRO OXT HXT  sing N N 276 
SER N   CA   sing N N 277 
SER N   H    sing N N 278 
SER N   H2   sing N N 279 
SER CA  C    sing N N 280 
SER CA  CB   sing N N 281 
SER CA  HA   sing N N 282 
SER C   O    doub N N 283 
SER C   OXT  sing N N 284 
SER CB  OG   sing N N 285 
SER CB  HB2  sing N N 286 
SER CB  HB3  sing N N 287 
SER OG  HG   sing N N 288 
SER OXT HXT  sing N N 289 
THR N   CA   sing N N 290 
THR N   H    sing N N 291 
THR N   H2   sing N N 292 
THR CA  C    sing N N 293 
THR CA  CB   sing N N 294 
THR CA  HA   sing N N 295 
THR C   O    doub N N 296 
THR C   OXT  sing N N 297 
THR CB  OG1  sing N N 298 
THR CB  CG2  sing N N 299 
THR CB  HB   sing N N 300 
THR OG1 HG1  sing N N 301 
THR CG2 HG21 sing N N 302 
THR CG2 HG22 sing N N 303 
THR CG2 HG23 sing N N 304 
THR OXT HXT  sing N N 305 
TSS N1  CA   sing N N 306 
TSS N1  HN11 sing N N 307 
TSS N1  HN12 sing N N 308 
TSS CA  CB   sing N N 309 
TSS CA  HA1  sing N N 310 
TSS CA  HA2  sing N N 311 
TSS CB  CG   sing N N 312 
TSS CB  HB1  sing N N 313 
TSS CB  HB2  sing N N 314 
TSS CG  CD1  doub Y N 315 
TSS CG  CD2  sing Y N 316 
TSS CD1 NE1  sing Y N 317 
TSS CD1 HD1  sing N N 318 
TSS NE1 CE2  sing Y N 319 
TSS NE1 HE1  sing N N 320 
TSS CE2 CD2  sing Y N 321 
TSS CE2 CZ2  doub Y N 322 
TSS CD2 CE3  doub Y N 323 
TSS CZ2 CH2  sing Y N 324 
TSS CZ2 HZ2  sing N N 325 
TSS CH2 CZ3  doub Y N 326 
TSS CH2 HH2  sing N N 327 
TSS CZ3 CE3  sing Y N 328 
TSS CZ3 HZ3  sing N N 329 
TSS CE3 HE3  sing N N 330 
TYR N   CA   sing N N 331 
TYR N   H    sing N N 332 
TYR N   H2   sing N N 333 
TYR CA  C    sing N N 334 
TYR CA  CB   sing N N 335 
TYR CA  HA   sing N N 336 
TYR C   O    doub N N 337 
TYR C   OXT  sing N N 338 
TYR CB  CG   sing N N 339 
TYR CB  HB2  sing N N 340 
TYR CB  HB3  sing N N 341 
TYR CG  CD1  doub Y N 342 
TYR CG  CD2  sing Y N 343 
TYR CD1 CE1  sing Y N 344 
TYR CD1 HD1  sing N N 345 
TYR CD2 CE2  doub Y N 346 
TYR CD2 HD2  sing N N 347 
TYR CE1 CZ   doub Y N 348 
TYR CE1 HE1  sing N N 349 
TYR CE2 CZ   sing Y N 350 
TYR CE2 HE2  sing N N 351 
TYR CZ  OH   sing N N 352 
TYR OH  HH   sing N N 353 
TYR OXT HXT  sing N N 354 
VAL N   CA   sing N N 355 
VAL N   H    sing N N 356 
VAL N   H2   sing N N 357 
VAL CA  C    sing N N 358 
VAL CA  CB   sing N N 359 
VAL CA  HA   sing N N 360 
VAL C   O    doub N N 361 
VAL C   OXT  sing N N 362 
VAL CB  CG1  sing N N 363 
VAL CB  CG2  sing N N 364 
VAL CB  HB   sing N N 365 
VAL CG1 HG11 sing N N 366 
VAL CG1 HG12 sing N N 367 
VAL CG1 HG13 sing N N 368 
VAL CG2 HG21 sing N N 369 
VAL CG2 HG22 sing N N 370 
VAL CG2 HG23 sing N N 371 
VAL OXT HXT  sing N N 372 
# 
_atom_sites.entry_id                    2PQL 
_atom_sites.fract_transf_matrix[1][1]   0.01270381 
_atom_sites.fract_transf_matrix[1][2]   -0.00938866 
_atom_sites.fract_transf_matrix[1][3]   -0.00127496 
_atom_sites.fract_transf_matrix[2][1]   -0.00877473 
_atom_sites.fract_transf_matrix[2][2]   -0.01085359 
_atom_sites.fract_transf_matrix[2][3]   -0.00750753 
_atom_sites.fract_transf_matrix[3][1]   0.00529490 
_atom_sites.fract_transf_matrix[3][2]   0.00996038 
_atom_sites.fract_transf_matrix[3][3]   -0.02058828 
_atom_sites.fract_transf_vector[1]      0.137047 
_atom_sites.fract_transf_vector[2]      -0.348859 
_atom_sites.fract_transf_vector[3]      0.017869 
# 
loop_
_atom_type.symbol 
C 
N 
O 
S 
# 
loop_
_atom_site.group_PDB 
_atom_site.id 
_atom_site.type_symbol 
_atom_site.label_atom_id 
_atom_site.label_alt_id 
_atom_site.label_comp_id 
_atom_site.label_asym_id 
_atom_site.label_entity_id 
_atom_site.label_seq_id 
_atom_site.pdbx_PDB_ins_code 
_atom_site.Cartn_x 
_atom_site.Cartn_y 
_atom_site.Cartn_z 
_atom_site.occupancy 
_atom_site.B_iso_or_equiv 
_atom_site.pdbx_formal_charge 
_atom_site.auth_seq_id 
_atom_site.auth_comp_id 
_atom_site.auth_asym_id 
_atom_site.auth_atom_id 
_atom_site.pdbx_PDB_model_num 
ATOM   1    N N   . GLU A 1 2   ? 4.404   -14.402 3.545   1.00 28.93 ? 1   GLU A N   1 
ATOM   2    C CA  . GLU A 1 2   ? 3.988   -14.000 2.167   1.00 28.74 ? 1   GLU A CA  1 
ATOM   3    C C   . GLU A 1 2   ? 4.261   -12.523 1.865   1.00 30.98 ? 1   GLU A C   1 
ATOM   4    O O   . GLU A 1 2   ? 3.857   -11.631 2.626   1.00 28.82 ? 1   GLU A O   1 
ATOM   5    C CB  . GLU A 1 2   ? 2.515   -14.312 1.929   1.00 28.21 ? 1   GLU A CB  1 
ATOM   6    C CG  . GLU A 1 2   ? 2.085   -14.081 0.485   1.00 30.95 ? 1   GLU A CG  1 
ATOM   7    C CD  . GLU A 1 2   ? 0.715   -14.655 0.173   1.00 32.82 ? 1   GLU A CD  1 
ATOM   8    O OE1 . GLU A 1 2   ? -0.228  -14.397 0.953   1.00 30.01 ? 1   GLU A OE1 1 
ATOM   9    O OE2 . GLU A 1 2   ? 0.582   -15.356 -0.857  1.00 28.40 ? 1   GLU A OE2 1 
ATOM   10   N N   . THR A 1 3   ? 4.944   -12.275 0.746   1.00 28.80 ? 2   THR A N   1 
ATOM   11   C CA  . THR A 1 3   ? 5.412   -10.935 0.400   1.00 24.86 ? 2   THR A CA  1 
ATOM   12   C C   . THR A 1 3   ? 4.599   -10.367 -0.750  1.00 24.05 ? 2   THR A C   1 
ATOM   13   O O   . THR A 1 3   ? 3.843   -11.095 -1.403  1.00 24.63 ? 2   THR A O   1 
ATOM   14   C CB  . THR A 1 3   ? 6.893   -10.947 -0.016  1.00 24.57 ? 2   THR A CB  1 
ATOM   15   O OG1 . THR A 1 3   ? 7.067   -11.813 -1.141  1.00 26.80 ? 2   THR A OG1 1 
ATOM   16   C CG2 . THR A 1 3   ? 7.769   -11.423 1.127   1.00 27.03 ? 2   THR A CG2 1 
ATOM   17   N N   . VAL A 1 4   ? 4.755   -9.062  -0.986  1.00 23.67 ? 3   VAL A N   1 
ATOM   18   C CA  . VAL A 1 4   ? 4.208   -8.387  -2.162  1.00 21.05 ? 3   VAL A CA  1 
ATOM   19   C C   . VAL A 1 4   ? 4.616   -9.064  -3.470  1.00 24.49 ? 3   VAL A C   1 
ATOM   20   O O   . VAL A 1 4   ? 3.796   -9.222  -4.371  1.00 25.19 ? 3   VAL A O   1 
ATOM   21   C CB  . VAL A 1 4   ? 4.635   -6.911  -2.213  1.00 21.97 ? 3   VAL A CB  1 
ATOM   22   C CG1 . VAL A 1 4   ? 4.171   -6.269  -3.505  1.00 19.44 ? 3   VAL A CG1 1 
ATOM   23   C CG2 . VAL A 1 4   ? 4.099   -6.159  -1.001  1.00 19.30 ? 3   VAL A CG2 1 
ATOM   24   N N   . GLN A 1 5   ? 5.887   -9.449  -3.572  1.00 25.75 ? 4   GLN A N   1 
ATOM   25   C CA  . GLN A 1 5   ? 6.373   -10.262 -4.689  1.00 26.72 ? 4   GLN A CA  1 
ATOM   26   C C   . GLN A 1 5   ? 5.581   -11.548 -4.887  1.00 26.78 ? 4   GLN A C   1 
ATOM   27   O O   . GLN A 1 5   ? 5.231   -11.899 -6.012  1.00 26.97 ? 4   GLN A O   1 
ATOM   28   C CB  . GLN A 1 5   ? 7.837   -10.615 -4.494  1.00 27.69 ? 4   GLN A CB  1 
ATOM   29   C CG  . GLN A 1 5   ? 8.525   -11.142 -5.753  1.00 34.27 ? 4   GLN A CG  1 
ATOM   30   C CD  . GLN A 1 5   ? 9.973   -10.696 -5.833  1.00 52.99 ? 4   GLN A CD  1 
ATOM   31   O OE1 . GLN A 1 5   ? 10.300  -9.537  -5.540  1.00 58.05 ? 4   GLN A OE1 1 
ATOM   32   N NE2 . GLN A 1 5   ? 10.855  -11.617 -6.215  1.00 59.11 ? 4   GLN A NE2 1 
ATOM   33   N N   . ASP A 1 6   ? 5.310   -12.254 -3.794  1.00 26.67 ? 5   ASP A N   1 
ATOM   34   C CA  . ASP A 1 6   ? 4.472   -13.453 -3.849  1.00 26.92 ? 5   ASP A CA  1 
ATOM   35   C C   . ASP A 1 6   ? 3.086   -13.131 -4.405  1.00 26.08 ? 5   ASP A C   1 
ATOM   36   O O   . ASP A 1 6   ? 2.585   -13.845 -5.263  1.00 26.20 ? 5   ASP A O   1 
ATOM   37   C CB  . ASP A 1 6   ? 4.353   -14.106 -2.467  1.00 25.05 ? 5   ASP A CB  1 
ATOM   38   C CG  . ASP A 1 6   ? 5.651   -14.736 -2.005  1.00 27.79 ? 5   ASP A CG  1 
ATOM   39   O OD1 . ASP A 1 6   ? 6.464   -15.159 -2.864  1.00 28.87 ? 5   ASP A OD1 1 
ATOM   40   O OD2 . ASP A 1 6   ? 5.858   -14.819 -0.777  1.00 21.12 ? 5   ASP A OD2 1 
ATOM   41   N N   . CYS A 1 7   ? 2.487   -12.037 -3.935  1.00 26.86 ? 6   CYS A N   1 
ATOM   42   C CA  . CYS A 1 7   ? 1.205   -11.569 -4.471  1.00 27.02 ? 6   CYS A CA  1 
ATOM   43   C C   . CYS A 1 7   ? 1.265   -11.251 -5.964  1.00 26.66 ? 6   CYS A C   1 
ATOM   44   O O   . CYS A 1 7   ? 0.368   -11.610 -6.716  1.00 27.45 ? 6   CYS A O   1 
ATOM   45   C CB  . CYS A 1 7   ? 0.693   -10.335 -3.710  1.00 26.01 ? 6   CYS A CB  1 
ATOM   46   S SG  . CYS A 1 7   ? 0.425   -10.549 -1.941  1.00 25.44 ? 6   CYS A SG  1 
ATOM   47   N N   . GLU A 1 8   ? 2.315   -10.563 -6.390  1.00 25.05 ? 7   GLU A N   1 
ATOM   48   C CA  . GLU A 1 8   ? 2.514   -10.323 -7.815  1.00 27.67 ? 7   GLU A CA  1 
ATOM   49   C C   . GLU A 1 8   ? 2.732   -11.602 -8.646  1.00 28.00 ? 7   GLU A C   1 
ATOM   50   O O   . GLU A 1 8   ? 2.191   -11.733 -9.745  1.00 26.76 ? 7   GLU A O   1 
ATOM   51   C CB  . GLU A 1 8   ? 3.629   -9.296  -8.038  1.00 27.11 ? 7   GLU A CB  1 
ATOM   52   C CG  . GLU A 1 8   ? 3.382   -7.989  -7.285  1.00 24.76 ? 7   GLU A CG  1 
ATOM   53   C CD  . GLU A 1 8   ? 4.388   -6.923  -7.625  1.00 28.22 ? 7   GLU A CD  1 
ATOM   54   O OE1 . GLU A 1 8   ? 5.562   -7.272  -7.877  1.00 22.82 ? 7   GLU A OE1 1 
ATOM   55   O OE2 . GLU A 1 8   ? 4.011   -5.730  -7.629  1.00 29.16 ? 7   GLU A OE2 1 
ATOM   56   N N   . ASN A 1 9   ? 3.512   -12.544 -8.118  1.00 29.82 ? 8   ASN A N   1 
ATOM   57   C CA  . ASN A 1 9   ? 3.777   -13.796 -8.827  1.00 32.55 ? 8   ASN A CA  1 
ATOM   58   C C   . ASN A 1 9   ? 2.448   -14.494 -9.132  1.00 32.37 ? 8   ASN A C   1 
ATOM   59   O O   . ASN A 1 9   ? 2.338   -15.275 -10.079 1.00 32.97 ? 8   ASN A O   1 
ATOM   60   C CB  . ASN A 1 9   ? 4.686   -14.715 -7.993  1.00 32.04 ? 8   ASN A CB  1 
ATOM   61   C CG  . ASN A 1 9   ? 6.153   -14.279 -8.010  1.00 34.34 ? 8   ASN A CG  1 
ATOM   62   O OD1 . ASN A 1 9   ? 6.621   -13.620 -8.947  1.00 30.44 ? 8   ASN A OD1 1 
ATOM   63   N ND2 . ASN A 1 9   ? 6.889   -14.668 -6.971  1.00 34.81 ? 8   ASN A ND2 1 
ATOM   64   N N   . LYS A 1 10  ? 1.442   -14.163 -8.328  1.00 33.53 ? 9   LYS A N   1 
ATOM   65   C CA  . LYS A 1 10  ? 0.194   -14.912 -8.229  1.00 34.16 ? 9   LYS A CA  1 
ATOM   66   C C   . LYS A 1 10  ? -0.908  -14.256 -9.064  1.00 32.45 ? 9   LYS A C   1 
ATOM   67   O O   . LYS A 1 10  ? -2.015  -14.777 -9.156  1.00 32.46 ? 9   LYS A O   1 
ATOM   68   C CB  . LYS A 1 10  ? -0.250  -14.969 -6.762  1.00 34.41 ? 9   LYS A CB  1 
ATOM   69   C CG  . LYS A 1 10  ? -1.290  -16.061 -6.460  1.00 39.24 ? 9   LYS A CG  1 
ATOM   70   C CD  . LYS A 1 10  ? -1.857  -15.743 -4.883  1.00 37.25 ? 9   LYS A CD  1 
ATOM   71   C CE  . LYS A 1 10  ? -3.059  -17.041 -4.896  1.00 42.73 ? 9   LYS A CE  1 
ATOM   72   N NZ  . LYS A 1 10  ? -3.418  -17.246 -3.385  1.00 35.66 ? 9   LYS A NZ  1 
ATOM   73   N N   . LEU A 1 11  ? -0.599  -13.111 -9.661  1.00 32.38 ? 10  LEU A N   1 
ATOM   74   C CA  . LEU A 1 11  ? -1.574  -12.354 -10.449 1.00 32.62 ? 10  LEU A CA  1 
ATOM   75   C C   . LEU A 1 11  ? -2.030  -13.119 -11.689 1.00 34.14 ? 10  LEU A C   1 
ATOM   76   O O   . LEU A 1 11  ? -1.216  -13.720 -12.397 1.00 34.03 ? 10  LEU A O   1 
ATOM   77   C CB  . LEU A 1 11  ? -0.997  -10.999 -10.874 1.00 31.89 ? 10  LEU A CB  1 
ATOM   78   C CG  . LEU A 1 11  ? -1.006  -9.867  -9.842  1.00 29.23 ? 10  LEU A CG  1 
ATOM   79   C CD1 . LEU A 1 11  ? -0.284  -8.649  -10.392 1.00 31.00 ? 10  LEU A CD1 1 
ATOM   80   C CD2 . LEU A 1 11  ? -2.435  -9.513  -9.460  1.00 33.53 ? 10  LEU A CD2 1 
ATOM   81   N N   . PRO A 1 12  ? -3.338  -13.086 -11.966 1.00 36.01 ? 11  PRO A N   1 
ATOM   82   C CA  . PRO A 1 12  ? -3.837  -13.686 -13.188 1.00 37.62 ? 11  PRO A CA  1 
ATOM   83   C C   . PRO A 1 12  ? -3.881  -12.672 -14.328 1.00 38.94 ? 11  PRO A C   1 
ATOM   84   O O   . PRO A 1 12  ? -3.931  -11.469 -14.077 1.00 40.26 ? 11  PRO A O   1 
ATOM   85   C CB  . PRO A 1 12  ? -5.255  -14.112 -12.801 1.00 37.79 ? 11  PRO A CB  1 
ATOM   86   C CG  . PRO A 1 12  ? -5.662  -13.146 -11.694 1.00 39.46 ? 11  PRO A CG  1 
ATOM   87   C CD  . PRO A 1 12  ? -4.418  -12.493 -11.154 1.00 34.27 ? 11  PRO A CD  1 
ATOM   88   N N   . PRO A 1 13  ? -3.806  -13.152 -15.582 1.00 38.65 ? 12  PRO A N   1 
ATOM   89   C CA  . PRO A 1 13  ? -2.810  -12.645 -16.515 1.00 36.74 ? 12  PRO A CA  1 
ATOM   90   C C   . PRO A 1 13  ? -3.291  -11.312 -17.091 1.00 34.87 ? 12  PRO A C   1 
ATOM   91   O O   . PRO A 1 13  ? -2.496  -10.552 -17.649 1.00 34.41 ? 12  PRO A O   1 
ATOM   92   C CB  . PRO A 1 13  ? -2.766  -13.723 -17.616 1.00 37.20 ? 12  PRO A CB  1 
ATOM   93   C CG  . PRO A 1 13  ? -3.689  -14.836 -17.156 1.00 36.86 ? 12  PRO A CG  1 
ATOM   94   C CD  . PRO A 1 13  ? -4.630  -14.211 -16.182 1.00 39.13 ? 12  PRO A CD  1 
ATOM   95   N N   . SER A 1 14  ? -4.584  -11.035 -16.937 1.00 33.50 ? 13  SER A N   1 
ATOM   96   C CA  . SER A 1 14  ? -5.153  -9.737  -17.296 1.00 33.67 ? 13  SER A CA  1 
ATOM   97   C C   . SER A 1 14  ? -4.650  -8.615  -16.388 1.00 33.74 ? 13  SER A C   1 
ATOM   98   O O   . SER A 1 14  ? -4.736  -7.436  -16.742 1.00 33.59 ? 13  SER A O   1 
ATOM   99   C CB  . SER A 1 14  ? -6.683  -9.789  -17.268 1.00 34.41 ? 13  SER A CB  1 
ATOM   100  O OG  . SER A 1 14  ? -7.178  -9.830  -15.939 1.00 35.54 ? 13  SER A OG  1 
ATOM   101  N N   . LEU A 1 15  ? -4.129  -8.986  -15.222 1.00 32.06 ? 14  LEU A N   1 
ATOM   102  C CA  . LEU A 1 15  ? -3.674  -8.010  -14.241 1.00 32.18 ? 14  LEU A CA  1 
ATOM   103  C C   . LEU A 1 15  ? -2.162  -7.821  -14.310 1.00 30.89 ? 14  LEU A C   1 
ATOM   104  O O   . LEU A 1 15  ? -1.639  -6.776  -13.925 1.00 30.72 ? 14  LEU A O   1 
ATOM   105  C CB  . LEU A 1 15  ? -4.086  -8.436  -12.830 1.00 30.51 ? 14  LEU A CB  1 
ATOM   106  C CG  . LEU A 1 15  ? -5.424  -7.895  -12.323 1.00 34.43 ? 14  LEU A CG  1 
ATOM   107  C CD1 . LEU A 1 15  ? -5.476  -7.926  -10.804 1.00 35.50 ? 14  LEU A CD1 1 
ATOM   108  C CD2 . LEU A 1 15  ? -5.667  -6.486  -12.843 1.00 34.59 ? 14  LEU A CD2 1 
ATOM   109  N N   . LYS A 1 16  ? -1.466  -8.841  -14.802 1.00 30.69 ? 15  LYS A N   1 
ATOM   110  C CA  . LYS A 1 16  ? -0.010  -8.878  -14.734 1.00 31.90 ? 15  LYS A CA  1 
ATOM   111  C C   . LYS A 1 16  ? 0.616   -8.117  -15.899 1.00 31.53 ? 15  LYS A C   1 
ATOM   112  O O   . LYS A 1 16  ? 1.753   -7.654  -15.810 1.00 28.56 ? 15  LYS A O   1 
ATOM   113  C CB  . LYS A 1 16  ? 0.489   -10.324 -14.723 1.00 31.71 ? 15  LYS A CB  1 
ATOM   114  C CG  . LYS A 1 16  ? 2.003   -10.458 -14.708 1.00 34.03 ? 15  LYS A CG  1 
ATOM   115  C CD  . LYS A 1 16  ? 2.427   -11.901 -14.484 1.00 36.37 ? 15  LYS A CD  1 
ATOM   116  C CE  . LYS A 1 16  ? 1.512   -12.599 -13.491 1.00 44.52 ? 15  LYS A CE  1 
ATOM   117  N NZ  . LYS A 1 16  ? 1.852   -14.040 -13.341 1.00 45.37 ? 15  LYS A NZ  1 
ATOM   118  N N   . SER A 1 17  ? -0.134  -7.991  -16.988 1.00 32.42 ? 16  SER A N   1 
ATOM   119  C CA  . SER A 1 17  ? 0.245   -7.104  -18.080 1.00 33.96 ? 16  SER A CA  1 
ATOM   120  C C   . SER A 1 17  ? 0.064   -5.639  -17.706 1.00 33.25 ? 16  SER A C   1 
ATOM   121  O O   . SER A 1 17  ? 0.533   -4.752  -18.419 1.00 33.55 ? 16  SER A O   1 
ATOM   122  C CB  . SER A 1 17  ? -0.547  -7.438  -19.348 1.00 36.51 ? 16  SER A CB  1 
ATOM   123  O OG  . SER A 1 17  ? -1.919  -7.635  -19.055 1.00 38.97 ? 16  SER A OG  1 
ATOM   124  N N   . ARG A 1 18  ? -0.600  -5.395  -16.576 1.00 33.18 ? 17  ARG A N   1 
ATOM   125  C CA  . ARG A 1 18  ? -0.791  -4.042  -16.058 1.00 30.12 ? 17  ARG A CA  1 
ATOM   126  C C   . ARG A 1 18  ? -0.035  -3.766  -14.757 1.00 29.71 ? 17  ARG A C   1 
ATOM   127  O O   . ARG A 1 18  ? -0.355  -2.819  -14.039 1.00 30.32 ? 17  ARG A O   1 
ATOM   128  C CB  . ARG A 1 18  ? -2.275  -3.755  -15.870 1.00 28.51 ? 17  ARG A CB  1 
ATOM   129  C CG  . ARG A 1 18  ? -3.098  -3.971  -17.132 1.00 33.23 ? 17  ARG A CG  1 
ATOM   130  C CD  . ARG A 1 18  ? -4.572  -3.929  -16.821 1.00 29.61 ? 17  ARG A CD  1 
ATOM   131  N NE  . ARG A 1 18  ? -5.062  -2.564  -16.669 1.00 27.72 ? 17  ARG A NE  1 
ATOM   132  C CZ  . ARG A 1 18  ? -6.325  -2.262  -16.390 1.00 30.75 ? 17  ARG A CZ  1 
ATOM   133  N NH1 . ARG A 1 18  ? -7.218  -3.233  -16.234 1.00 23.07 ? 17  ARG A NH1 1 
ATOM   134  N NH2 . ARG A 1 18  ? -6.696  -0.994  -16.270 1.00 26.70 ? 17  ARG A NH2 1 
ATOM   135  N N   . LEU A 1 19  ? 0.972   -4.588  -14.466 1.00 29.25 ? 18  LEU A N   1 
ATOM   136  C CA  . LEU A 1 19  ? 1.763   -4.467  -13.245 1.00 25.08 ? 18  LEU A CA  1 
ATOM   137  C C   . LEU A 1 19  ? 2.199   -3.032  -12.950 1.00 24.88 ? 18  LEU A C   1 
ATOM   138  O O   . LEU A 1 19  ? 2.092   -2.565  -11.820 1.00 23.99 ? 18  LEU A O   1 
ATOM   139  C CB  . LEU A 1 19  ? 2.991   -5.379  -13.314 1.00 28.05 ? 18  LEU A CB  1 
ATOM   140  C CG  . LEU A 1 19  ? 3.809   -5.516  -12.023 1.00 27.52 ? 18  LEU A CG  1 
ATOM   141  C CD1 . LEU A 1 19  ? 3.009   -6.243  -10.948 1.00 27.67 ? 18  LEU A CD1 1 
ATOM   142  C CD2 . LEU A 1 19  ? 5.127   -6.228  -12.270 1.00 25.10 ? 18  LEU A CD2 1 
ATOM   143  N N   . CYS A 1 20  ? 2.704   -2.333  -13.962 1.00 24.69 ? 19  CYS A N   1 
ATOM   144  C CA  . CYS A 1 20  ? 3.314   -1.029  -13.740 1.00 25.30 ? 19  CYS A CA  1 
ATOM   145  C C   . CYS A 1 20  ? 2.299   0.053   -13.369 1.00 24.27 ? 19  CYS A C   1 
ATOM   146  O O   . CYS A 1 20  ? 2.580   0.901   -12.519 1.00 23.43 ? 19  CYS A O   1 
ATOM   147  C CB  . CYS A 1 20  ? 4.161   -0.602  -14.938 1.00 24.94 ? 19  CYS A CB  1 
ATOM   148  S SG  . CYS A 1 20  ? 5.576   -1.691  -15.310 1.00 32.85 ? 19  CYS A SG  1 
ATOM   149  N N   . GLU A 1 21  ? 1.128   0.017   -14.009 1.00 25.26 ? 20  GLU A N   1 
ATOM   150  C CA  . GLU A 1 21  ? -0.053  0.747   -13.554 1.00 24.02 ? 20  GLU A CA  1 
ATOM   151  C C   . GLU A 1 21  ? -0.340  0.540   -12.074 1.00 23.32 ? 20  GLU A C   1 
ATOM   152  O O   . GLU A 1 21  ? -0.403  1.502   -11.290 1.00 25.25 ? 20  GLU A O   1 
ATOM   153  C CB  . GLU A 1 21  ? -1.293  0.306   -14.346 1.00 25.34 ? 20  GLU A CB  1 
ATOM   154  C CG  . GLU A 1 21  ? -1.275  0.640   -15.818 1.00 29.21 ? 20  GLU A CG  1 
ATOM   155  C CD  . GLU A 1 21  ? -2.540  0.171   -16.532 1.00 28.90 ? 20  GLU A CD  1 
ATOM   156  O OE1 . GLU A 1 21  ? -3.658  0.473   -16.047 1.00 34.66 ? 20  GLU A OE1 1 
ATOM   157  O OE2 . GLU A 1 21  ? -2.409  -0.506  -17.572 1.00 36.95 ? 20  GLU A OE2 1 
ATOM   158  N N   . ILE A 1 22  ? -0.554  -0.716  -11.690 1.00 23.00 ? 21  ILE A N   1 
ATOM   159  C CA  . ILE A 1 22  ? -0.733  -1.060  -10.274 1.00 21.90 ? 21  ILE A CA  1 
ATOM   160  C C   . ILE A 1 22  ? 0.347   -0.430  -9.374  1.00 22.64 ? 21  ILE A C   1 
ATOM   161  O O   . ILE A 1 22  ? 0.049   0.188   -8.343  1.00 21.15 ? 21  ILE A O   1 
ATOM   162  C CB  . ILE A 1 22  ? -0.749  -2.586  -10.081 1.00 22.52 ? 21  ILE A CB  1 
ATOM   163  C CG1 . ILE A 1 22  ? -1.823  -3.220  -10.975 1.00 21.75 ? 21  ILE A CG1 1 
ATOM   164  C CG2 . ILE A 1 22  ? -1.006  -2.933  -8.624  1.00 20.60 ? 21  ILE A CG2 1 
ATOM   165  C CD1 . ILE A 1 22  ? -1.844  -4.752  -10.925 1.00 21.94 ? 21  ILE A CD1 1 
ATOM   166  N N   . ARG A 1 23  ? 1.608   -0.577  -9.773  1.00 20.08 ? 22  ARG A N   1 
ATOM   167  C CA  . ARG A 1 23  ? 2.723   -0.202  -8.914  1.00 19.94 ? 22  ARG A CA  1 
ATOM   168  C C   . ARG A 1 23  ? 2.964   1.318   -8.919  1.00 22.55 ? 22  ARG A C   1 
ATOM   169  O O   . ARG A 1 23  ? 3.808   1.825   -8.179  1.00 23.71 ? 22  ARG A O   1 
ATOM   170  C CB  . ARG A 1 23  ? 3.992   -0.975  -9.316  1.00 19.31 ? 22  ARG A CB  1 
ATOM   171  C CG  . ARG A 1 23  ? 3.973   -2.484  -8.955  1.00 24.18 ? 22  ARG A CG  1 
ATOM   172  C CD  . ARG A 1 23  ? 5.357   -3.167  -9.176  1.00 19.48 ? 22  ARG A CD  1 
ATOM   173  N NE  . ARG A 1 23  ? 6.367   -2.568  -8.305  1.00 22.02 ? 22  ARG A NE  1 
ATOM   174  C CZ  . ARG A 1 23  ? 6.575   -2.923  -7.037  1.00 18.91 ? 22  ARG A CZ  1 
ATOM   175  N NH1 . ARG A 1 23  ? 5.880   -3.906  -6.489  1.00 19.62 ? 22  ARG A NH1 1 
ATOM   176  N NH2 . ARG A 1 23  ? 7.496   -2.305  -6.317  1.00 19.46 ? 22  ARG A NH2 1 
ATOM   177  N N   . ARG A 1 24  ? 2.215   2.029   -9.763  1.00 25.18 ? 23  ARG A N   1 
ATOM   178  C CA  . ARG A 1 24  ? 2.199   3.494   -9.785  1.00 25.54 ? 23  ARG A CA  1 
ATOM   179  C C   . ARG A 1 24  ? 1.101   4.018   -8.865  1.00 23.79 ? 23  ARG A C   1 
ATOM   180  O O   . ARG A 1 24  ? 0.880   5.222   -8.807  1.00 23.92 ? 23  ARG A O   1 
ATOM   181  C CB  . ARG A 1 24  ? 1.893   4.010   -11.207 1.00 24.11 ? 23  ARG A CB  1 
ATOM   182  C CG  . ARG A 1 24  ? 3.038   3.883   -12.187 1.00 28.88 ? 23  ARG A CG  1 
ATOM   183  C CD  . ARG A 1 24  ? 2.903   4.843   -13.375 1.00 31.10 ? 23  ARG A CD  1 
ATOM   184  N NE  . ARG A 1 24  ? 1.694   4.647   -14.178 1.00 35.88 ? 23  ARG A NE  1 
ATOM   185  C CZ  . ARG A 1 24  ? 1.606   3.831   -15.231 1.00 37.34 ? 23  ARG A CZ  1 
ATOM   186  N NH1 . ARG A 1 24  ? 2.648   3.102   -15.595 1.00 39.53 ? 23  ARG A NH1 1 
ATOM   187  N NH2 . ARG A 1 24  ? 0.470   3.733   -15.911 1.00 36.20 ? 23  ARG A NH2 1 
ATOM   188  N N   . TYR A 1 25  ? 0.410   3.104   -8.179  1.00 23.90 ? 24  TYR A N   1 
ATOM   189  C CA  . TYR A 1 25  ? -0.749  3.422   -7.340  1.00 22.68 ? 24  TYR A CA  1 
ATOM   190  C C   . TYR A 1 25  ? -1.978  3.848   -8.137  1.00 27.90 ? 24  TYR A C   1 
ATOM   191  O O   . TYR A 1 25  ? -2.913  4.477   -7.607  1.00 29.97 ? 24  TYR A O   1 
ATOM   192  C CB  . TYR A 1 25  ? -0.403  4.483   -6.288  1.00 22.55 ? 24  TYR A CB  1 
ATOM   193  C CG  . TYR A 1 25  ? 0.634   4.036   -5.274  1.00 22.72 ? 24  TYR A CG  1 
ATOM   194  C CD1 . TYR A 1 25  ? 0.260   3.339   -4.130  1.00 19.82 ? 24  TYR A CD1 1 
ATOM   195  C CD2 . TYR A 1 25  ? 1.986   4.321   -5.460  1.00 17.58 ? 24  TYR A CD2 1 
ATOM   196  C CE1 . TYR A 1 25  ? 1.210   2.918   -3.190  1.00 21.43 ? 24  TYR A CE1 1 
ATOM   197  C CE2 . TYR A 1 25  ? 2.949   3.925   -4.508  1.00 17.20 ? 24  TYR A CE2 1 
ATOM   198  C CZ  . TYR A 1 25  ? 2.549   3.216   -3.392  1.00 20.36 ? 24  TYR A CZ  1 
ATOM   199  O OH  . TYR A 1 25  ? 3.485   2.815   -2.465  1.00 20.45 ? 24  TYR A OH  1 
ATOM   200  N N   . GLU A 1 26  ? -1.999  3.501   -9.416  1.00 28.33 ? 25  GLU A N   1 
ATOM   201  C CA  . GLU A 1 26  ? -3.169  3.793   -10.210 1.00 27.08 ? 25  GLU A CA  1 
ATOM   202  C C   . GLU A 1 26  ? -4.325  2.873   -9.831  1.00 26.73 ? 25  GLU A C   1 
ATOM   203  O O   . GLU A 1 26  ? -4.108  1.717   -9.476  1.00 26.05 ? 25  GLU A O   1 
ATOM   204  C CB  . GLU A 1 26  ? -2.819  3.763   -11.699 1.00 29.70 ? 25  GLU A CB  1 
ATOM   205  C CG  . GLU A 1 26  ? -2.018  4.997   -12.098 1.00 32.50 ? 25  GLU A CG  1 
ATOM   206  C CD  . GLU A 1 26  ? -1.343  4.872   -13.447 1.00 39.95 ? 25  GLU A CD  1 
ATOM   207  O OE1 . GLU A 1 26  ? -1.766  4.023   -14.254 1.00 41.89 ? 25  GLU A OE1 1 
ATOM   208  O OE2 . GLU A 1 26  ? -0.381  5.629   -13.696 1.00 41.38 ? 25  GLU A OE2 1 
ATOM   209  N N   . ILE A 1 27  ? -5.546  3.402   -9.840  1.00 27.46 ? 26  ILE A N   1 
ATOM   210  C CA  . ILE A 1 27  ? -6.682  2.641   -9.329  1.00 28.43 ? 26  ILE A CA  1 
ATOM   211  C C   . ILE A 1 27  ? -7.264  1.747   -10.424 1.00 28.94 ? 26  ILE A C   1 
ATOM   212  O O   . ILE A 1 27  ? -7.647  2.216   -11.506 1.00 27.96 ? 26  ILE A O   1 
ATOM   213  C CB  . ILE A 1 27  ? -7.796  3.541   -8.733  1.00 28.52 ? 26  ILE A CB  1 
ATOM   214  C CG1 . ILE A 1 27  ? -7.263  4.444   -7.610  1.00 26.76 ? 26  ILE A CG1 1 
ATOM   215  C CG2 . ILE A 1 27  ? -8.953  2.692   -8.225  1.00 28.71 ? 26  ILE A CG2 1 
ATOM   216  C CD1 . ILE A 1 27  ? -6.383  3.739   -6.567  1.00 25.44 ? 26  ILE A CD1 1 
ATOM   217  N N   . ILE A 1 28  ? -7.316  0.451   -10.143 1.00 28.10 ? 27  ILE A N   1 
ATOM   218  C CA  . ILE A 1 28  ? -7.954  -0.498  -11.048 1.00 30.01 ? 27  ILE A CA  1 
ATOM   219  C C   . ILE A 1 28  ? -9.056  -1.243  -10.292 1.00 29.66 ? 27  ILE A C   1 
ATOM   220  O O   . ILE A 1 28  ? -8.825  -1.757  -9.195  1.00 29.03 ? 27  ILE A O   1 
ATOM   221  C CB  . ILE A 1 28  ? -6.923  -1.498  -11.627 1.00 29.14 ? 27  ILE A CB  1 
ATOM   222  C CG1 . ILE A 1 28  ? -5.828  -0.754  -12.405 1.00 30.25 ? 27  ILE A CG1 1 
ATOM   223  C CG2 . ILE A 1 28  ? -7.609  -2.525  -12.491 1.00 31.27 ? 27  ILE A CG2 1 
ATOM   224  C CD1 . ILE A 1 28  ? -4.790  -1.654  -13.060 1.00 28.73 ? 27  ILE A CD1 1 
ATOM   225  N N   . GLU A 1 29  ? -10.256 -1.274  -10.866 1.00 28.83 ? 28  GLU A N   1 
ATOM   226  C CA  . GLU A 1 29  ? -11.408 -1.878  -10.198 1.00 30.64 ? 28  GLU A CA  1 
ATOM   227  C C   . GLU A 1 29  ? -11.589 -3.366  -10.505 1.00 30.76 ? 28  GLU A C   1 
ATOM   228  O O   . GLU A 1 29  ? -10.903 -3.941  -11.356 1.00 29.50 ? 28  GLU A O   1 
ATOM   229  C CB  . GLU A 1 29  ? -12.702 -1.127  -10.537 1.00 31.53 ? 28  GLU A CB  1 
ATOM   230  C CG  . GLU A 1 29  ? -12.673 0.359   -10.234 1.00 35.66 ? 28  GLU A CG  1 
ATOM   231  C CD  . GLU A 1 29  ? -12.702 0.667   -8.745  1.00 40.73 ? 28  GLU A CD  1 
ATOM   232  O OE1 . GLU A 1 29  ? -12.835 -0.272  -7.926  1.00 40.73 ? 28  GLU A OE1 1 
ATOM   233  O OE2 . GLU A 1 29  ? -12.592 1.862   -8.402  1.00 38.54 ? 28  GLU A OE2 1 
ATOM   234  N N   . GLY A 1 30  ? -12.538 -3.976  -9.801  1.00 31.54 ? 29  GLY A N   1 
ATOM   235  C CA  . GLY A 1 30  ? -12.927 -5.352  -10.050 1.00 31.69 ? 29  GLY A CA  1 
ATOM   236  C C   . GLY A 1 30  ? -12.264 -6.282  -9.060  1.00 32.76 ? 29  GLY A C   1 
ATOM   237  O O   . GLY A 1 30  ? -11.420 -5.855  -8.264  1.00 32.95 ? 29  GLY A O   1 
ATOM   238  N N   . PRO A 1 31  ? -12.693 -7.551  -9.053  1.00 33.47 ? 30  PRO A N   1 
ATOM   239  C CA  . PRO A 1 31  ? -12.624 -8.370  -7.852  1.00 32.94 ? 30  PRO A CA  1 
ATOM   240  C C   . PRO A 1 31  ? -11.310 -9.140  -7.876  1.00 32.02 ? 30  PRO A C   1 
ATOM   241  O O   . PRO A 1 31  ? -10.889 -9.703  -6.860  1.00 31.10 ? 30  PRO A O   1 
ATOM   242  C CB  . PRO A 1 31  ? -13.808 -9.324  -8.015  1.00 33.24 ? 30  PRO A CB  1 
ATOM   243  C CG  . PRO A 1 31  ? -14.069 -9.391  -9.509  1.00 33.77 ? 30  PRO A CG  1 
ATOM   244  C CD  . PRO A 1 31  ? -13.314 -8.267  -10.182 1.00 35.22 ? 30  PRO A CD  1 
ATOM   245  N N   . GLU A 1 32  ? -10.676 -9.148  -9.046  1.00 31.35 ? 31  GLU A N   1 
ATOM   246  C CA  . GLU A 1 32  ? -9.286  -9.558  -9.194  1.00 31.32 ? 31  GLU A CA  1 
ATOM   247  C C   . GLU A 1 32  ? -8.343  -8.601  -8.492  1.00 30.68 ? 31  GLU A C   1 
ATOM   248  O O   . GLU A 1 32  ? -7.429  -9.024  -7.786  1.00 30.38 ? 31  GLU A O   1 
ATOM   249  C CB  . GLU A 1 32  ? -8.922  -9.648  -10.674 1.00 32.84 ? 31  GLU A CB  1 
ATOM   250  C CG  . GLU A 1 32  ? -9.640  -10.772 -11.385 1.00 38.43 ? 31  GLU A CG  1 
ATOM   251  C CD  . GLU A 1 32  ? -9.292  -12.112 -10.778 1.00 45.92 ? 31  GLU A CD  1 
ATOM   252  O OE1 . GLU A 1 32  ? -8.082  -12.414 -10.651 1.00 48.35 ? 31  GLU A OE1 1 
ATOM   253  O OE2 . GLU A 1 32  ? -10.226 -12.854 -10.405 1.00 50.00 ? 31  GLU A OE2 1 
ATOM   254  N N   . MET A 1 33  ? -8.569  -7.308  -8.700  1.00 29.26 ? 32  MET A N   1 
ATOM   255  C CA  . MET A 1 33  ? -7.808  -6.276  -8.012  1.00 28.18 ? 32  MET A CA  1 
ATOM   256  C C   . MET A 1 33  ? -8.122  -6.257  -6.515  1.00 27.57 ? 32  MET A C   1 
ATOM   257  O O   . MET A 1 33  ? -7.239  -5.986  -5.694  1.00 27.46 ? 32  MET A O   1 
ATOM   258  C CB  . MET A 1 33  ? -8.085  -4.905  -8.638  1.00 29.38 ? 32  MET A CB  1 
ATOM   259  C CG  . MET A 1 33  ? -7.142  -4.524  -9.772  1.00 28.24 ? 32  MET A CG  1 
ATOM   260  S SD  . MET A 1 33  ? -5.389  -4.495  -9.292  1.00 31.65 ? 32  MET A SD  1 
ATOM   261  C CE  . MET A 1 33  ? -5.283  -2.979  -8.339  1.00 24.02 ? 32  MET A CE  1 
ATOM   262  N N   . ASP A 1 34  ? -9.373  -6.543  -6.169  1.00 26.81 ? 33  ASP A N   1 
ATOM   263  C CA  . ASP A 1 34  ? -9.800  -6.548  -4.775  1.00 25.41 ? 33  ASP A CA  1 
ATOM   264  C C   . ASP A 1 34  ? -9.003  -7.561  -3.958  1.00 25.50 ? 33  ASP A C   1 
ATOM   265  O O   . ASP A 1 34  ? -8.851  -7.411  -2.746  1.00 25.36 ? 33  ASP A O   1 
ATOM   266  C CB  . ASP A 1 34  ? -11.296 -6.854  -4.675  1.00 28.48 ? 33  ASP A CB  1 
ATOM   267  C CG  . ASP A 1 34  ? -12.159 -5.645  -4.983  1.00 26.82 ? 33  ASP A CG  1 
ATOM   268  O OD1 . ASP A 1 34  ? -11.648 -4.510  -4.892  1.00 31.70 ? 33  ASP A OD1 1 
ATOM   269  O OD2 . ASP A 1 34  ? -13.348 -5.832  -5.316  1.00 32.91 ? 33  ASP A OD2 1 
ATOM   270  N N   . LYS A 1 35  ? -8.498  -8.589  -4.630  1.00 25.32 ? 34  LYS A N   1 
ATOM   271  C CA  . LYS A 1 35  ? -7.896  -9.729  -3.948  1.00 26.52 ? 34  LYS A CA  1 
ATOM   272  C C   . LYS A 1 35  ? -6.375  -9.696  -4.057  1.00 25.42 ? 34  LYS A C   1 
ATOM   273  O O   . LYS A 1 35  ? -5.672  -10.296 -3.245  1.00 27.96 ? 34  LYS A O   1 
ATOM   274  C CB  . LYS A 1 35  ? -8.436  -11.041 -4.518  1.00 28.28 ? 34  LYS A CB  1 
ATOM   275  C CG  . LYS A 1 35  ? -7.875  -12.286 -3.849  1.00 35.95 ? 34  LYS A CG  1 
ATOM   276  C CD  . LYS A 1 35  ? -8.322  -12.383 -2.400  1.00 44.13 ? 34  LYS A CD  1 
ATOM   277  C CE  . LYS A 1 35  ? -7.799  -13.650 -1.745  1.00 45.39 ? 34  LYS A CE  1 
ATOM   278  N NZ  . LYS A 1 35  ? -8.231  -13.761 -0.325  1.00 42.15 ? 34  LYS A NZ  1 
ATOM   279  N N   . HIS A 1 36  ? -5.874  -8.992  -5.067  1.00 24.52 ? 35  HIS A N   1 
ATOM   280  C CA  . HIS A 1 36  ? -4.471  -8.561  -5.086  1.00 24.57 ? 35  HIS A CA  1 
ATOM   281  C C   . HIS A 1 36  ? -4.166  -7.591  -3.932  1.00 22.34 ? 35  HIS A C   1 
ATOM   282  O O   . HIS A 1 36  ? -3.261  -7.821  -3.131  1.00 22.29 ? 35  HIS A O   1 
ATOM   283  C CB  . HIS A 1 36  ? -4.116  -7.924  -6.438  1.00 24.69 ? 35  HIS A CB  1 
ATOM   284  C CG  . HIS A 1 36  ? -2.664  -7.580  -6.590  1.00 23.01 ? 35  HIS A CG  1 
ATOM   285  N ND1 . HIS A 1 36  ? -1.653  -8.500  -6.405  1.00 19.19 ? 35  HIS A ND1 1 
ATOM   286  C CD2 . HIS A 1 36  ? -2.053  -6.417  -6.925  1.00 21.34 ? 35  HIS A CD2 1 
ATOM   287  C CE1 . HIS A 1 36  ? -0.487  -7.923  -6.622  1.00 14.58 ? 35  HIS A CE1 1 
ATOM   288  N NE2 . HIS A 1 36  ? -0.700  -6.656  -6.928  1.00 20.61 ? 35  HIS A NE2 1 
ATOM   289  N N   . ILE A 1 37  ? -4.942  -6.520  -3.844  1.00 23.22 ? 36  ILE A N   1 
ATOM   290  C CA  . ILE A 1 37  ? -4.723  -5.487  -2.839  1.00 24.37 ? 36  ILE A CA  1 
ATOM   291  C C   . ILE A 1 37  ? -4.936  -5.978  -1.411  1.00 25.23 ? 36  ILE A C   1 
ATOM   292  O O   . ILE A 1 37  ? -4.321  -5.454  -0.470  1.00 24.26 ? 36  ILE A O   1 
ATOM   293  C CB  . ILE A 1 37  ? -5.597  -4.246  -3.100  1.00 23.80 ? 36  ILE A CB  1 
ATOM   294  C CG1 . ILE A 1 37  ? -5.273  -3.667  -4.474  1.00 24.18 ? 36  ILE A CG1 1 
ATOM   295  C CG2 . ILE A 1 37  ? -5.393  -3.205  -2.005  1.00 21.16 ? 36  ILE A CG2 1 
ATOM   296  C CD1 . ILE A 1 37  ? -3.784  -3.548  -4.745  1.00 17.74 ? 36  ILE A CD1 1 
ATOM   297  N N   . HIS A 1 38  ? -5.796  -6.980  -1.240  1.00 24.92 ? 37  HIS A N   1 
ATOM   298  C CA  . HIS A 1 38  ? -5.907  -7.624  0.066   1.00 26.37 ? 37  HIS A CA  1 
ATOM   299  C C   . HIS A 1 38  ? -4.649  -8.419  0.388   1.00 27.50 ? 37  HIS A C   1 
ATOM   300  O O   . HIS A 1 38  ? -4.094  -8.300  1.486   1.00 28.38 ? 37  HIS A O   1 
ATOM   301  C CB  . HIS A 1 38  ? -7.142  -8.531  0.175   1.00 25.59 ? 37  HIS A CB  1 
ATOM   302  C CG  . HIS A 1 38  ? -7.246  -9.227  1.498   1.00 22.74 ? 37  HIS A CG  1 
ATOM   303  N ND1 . HIS A 1 38  ? -7.983  -8.725  2.549   1.00 19.00 ? 37  HIS A ND1 1 
ATOM   304  C CD2 . HIS A 1 38  ? -6.669  -10.365 1.954   1.00 24.27 ? 37  HIS A CD2 1 
ATOM   305  C CE1 . HIS A 1 38  ? -7.873  -9.534  3.589   1.00 23.46 ? 37  HIS A CE1 1 
ATOM   306  N NE2 . HIS A 1 38  ? -7.076  -10.534 3.255   1.00 24.98 ? 37  HIS A NE2 1 
ATOM   307  N N   . CYS A 1 39  ? -4.207  -9.225  -0.576  1.00 25.94 ? 38  CYS A N   1 
ATOM   308  C CA  . CYS A 1 39  ? -2.926  -9.920  -0.482  1.00 26.27 ? 38  CYS A CA  1 
ATOM   309  C C   . CYS A 1 39  ? -1.770  -8.988  -0.100  1.00 25.93 ? 38  CYS A C   1 
ATOM   310  O O   . CYS A 1 39  ? -1.006  -9.287  0.822   1.00 26.16 ? 38  CYS A O   1 
ATOM   311  C CB  . CYS A 1 39  ? -2.624  -10.665 -1.790  1.00 28.39 ? 38  CYS A CB  1 
ATOM   312  S SG  . CYS A 1 39  ? -1.186  -11.788 -1.777  1.00 27.68 ? 38  CYS A SG  1 
ATOM   313  N N   . VAL A 1 40  ? -1.636  -7.860  -0.797  1.00 26.94 ? 39  VAL A N   1 
ATOM   314  C CA  . VAL A 1 40  ? -0.507  -6.964  -0.534  1.00 23.77 ? 39  VAL A CA  1 
ATOM   315  C C   . VAL A 1 40  ? -0.619  -6.152  0.752   1.00 22.21 ? 39  VAL A C   1 
ATOM   316  O O   . VAL A 1 40  ? 0.351   -6.019  1.482   1.00 21.00 ? 39  VAL A O   1 
ATOM   317  C CB  . VAL A 1 40  ? -0.083  -6.076  -1.744  1.00 28.01 ? 39  VAL A CB  1 
ATOM   318  C CG1 . VAL A 1 40  ? -0.296  -6.780  -3.063  1.00 20.30 ? 39  VAL A CG1 1 
ATOM   319  C CG2 . VAL A 1 40  ? -0.715  -4.695  -1.698  1.00 26.79 ? 39  VAL A CG2 1 
ATOM   320  N N   . MET A 1 41  ? -1.804  -5.629  1.041   1.00 22.42 ? 40  MET A N   1 
ATOM   321  C CA  . MET A 1 41  ? -2.035  -4.967  2.320   1.00 22.74 ? 40  MET A CA  1 
ATOM   322  C C   . MET A 1 41  ? -1.799  -5.857  3.545   1.00 22.33 ? 40  MET A C   1 
ATOM   323  O O   . MET A 1 41  ? -1.362  -5.362  4.586   1.00 21.87 ? 40  MET A O   1 
ATOM   324  C CB  . MET A 1 41  ? -3.423  -4.313  2.367   1.00 24.43 ? 40  MET A CB  1 
ATOM   325  C CG  . MET A 1 41  ? -3.624  -3.174  1.369   1.00 17.57 ? 40  MET A CG  1 
ATOM   326  S SD  . MET A 1 41  ? -2.621  -1.703  1.694   1.00 23.03 ? 40  MET A SD  1 
ATOM   327  C CE  . MET A 1 41  ? -3.695  -0.885  2.921   1.00 18.10 ? 40  MET A CE  1 
ATOM   328  N N   . ARG A 1 42  ? -2.070  -7.159  3.423   1.00 23.98 ? 41  ARG A N   1 
ATOM   329  C CA  . ARG A 1 42  ? -1.711  -8.117  4.475   1.00 24.39 ? 41  ARG A CA  1 
ATOM   330  C C   . ARG A 1 42  ? -0.214  -8.382  4.516   1.00 25.20 ? 41  ARG A C   1 
ATOM   331  O O   . ARG A 1 42  ? 0.374   -8.440  5.589   1.00 26.90 ? 41  ARG A O   1 
ATOM   332  C CB  . ARG A 1 42  ? -2.456  -9.453  4.310   1.00 28.90 ? 41  ARG A CB  1 
ATOM   333  C CG  . ARG A 1 42  ? -3.945  -9.412  4.624   1.00 25.31 ? 41  ARG A CG  1 
ATOM   334  C CD  . ARG A 1 42  ? -4.203  -9.273  6.105   1.00 27.17 ? 41  ARG A CD  1 
ATOM   335  N NE  . ARG A 1 42  ? -3.921  -10.503 6.838   1.00 31.55 ? 41  ARG A NE  1 
ATOM   336  C CZ  . ARG A 1 42  ? -3.653  -10.547 8.139   1.00 33.08 ? 41  ARG A CZ  1 
ATOM   337  N NH1 . ARG A 1 42  ? -3.628  -9.426  8.845   1.00 36.43 ? 41  ARG A NH1 1 
ATOM   338  N NH2 . ARG A 1 42  ? -3.411  -11.706 8.737   1.00 27.78 ? 41  ARG A NH2 1 
ATOM   339  N N   . ALA A 1 43  ? 0.396   -8.551  3.342   1.00 24.85 ? 42  ALA A N   1 
ATOM   340  C CA  . ALA A 1 43  ? 1.848   -8.697  3.232   1.00 22.86 ? 42  ALA A CA  1 
ATOM   341  C C   . ALA A 1 43  ? 2.611   -7.542  3.900   1.00 26.20 ? 42  ALA A C   1 
ATOM   342  O O   . ALA A 1 43  ? 3.666   -7.755  4.507   1.00 24.09 ? 42  ALA A O   1 
ATOM   343  C CB  . ALA A 1 43  ? 2.258   -8.817  1.767   1.00 23.52 ? 42  ALA A CB  1 
ATOM   344  N N   . LEU A 1 44  ? 2.082   -6.324  3.774   1.00 23.96 ? 43  LEU A N   1 
ATOM   345  C CA  . LEU A 1 44  ? 2.710   -5.140  4.363   1.00 24.61 ? 43  LEU A CA  1 
ATOM   346  C C   . LEU A 1 44  ? 2.202   -4.857  5.772   1.00 25.09 ? 43  LEU A C   1 
ATOM   347  O O   . LEU A 1 44  ? 2.668   -3.934  6.437   1.00 25.28 ? 43  LEU A O   1 
ATOM   348  C CB  . LEU A 1 44  ? 2.499   -3.914  3.475   1.00 21.74 ? 43  LEU A CB  1 
ATOM   349  C CG  . LEU A 1 44  ? 3.122   -4.058  2.087   1.00 23.48 ? 43  LEU A CG  1 
ATOM   350  C CD1 . LEU A 1 44  ? 2.691   -2.953  1.135   1.00 24.29 ? 43  LEU A CD1 1 
ATOM   351  C CD2 . LEU A 1 44  ? 4.653   -4.167  2.195   1.00 20.36 ? 43  LEU A CD2 1 
ATOM   352  N N   . ASP A 1 45  ? 1.242   -5.655  6.222   1.00 27.56 ? 44  ASP A N   1 
ATOM   353  C CA  . ASP A 1 45  ? 0.764   -5.569  7.593   1.00 27.24 ? 44  ASP A CA  1 
ATOM   354  C C   . ASP A 1 45  ? 0.036   -4.250  7.860   1.00 27.16 ? 44  ASP A C   1 
ATOM   355  O O   . ASP A 1 45  ? 0.190   -3.661  8.930   1.00 25.83 ? 44  ASP A O   1 
ATOM   356  C CB  . ASP A 1 45  ? 1.941   -5.718  8.559   1.00 29.86 ? 44  ASP A CB  1 
ATOM   357  C CG  . ASP A 1 45  ? 1.526   -6.280  9.898   1.00 34.99 ? 44  ASP A CG  1 
ATOM   358  O OD1 . ASP A 1 45  ? 0.480   -6.963  9.957   1.00 41.72 ? 44  ASP A OD1 1 
ATOM   359  O OD2 . ASP A 1 45  ? 2.247   -6.041  10.889  1.00 42.22 ? 44  ASP A OD2 1 
ATOM   360  N N   . PHE A 1 46  ? -0.756  -3.797  6.888   1.00 24.59 ? 45  PHE A N   1 
ATOM   361  C CA  . PHE A 1 46  ? -1.530  -2.571  7.028   1.00 23.82 ? 45  PHE A CA  1 
ATOM   362  C C   . PHE A 1 46  ? -3.010  -2.830  7.393   1.00 24.61 ? 45  PHE A C   1 
ATOM   363  O O   . PHE A 1 46  ? -3.691  -1.948  7.914   1.00 21.58 ? 45  PHE A O   1 
ATOM   364  C CB  . PHE A 1 46  ? -1.440  -1.726  5.743   1.00 22.47 ? 45  PHE A CB  1 
ATOM   365  C CG  . PHE A 1 46  ? -0.075  -1.106  5.495   1.00 20.45 ? 45  PHE A CG  1 
ATOM   366  C CD1 . PHE A 1 46  ? 0.754   -0.748  6.548   1.00 18.86 ? 45  PHE A CD1 1 
ATOM   367  C CD2 . PHE A 1 46  ? 0.370   -0.885  4.196   1.00 21.07 ? 45  PHE A CD2 1 
ATOM   368  C CE1 . PHE A 1 46  ? 2.015   -0.195  6.316   1.00 17.30 ? 45  PHE A CE1 1 
ATOM   369  C CE2 . PHE A 1 46  ? 1.619   -0.304  3.948   1.00 16.26 ? 45  PHE A CE2 1 
ATOM   370  C CZ  . PHE A 1 46  ? 2.441   0.040   5.005   1.00 19.95 ? 45  PHE A CZ  1 
ATOM   371  N N   . VAL A 1 47  ? -3.507  -4.033  7.109   1.00 24.52 ? 46  VAL A N   1 
ATOM   372  C CA  . VAL A 1 47  ? -4.900  -4.374  7.409   1.00 23.10 ? 46  VAL A CA  1 
ATOM   373  C C   . VAL A 1 47  ? -5.023  -5.627  8.276   1.00 27.35 ? 46  VAL A C   1 
ATOM   374  O O   . VAL A 1 47  ? -4.120  -6.470  8.286   1.00 27.69 ? 46  VAL A O   1 
ATOM   375  C CB  . VAL A 1 47  ? -5.747  -4.566  6.125   1.00 23.13 ? 46  VAL A CB  1 
ATOM   376  C CG1 . VAL A 1 47  ? -5.748  -3.282  5.275   1.00 17.14 ? 46  VAL A CG1 1 
ATOM   377  C CG2 . VAL A 1 47  ? -5.239  -5.763  5.312   1.00 18.65 ? 46  VAL A CG2 1 
ATOM   378  N N   . TYR A 1 48  ? -6.146  -5.739  8.996   1.00 28.44 ? 47  TYR A N   1 
ATOM   379  C CA  . TYR A 1 48  ? -6.520  -6.968  9.694   1.00 28.77 ? 47  TYR A CA  1 
ATOM   380  C C   . TYR A 1 48  ? -6.891  -8.068  8.707   1.00 30.50 ? 47  TYR A C   1 
ATOM   381  O O   . TYR A 1 48  ? -6.915  -7.845  7.488   1.00 28.79 ? 47  TYR A O   1 
ATOM   382  C CB  . TYR A 1 48  ? -7.703  -6.718  10.631  1.00 30.50 ? 47  TYR A CB  1 
ATOM   383  C CG  . TYR A 1 48  ? -7.365  -5.932  11.877  1.00 29.15 ? 47  TYR A CG  1 
ATOM   384  C CD1 . TYR A 1 48  ? -6.901  -6.570  13.020  1.00 34.97 ? 47  TYR A CD1 1 
ATOM   385  C CD2 . TYR A 1 48  ? -7.528  -4.557  11.917  1.00 28.16 ? 47  TYR A CD2 1 
ATOM   386  C CE1 . TYR A 1 48  ? -6.594  -5.855  14.167  1.00 34.32 ? 47  TYR A CE1 1 
ATOM   387  C CE2 . TYR A 1 48  ? -7.227  -3.832  13.056  1.00 31.98 ? 47  TYR A CE2 1 
ATOM   388  C CZ  . TYR A 1 48  ? -6.758  -4.490  14.181  1.00 35.79 ? 47  TYR A CZ  1 
ATOM   389  O OH  . TYR A 1 48  ? -6.455  -3.772  15.324  1.00 39.97 ? 47  TYR A OH  1 
ATOM   390  N N   . GLU A 1 49  ? -7.191  -9.250  9.240   1.00 29.66 ? 48  GLU A N   1 
ATOM   391  C CA  . GLU A 1 49  ? -7.439  -10.426 8.413   1.00 32.64 ? 48  GLU A CA  1 
ATOM   392  C C   . GLU A 1 49  ? -8.659  -10.257 7.518   1.00 31.33 ? 48  GLU A C   1 
ATOM   393  O O   . GLU A 1 49  ? -8.637  -10.641 6.353   1.00 31.81 ? 48  GLU A O   1 
ATOM   394  C CB  . GLU A 1 49  ? -7.583  -11.680 9.276   1.00 33.75 ? 48  GLU A CB  1 
ATOM   395  C CG  . GLU A 1 49  ? -6.347  -12.556 9.268   1.00 39.19 ? 48  GLU A CG  1 
ATOM   396  C CD  . GLU A 1 49  ? -6.509  -13.809 10.104  1.00 46.56 ? 48  GLU A CD  1 
ATOM   397  O OE1 . GLU A 1 49  ? -6.495  -13.697 11.350  1.00 50.35 ? 48  GLU A OE1 1 
ATOM   398  O OE2 . GLU A 1 49  ? -6.645  -14.904 9.512   1.00 46.98 ? 48  GLU A OE2 1 
ATOM   399  N N   . ASP A 1 50  ? -9.720  -9.679  8.072   1.00 31.53 ? 49  ASP A N   1 
ATOM   400  C CA  . ASP A 1 50  ? -10.921 -9.384  7.301   1.00 31.29 ? 49  ASP A CA  1 
ATOM   401  C C   . ASP A 1 50  ? -10.697 -8.204  6.361   1.00 30.27 ? 49  ASP A C   1 
ATOM   402  O O   . ASP A 1 50  ? -11.555 -7.882  5.538   1.00 30.18 ? 49  ASP A O   1 
ATOM   403  C CB  . ASP A 1 50  ? -12.100 -9.097  8.233   1.00 31.42 ? 49  ASP A CB  1 
ATOM   404  C CG  . ASP A 1 50  ? -11.958 -7.773  8.960   1.00 32.95 ? 49  ASP A CG  1 
ATOM   405  O OD1 . ASP A 1 50  ? -10.811 -7.317  9.149   1.00 33.76 ? 49  ASP A OD1 1 
ATOM   406  O OD2 . ASP A 1 50  ? -12.994 -7.191  9.344   1.00 42.02 ? 49  ASP A OD2 1 
ATOM   407  N N   . GLY A 1 51  ? -9.540  -7.564  6.488   1.00 30.21 ? 50  GLY A N   1 
ATOM   408  C CA  . GLY A 1 51  ? -9.061  -6.643  5.473   1.00 28.65 ? 50  GLY A CA  1 
ATOM   409  C C   . GLY A 1 51  ? -9.305  -5.193  5.845   1.00 28.09 ? 50  GLY A C   1 
ATOM   410  O O   . GLY A 1 51  ? -9.264  -4.309  4.991   1.00 30.63 ? 50  GLY A O   1 
ATOM   411  N N   . ARG A 1 52  ? -9.560  -4.951  7.127   1.00 27.55 ? 51  ARG A N   1 
ATOM   412  C CA  . ARG A 1 52  ? -9.885  -3.613  7.603   1.00 25.71 ? 51  ARG A CA  1 
ATOM   413  C C   . ARG A 1 52  ? -8.581  -2.899  7.941   1.00 27.11 ? 51  ARG A C   1 
ATOM   414  O O   . ARG A 1 52  ? -7.675  -3.488  8.531   1.00 25.04 ? 51  ARG A O   1 
ATOM   415  C CB  . ARG A 1 52  ? -10.883 -3.683  8.761   1.00 27.27 ? 51  ARG A CB  1 
ATOM   416  C CG  . ARG A 1 52  ? -11.299 -2.326  9.305   1.00 30.87 ? 51  ARG A CG  1 
ATOM   417  C CD  . ARG A 1 52  ? -12.181 -2.472  10.535  1.00 37.66 ? 51  ARG A CD  1 
ATOM   418  N NE  . ARG A 1 52  ? -11.619 -3.409  11.504  1.00 48.25 ? 51  ARG A NE  1 
ATOM   419  C CZ  . ARG A 1 52  ? -10.833 -3.054  12.516  1.00 53.85 ? 51  ARG A CZ  1 
ATOM   420  N NH1 . ARG A 1 52  ? -10.514 -1.780  12.696  1.00 55.64 ? 51  ARG A NH1 1 
ATOM   421  N NH2 . ARG A 1 52  ? -10.367 -3.974  13.350  1.00 48.71 ? 51  ARG A NH2 1 
ATOM   422  N N   . GLY A 1 53  ? -8.492  -1.627  7.563   1.00 24.50 ? 52  GLY A N   1 
ATOM   423  C CA  . GLY A 1 53  ? -7.347  -0.805  7.904   1.00 22.97 ? 52  GLY A CA  1 
ATOM   424  C C   . GLY A 1 53  ? -7.014  -0.858  9.381   1.00 24.40 ? 52  GLY A C   1 
ATOM   425  O O   . GLY A 1 53  ? -7.901  -0.788  10.231  1.00 24.39 ? 52  GLY A O   1 
ATOM   426  N N   . ASP A 1 54  ? -5.726  -0.983  9.688   1.00 23.20 ? 53  ASP A N   1 
ATOM   427  C CA  . ASP A 1 54  ? -5.255  -0.882  11.060  1.00 23.39 ? 53  ASP A CA  1 
ATOM   428  C C   . ASP A 1 54  ? -4.700  0.516   11.333  1.00 24.23 ? 53  ASP A C   1 
ATOM   429  O O   . ASP A 1 54  ? -3.587  0.846   10.922  1.00 21.49 ? 53  ASP A O   1 
ATOM   430  C CB  . ASP A 1 54  ? -4.192  -1.935  11.335  1.00 26.47 ? 53  ASP A CB  1 
ATOM   431  C CG  . ASP A 1 54  ? -3.896  -2.098  12.814  1.00 31.38 ? 53  ASP A CG  1 
ATOM   432  O OD1 . ASP A 1 54  ? -4.129  -1.146  13.588  1.00 30.72 ? 53  ASP A OD1 1 
ATOM   433  O OD2 . ASP A 1 54  ? -3.427  -3.185  13.197  1.00 33.14 ? 53  ASP A OD2 1 
ATOM   434  N N   . TYR A 1 55  ? -5.498  1.327   12.022  1.00 20.11 ? 54  TYR A N   1 
ATOM   435  C CA  . TYR A 1 55  ? -5.122  2.670   12.415  1.00 19.38 ? 54  TYR A CA  1 
ATOM   436  C C   . TYR A 1 55  ? -3.696  2.714   12.940  1.00 21.20 ? 54  TYR A C   1 
ATOM   437  O O   . TYR A 1 55  ? -2.904  3.584   12.578  1.00 23.09 ? 54  TYR A O   1 
ATOM   438  C CB  . TYR A 1 55  ? -6.071  3.134   13.517  1.00 18.02 ? 54  TYR A CB  1 
ATOM   439  C CG  . TYR A 1 55  ? -5.909  4.573   13.926  1.00 15.98 ? 54  TYR A CG  1 
ATOM   440  C CD1 . TYR A 1 55  ? -6.742  5.557   13.399  1.00 19.55 ? 54  TYR A CD1 1 
ATOM   441  C CD2 . TYR A 1 55  ? -4.937  4.955   14.849  1.00 18.61 ? 54  TYR A CD2 1 
ATOM   442  C CE1 . TYR A 1 55  ? -6.621  6.874   13.775  1.00 16.49 ? 54  TYR A CE1 1 
ATOM   443  C CE2 . TYR A 1 55  ? -4.807  6.277   15.234  1.00 21.78 ? 54  TYR A CE2 1 
ATOM   444  C CZ  . TYR A 1 55  ? -5.653  7.234   14.687  1.00 21.70 ? 54  TYR A CZ  1 
ATOM   445  O OH  . TYR A 1 55  ? -5.540  8.558   15.053  1.00 23.17 ? 54  TYR A OH  1 
ATOM   446  N N   . HIS A 1 56  ? -3.380  1.774   13.819  1.00 22.81 ? 55  HIS A N   1 
ATOM   447  C CA  . HIS A 1 56  ? -2.144  1.834   14.572  1.00 24.43 ? 55  HIS A CA  1 
ATOM   448  C C   . HIS A 1 56  ? -0.919  1.373   13.782  1.00 24.57 ? 55  HIS A C   1 
ATOM   449  O O   . HIS A 1 56  ? 0.210   1.651   14.167  1.00 28.30 ? 55  HIS A O   1 
ATOM   450  C CB  . HIS A 1 56  ? -2.300  1.080   15.881  1.00 23.61 ? 55  HIS A CB  1 
ATOM   451  C CG  . HIS A 1 56  ? -3.418  1.598   16.728  1.00 28.78 ? 55  HIS A CG  1 
ATOM   452  N ND1 . HIS A 1 56  ? -3.338  2.793   17.410  1.00 19.06 ? 55  HIS A ND1 1 
ATOM   453  C CD2 . HIS A 1 56  ? -4.654  1.101   16.979  1.00 29.94 ? 55  HIS A CD2 1 
ATOM   454  C CE1 . HIS A 1 56  ? -4.471  3.003   18.056  1.00 24.74 ? 55  HIS A CE1 1 
ATOM   455  N NE2 . HIS A 1 56  ? -5.287  1.992   17.811  1.00 26.02 ? 55  HIS A NE2 1 
ATOM   456  N N   . LYS A 1 57  ? -1.134  0.710   12.652  1.00 22.95 ? 56  LYS A N   1 
ATOM   457  C CA  . LYS A 1 57  ? -0.019  0.423   11.750  1.00 22.53 ? 56  LYS A CA  1 
ATOM   458  C C   . LYS A 1 57  ? 0.372   1.614   10.872  1.00 23.47 ? 56  LYS A C   1 
ATOM   459  O O   . LYS A 1 57  ? 1.470   1.637   10.302  1.00 26.62 ? 56  LYS A O   1 
ATOM   460  C CB  . LYS A 1 57  ? -0.306  -0.819  10.897  1.00 21.52 ? 56  LYS A CB  1 
ATOM   461  C CG  . LYS A 1 57  ? -0.604  -2.050  11.722  1.00 24.67 ? 56  LYS A CG  1 
ATOM   462  C CD  . LYS A 1 57  ? 0.683   -2.672  12.261  1.00 26.24 ? 56  LYS A CD  1 
ATOM   463  C CE  . LYS A 1 57  ? 0.481   -4.150  12.561  1.00 28.40 ? 56  LYS A CE  1 
ATOM   464  N NZ  . LYS A 1 57  ? 1.552   -4.658  13.448  1.00 42.81 ? 56  LYS A NZ  1 
ATOM   465  N N   . LEU A 1 58  ? -0.510  2.608   10.777  1.00 21.21 ? 57  LEU A N   1 
ATOM   466  C CA  . LEU A 1 58  ? -0.281  3.747   9.879   1.00 20.78 ? 57  LEU A CA  1 
ATOM   467  C C   . LEU A 1 58  ? -0.079  5.100   10.552  1.00 19.30 ? 57  LEU A C   1 
ATOM   468  O O   . LEU A 1 58  ? 0.632   5.954   10.041  1.00 20.14 ? 57  LEU A O   1 
ATOM   469  C CB  . LEU A 1 58  ? -1.394  3.821   8.832   1.00 21.40 ? 57  LEU A CB  1 
ATOM   470  C CG  . LEU A 1 58  ? -1.239  2.778   7.705   1.00 23.20 ? 57  LEU A CG  1 
ATOM   471  C CD1 . LEU A 1 58  ? -2.504  2.741   6.858   1.00 24.31 ? 57  LEU A CD1 1 
ATOM   472  C CD2 . LEU A 1 58  ? 0.015   3.039   6.824   1.00 16.79 ? 57  LEU A CD2 1 
ATOM   473  N N   . TYR A 1 59  ? -0.712  5.313   11.701  1.00 20.66 ? 58  TYR A N   1 
ATOM   474  C CA  . TYR A 1 59  ? -0.691  6.623   12.333  1.00 19.73 ? 58  TYR A CA  1 
ATOM   475  C C   . TYR A 1 59  ? 0.712   7.174   12.638  1.00 21.34 ? 58  TYR A C   1 
ATOM   476  O O   . TYR A 1 59  ? 1.060   8.297   12.253  1.00 22.40 ? 58  TYR A O   1 
ATOM   477  C CB  . TYR A 1 59  ? -1.551  6.611   13.597  1.00 20.57 ? 58  TYR A CB  1 
ATOM   478  C CG  . TYR A 1 59  ? -1.573  7.921   14.326  1.00 17.39 ? 58  TYR A CG  1 
ATOM   479  C CD1 . TYR A 1 59  ? -0.677  8.176   15.358  1.00 21.70 ? 58  TYR A CD1 1 
ATOM   480  C CD2 . TYR A 1 59  ? -2.491  8.912   13.988  1.00 24.79 ? 58  TYR A CD2 1 
ATOM   481  C CE1 . TYR A 1 59  ? -0.698  9.390   16.052  1.00 24.82 ? 58  TYR A CE1 1 
ATOM   482  C CE2 . TYR A 1 59  ? -2.512  10.128  14.660  1.00 24.20 ? 58  TYR A CE2 1 
ATOM   483  C CZ  . TYR A 1 59  ? -1.612  10.359  15.693  1.00 24.08 ? 58  TYR A CZ  1 
ATOM   484  O OH  . TYR A 1 59  ? -1.638  11.558  16.375  1.00 24.67 ? 58  TYR A OH  1 
ATOM   485  N N   . ASP A 1 60  ? 1.514   6.402   13.356  1.00 22.26 ? 59  ASP A N   1 
ATOM   486  C CA  . ASP A 1 60  ? 2.861   6.866   13.719  1.00 21.95 ? 59  ASP A CA  1 
ATOM   487  C C   . ASP A 1 60  ? 3.773   6.986   12.497  1.00 18.79 ? 59  ASP A C   1 
ATOM   488  O O   . ASP A 1 60  ? 4.385   8.026   12.280  1.00 22.54 ? 59  ASP A O   1 
ATOM   489  C CB  . ASP A 1 60  ? 3.491   5.950   14.780  1.00 21.92 ? 59  ASP A CB  1 
ATOM   490  C CG  . ASP A 1 60  ? 3.001   6.271   16.182  1.00 28.24 ? 59  ASP A CG  1 
ATOM   491  O OD1 . ASP A 1 60  ? 2.537   7.408   16.398  1.00 26.62 ? 59  ASP A OD1 1 
ATOM   492  O OD2 . ASP A 1 60  ? 3.085   5.396   17.070  1.00 36.83 ? 59  ASP A OD2 1 
ATOM   493  N N   . PRO A 1 61  ? 3.860   5.928   11.686  1.00 19.53 ? 60  PRO A N   1 
ATOM   494  C CA  . PRO A 1 61  ? 4.615   5.989   10.418  1.00 20.59 ? 60  PRO A CA  1 
ATOM   495  C C   . PRO A 1 61  ? 4.278   7.169   9.504   1.00 22.71 ? 60  PRO A C   1 
ATOM   496  O O   . PRO A 1 61  ? 5.185   7.787   8.940   1.00 23.32 ? 60  PRO A O   1 
ATOM   497  C CB  . PRO A 1 61  ? 4.281   4.651   9.748   1.00 19.05 ? 60  PRO A CB  1 
ATOM   498  C CG  . PRO A 1 61  ? 4.094   3.717   10.934  1.00 20.18 ? 60  PRO A CG  1 
ATOM   499  C CD  . PRO A 1 61  ? 3.296   4.586   11.917  1.00 20.59 ? 60  PRO A CD  1 
ATOM   500  N N   . LEU A 1 62  ? 2.991   7.486   9.357   1.00 20.48 ? 61  LEU A N   1 
ATOM   501  C CA  . LEU A 1 62  ? 2.583   8.639   8.567   1.00 17.18 ? 61  LEU A CA  1 
ATOM   502  C C   . LEU A 1 62  ? 3.085   9.927   9.193   1.00 16.80 ? 61  LEU A C   1 
ATOM   503  O O   . LEU A 1 62  ? 3.623   10.794  8.518   1.00 19.25 ? 61  LEU A O   1 
ATOM   504  C CB  . LEU A 1 62  ? 1.052   8.682   8.424   1.00 17.76 ? 61  LEU A CB  1 
ATOM   505  C CG  . LEU A 1 62  ? 0.395   7.585   7.594   1.00 15.98 ? 61  LEU A CG  1 
ATOM   506  C CD1 . LEU A 1 62  ? -1.124  7.698   7.734   1.00 15.09 ? 61  LEU A CD1 1 
ATOM   507  C CD2 . LEU A 1 62  ? 0.827   7.664   6.091   1.00 20.22 ? 61  LEU A CD2 1 
ATOM   508  N N   . ASN A 1 63  ? 2.906   10.048  10.499  1.00 19.92 ? 62  ASN A N   1 
ATOM   509  C CA  . ASN A 1 63  ? 3.224   11.282  11.195  1.00 18.75 ? 62  ASN A CA  1 
ATOM   510  C C   . ASN A 1 63  ? 4.723   11.544  11.373  1.00 21.36 ? 62  ASN A C   1 
ATOM   511  O O   . ASN A 1 63  ? 5.160   12.700  11.429  1.00 20.27 ? 62  ASN A O   1 
ATOM   512  C CB  . ASN A 1 63  ? 2.497   11.336  12.541  1.00 19.53 ? 62  ASN A CB  1 
ATOM   513  C CG  . ASN A 1 63  ? 1.095   11.902  12.409  1.00 21.28 ? 62  ASN A CG  1 
ATOM   514  O OD1 . ASN A 1 63  ? 0.924   13.074  12.091  1.00 23.32 ? 62  ASN A OD1 1 
ATOM   515  N ND2 . ASN A 1 63  ? 0.090   11.061  12.616  1.00 22.45 ? 62  ASN A ND2 1 
ATOM   516  N N   . ILE A 1 64  ? 5.511   10.479  11.444  1.00 19.74 ? 63  ILE A N   1 
ATOM   517  C CA  . ILE A 1 64  ? 6.962   10.627  11.388  1.00 23.75 ? 63  ILE A CA  1 
ATOM   518  C C   . ILE A 1 64  ? 7.459   11.284  10.085  1.00 24.85 ? 63  ILE A C   1 
ATOM   519  O O   . ILE A 1 64  ? 8.334   12.153  10.094  1.00 24.67 ? 63  ILE A O   1 
ATOM   520  C CB  . ILE A 1 64  ? 7.657   9.294   11.680  1.00 23.14 ? 63  ILE A CB  1 
ATOM   521  C CG1 . ILE A 1 64  ? 7.418   8.929   13.151  1.00 26.57 ? 63  ILE A CG1 1 
ATOM   522  C CG2 . ILE A 1 64  ? 9.156   9.384   11.378  1.00 25.26 ? 63  ILE A CG2 1 
ATOM   523  C CD1 . ILE A 1 64  ? 7.529   7.443   13.460  1.00 32.50 ? 63  ILE A CD1 1 
ATOM   524  N N   . ILE A 1 65  ? 6.884   10.872  8.965   1.00 27.31 ? 64  ILE A N   1 
ATOM   525  C CA  . ILE A 1 65  ? 7.287   11.384  7.663   1.00 27.23 ? 64  ILE A CA  1 
ATOM   526  C C   . ILE A 1 65  ? 6.703   12.774  7.410   1.00 29.01 ? 64  ILE A C   1 
ATOM   527  O O   . ILE A 1 65  ? 7.418   13.690  7.010   1.00 32.98 ? 64  ILE A O   1 
ATOM   528  C CB  . ILE A 1 65  ? 6.873   10.388  6.569   1.00 28.77 ? 64  ILE A CB  1 
ATOM   529  C CG1 . ILE A 1 65  ? 7.623   9.067   6.784   1.00 26.33 ? 64  ILE A CG1 1 
ATOM   530  C CG2 . ILE A 1 65  ? 7.072   10.977  5.168   1.00 28.57 ? 64  ILE A CG2 1 
ATOM   531  C CD1 . ILE A 1 65  ? 7.393   8.041   5.707   1.00 31.37 ? 64  ILE A CD1 1 
ATOM   532  N N   . GLU A 1 66  ? 5.411   12.940  7.683   1.00 28.33 ? 65  GLU A N   1 
ATOM   533  C CA  . GLU A 1 66  ? 4.739   14.218  7.494   1.00 28.64 ? 65  GLU A CA  1 
ATOM   534  C C   . GLU A 1 66  ? 3.804   14.458  8.673   1.00 25.40 ? 65  GLU A C   1 
ATOM   535  O O   . GLU A 1 66  ? 2.684   13.954  8.680   1.00 23.70 ? 65  GLU A O   1 
ATOM   536  C CB  . GLU A 1 66  ? 3.941   14.221  6.170   1.00 24.37 ? 65  GLU A CB  1 
ATOM   537  C CG  . GLU A 1 66  ? 3.166   15.527  5.907   1.00 35.62 ? 65  GLU A CG  1 
ATOM   538  C CD  . GLU A 1 66  ? 2.030   15.389  4.870   1.00 36.87 ? 65  GLU A CD  1 
ATOM   539  O OE1 . GLU A 1 66  ? 1.318   14.363  4.869   1.00 46.40 ? 65  GLU A OE1 1 
ATOM   540  O OE2 . GLU A 1 66  ? 1.840   16.318  4.057   1.00 48.04 ? 65  GLU A OE2 1 
ATOM   541  N N   . LEU A 1 67  ? 4.264   15.215  9.671   1.00 24.84 ? 66  LEU A N   1 
ATOM   542  C CA  . LEU A 1 67  ? 3.445   15.508  10.855  1.00 25.29 ? 66  LEU A CA  1 
ATOM   543  C C   . LEU A 1 67  ? 2.249   16.407  10.550  1.00 24.48 ? 66  LEU A C   1 
ATOM   544  O O   . LEU A 1 67  ? 2.418   17.562  10.187  1.00 27.64 ? 66  LEU A O   1 
ATOM   545  C CB  . LEU A 1 67  ? 4.284   16.156  11.967  1.00 22.08 ? 66  LEU A CB  1 
ATOM   546  C CG  . LEU A 1 67  ? 3.507   16.470  13.249  1.00 22.22 ? 66  LEU A CG  1 
ATOM   547  C CD1 . LEU A 1 67  ? 3.304   15.224  14.101  1.00 22.53 ? 66  LEU A CD1 1 
ATOM   548  C CD2 . LEU A 1 67  ? 4.185   17.576  14.065  1.00 22.25 ? 66  LEU A CD2 1 
ATOM   549  N N   . ASP A 1 68  ? 1.040   15.884  10.743  1.00 25.30 ? 67  ASP A N   1 
ATOM   550  C CA  . ASP A 1 68  ? -0.166  16.464  10.138  1.00 23.37 ? 67  ASP A CA  1 
ATOM   551  C C   . ASP A 1 68  ? -1.384  15.824  10.806  1.00 21.35 ? 67  ASP A C   1 
ATOM   552  O O   . ASP A 1 68  ? -1.558  14.609  10.772  1.00 20.08 ? 67  ASP A O   1 
ATOM   553  C CB  . ASP A 1 68  ? -0.162  16.160  8.630   1.00 24.89 ? 67  ASP A CB  1 
ATOM   554  C CG  . ASP A 1 68  ? -1.251  16.892  7.857   1.00 28.43 ? 67  ASP A CG  1 
ATOM   555  O OD1 . ASP A 1 68  ? -2.144  17.527  8.470   1.00 27.22 ? 67  ASP A OD1 1 
ATOM   556  O OD2 . ASP A 1 68  ? -1.205  16.818  6.606   1.00 43.81 ? 67  ASP A OD2 1 
ATOM   557  N N   . LYS A 1 69  ? -2.333  16.538  11.369  1.00 19.32 ? 68  LYS A N   1 
ATOM   558  C CA  . LYS A 1 69  ? -3.535  16.107  12.068  1.00 21.55 ? 68  LYS A CA  1 
ATOM   559  C C   . LYS A 1 69  ? -4.489  15.357  11.143  1.00 21.59 ? 68  LYS A C   1 
ATOM   560  O O   . LYS A 1 69  ? -5.380  14.650  11.610  1.00 22.33 ? 68  LYS A O   1 
ATOM   561  C CB  . LYS A 1 69  ? -4.261  17.325  12.647  1.00 23.16 ? 68  LYS A CB  1 
ATOM   562  C CG  . LYS A 1 69  ? -4.817  18.265  11.560  1.00 25.60 ? 68  LYS A CG  1 
ATOM   563  C CD  . LYS A 1 69  ? -5.524  19.482  12.167  1.00 28.62 ? 68  LYS A CD  1 
ATOM   564  C CE  . LYS A 1 69  ? -6.075  20.387  11.071  1.00 38.79 ? 68  LYS A CE  1 
ATOM   565  N NZ  . LYS A 1 69  ? -6.775  21.585  11.626  1.00 43.52 ? 68  LYS A NZ  1 
ATOM   566  N N   . ARG A 1 70  ? -4.168  15.630  9.882   1.00 19.73 ? 69  ARG A N   1 
ATOM   567  C CA  . ARG A 1 70  ? -5.086  15.082  8.904   1.00 21.21 ? 69  ARG A CA  1 
ATOM   568  C C   . ARG A 1 70  ? -4.941  13.587  8.728   1.00 18.94 ? 69  ARG A C   1 
ATOM   569  O O   . ARG A 1 70  ? -5.840  12.942  8.187   1.00 20.22 ? 69  ARG A O   1 
ATOM   570  C CB  . ARG A 1 70  ? -4.911  15.782  7.555   1.00 21.06 ? 69  ARG A CB  1 
ATOM   571  C CG  . ARG A 1 70  ? -5.475  17.206  7.551   1.00 33.21 ? 69  ARG A CG  1 
ATOM   572  C CD  . ARG A 1 70  ? -5.304  17.835  6.179   1.00 42.49 ? 69  ARG A CD  1 
ATOM   573  N NE  . ARG A 1 70  ? -3.888  18.010  5.855   1.00 42.73 ? 69  ARG A NE  1 
ATOM   574  C CZ  . ARG A 1 70  ? -3.432  18.839  4.924   1.00 36.82 ? 69  ARG A CZ  1 
ATOM   575  N NH1 . ARG A 1 70  ? -4.277  19.569  4.206   1.00 30.45 ? 69  ARG A NH1 1 
ATOM   576  N NH2 . ARG A 1 70  ? -2.133  18.942  4.724   1.00 36.16 ? 69  ARG A NH2 1 
ATOM   577  N N   . HIS A 1 71  ? -3.811  13.025  9.151   1.00 18.61 ? 70  HIS A N   1 
ATOM   578  C CA  . HIS A 1 71  ? -3.634  11.564  9.061   1.00 21.21 ? 70  HIS A CA  1 
ATOM   579  C C   . HIS A 1 71  ? -4.661  10.843  9.934   1.00 20.46 ? 70  HIS A C   1 
ATOM   580  O O   . HIS A 1 71  ? -5.277  9.880   9.490   1.00 21.84 ? 70  HIS A O   1 
ATOM   581  C CB  . HIS A 1 71  ? -2.207  11.125  9.441   1.00 19.25 ? 70  HIS A CB  1 
ATOM   582  C CG  . HIS A 1 71  ? -1.143  11.703  8.558   1.00 21.61 ? 70  HIS A CG  1 
ATOM   583  N ND1 . HIS A 1 71  ? -1.248  11.726  7.183   1.00 19.73 ? 70  HIS A ND1 1 
ATOM   584  C CD2 . HIS A 1 71  ? 0.047   12.283  8.856   1.00 17.35 ? 70  HIS A CD2 1 
ATOM   585  C CE1 . HIS A 1 71  ? -0.167  12.293  6.672   1.00 19.92 ? 70  HIS A CE1 1 
ATOM   586  N NE2 . HIS A 1 71  ? 0.626   12.653  7.668   1.00 22.73 ? 70  HIS A NE2 1 
ATOM   587  N N   . ASP A 1 72  ? -4.844  11.323  11.166  1.00 20.85 ? 71  ASP A N   1 
ATOM   588  C CA  . ASP A 1 72  ? -5.933  10.852  12.049  1.00 20.46 ? 71  ASP A CA  1 
ATOM   589  C C   . ASP A 1 72  ? -7.300  10.933  11.372  1.00 21.08 ? 71  ASP A C   1 
ATOM   590  O O   . ASP A 1 72  ? -8.051  9.961   11.347  1.00 21.81 ? 71  ASP A O   1 
ATOM   591  C CB  . ASP A 1 72  ? -5.926  11.633  13.369  1.00 21.27 ? 71  ASP A CB  1 
ATOM   592  C CG  . ASP A 1 72  ? -7.208  11.446  14.190  1.00 24.56 ? 71  ASP A CG  1 
ATOM   593  O OD1 . ASP A 1 72  ? -7.469  10.324  14.669  1.00 26.50 ? 71  ASP A OD1 1 
ATOM   594  O OD2 . ASP A 1 72  ? -7.948  12.434  14.375  1.00 26.24 ? 71  ASP A OD2 1 
ATOM   595  N N   . VAL A 1 73  ? -7.617  12.093  10.807  1.00 23.36 ? 72  VAL A N   1 
ATOM   596  C CA  . VAL A 1 73  ? -8.915  12.306  10.188  1.00 21.27 ? 72  VAL A CA  1 
ATOM   597  C C   . VAL A 1 73  ? -9.105  11.348  9.011   1.00 21.60 ? 72  VAL A C   1 
ATOM   598  O O   . VAL A 1 73  ? -10.172 10.764  8.840   1.00 22.54 ? 72  VAL A O   1 
ATOM   599  C CB  . VAL A 1 73  ? -9.061  13.759  9.672   1.00 24.05 ? 72  VAL A CB  1 
ATOM   600  C CG1 . VAL A 1 73  ? -10.346 13.915  8.855   1.00 22.56 ? 72  VAL A CG1 1 
ATOM   601  C CG2 . VAL A 1 73  ? -9.020  14.761  10.832  1.00 21.08 ? 72  VAL A CG2 1 
ATOM   602  N N   . ASN A 1 74  ? -8.074  11.213  8.182   1.00 21.98 ? 73  ASN A N   1 
ATOM   603  C CA  . ASN A 1 74  ? -8.168  10.408  6.971   1.00 22.40 ? 73  ASN A CA  1 
ATOM   604  C C   . ASN A 1 74  ? -8.234  8.919   7.292   1.00 21.40 ? 73  ASN A C   1 
ATOM   605  O O   . ASN A 1 74  ? -8.976  8.168   6.659   1.00 22.52 ? 73  ASN A O   1 
ATOM   606  C CB  . ASN A 1 74  ? -6.992  10.702  6.039   1.00 21.51 ? 73  ASN A CB  1 
ATOM   607  C CG  . ASN A 1 74  ? -7.066  12.085  5.445   1.00 24.89 ? 73  ASN A CG  1 
ATOM   608  O OD1 . ASN A 1 74  ? -8.154  12.644  5.287   1.00 26.95 ? 73  ASN A OD1 1 
ATOM   609  N ND2 . ASN A 1 74  ? -5.915  12.659  5.130   1.00 17.02 ? 73  ASN A ND2 1 
ATOM   610  N N   . LEU A 1 75  ? -7.452  8.502   8.278   1.00 19.58 ? 74  LEU A N   1 
ATOM   611  C CA  . LEU A 1 75  ? -7.517  7.137   8.798   1.00 20.31 ? 74  LEU A CA  1 
ATOM   612  C C   . LEU A 1 75  ? -8.905  6.789   9.317   1.00 20.25 ? 74  LEU A C   1 
ATOM   613  O O   . LEU A 1 75  ? -9.441  5.757   8.958   1.00 21.76 ? 74  LEU A O   1 
ATOM   614  C CB  . LEU A 1 75  ? -6.455  6.902   9.880   1.00 19.46 ? 74  LEU A CB  1 
ATOM   615  C CG  . LEU A 1 75  ? -5.013  6.710   9.378   1.00 18.06 ? 74  LEU A CG  1 
ATOM   616  C CD1 . LEU A 1 75  ? -4.029  6.792   10.534  1.00 14.76 ? 74  LEU A CD1 1 
ATOM   617  C CD2 . LEU A 1 75  ? -4.879  5.349   8.648   1.00 16.27 ? 74  LEU A CD2 1 
ATOM   618  N N   . GLU A 1 76  ? -9.493  7.648   10.147  1.00 18.99 ? 75  GLU A N   1 
ATOM   619  C CA  . GLU A 1 76  ? -10.829 7.364   10.676  1.00 20.41 ? 75  GLU A CA  1 
ATOM   620  C C   . GLU A 1 76  ? -11.881 7.303   9.566   1.00 21.32 ? 75  GLU A C   1 
ATOM   621  O O   . GLU A 1 76  ? -12.752 6.436   9.581   1.00 20.59 ? 75  GLU A O   1 
ATOM   622  C CB  . GLU A 1 76  ? -11.259 8.391   11.733  1.00 18.41 ? 75  GLU A CB  1 
ATOM   623  C CG  . GLU A 1 76  ? -10.384 8.467   12.964  1.00 18.29 ? 75  GLU A CG  1 
ATOM   624  C CD  . GLU A 1 76  ? -10.652 7.366   13.980  1.00 25.08 ? 75  GLU A CD  1 
ATOM   625  O OE1 . GLU A 1 76  ? -11.278 6.350   13.609  1.00 22.75 ? 75  GLU A OE1 1 
ATOM   626  O OE2 . GLU A 1 76  ? -10.215 7.514   15.151  1.00 18.44 ? 75  GLU A OE2 1 
ATOM   627  N N   . LYS A 1 77  ? -11.812 8.241   8.622   1.00 19.99 ? 76  LYS A N   1 
ATOM   628  C CA  . LYS A 1 77  ? -12.726 8.248   7.475   1.00 20.59 ? 76  LYS A CA  1 
ATOM   629  C C   . LYS A 1 77  ? -12.613 6.966   6.660   1.00 20.01 ? 76  LYS A C   1 
ATOM   630  O O   . LYS A 1 77  ? -13.611 6.304   6.371   1.00 20.17 ? 76  LYS A O   1 
ATOM   631  C CB  . LYS A 1 77  ? -12.423 9.441   6.568   1.00 23.10 ? 76  LYS A CB  1 
ATOM   632  C CG  . LYS A 1 77  ? -13.439 9.646   5.455   1.00 31.62 ? 76  LYS A CG  1 
ATOM   633  C CD  . LYS A 1 77  ? -13.039 10.818  4.566   1.00 46.37 ? 76  LYS A CD  1 
ATOM   634  C CE  . LYS A 1 77  ? -13.892 10.888  3.310   1.00 49.09 ? 76  LYS A CE  1 
ATOM   635  N NZ  . LYS A 1 77  ? -13.510 9.824   2.349   1.00 52.30 ? 76  LYS A NZ  1 
ATOM   636  N N   . CYS A 1 78  ? -11.389 6.621   6.281   1.00 21.31 ? 77  CYS A N   1 
ATOM   637  C CA  . CYS A 1 78  ? -11.158 5.477   5.394   1.00 23.54 ? 77  CYS A CA  1 
ATOM   638  C C   . CYS A 1 78  ? -11.436 4.111   6.018   1.00 21.49 ? 77  CYS A C   1 
ATOM   639  O O   . CYS A 1 78  ? -11.907 3.202   5.333   1.00 20.02 ? 77  CYS A O   1 
ATOM   640  C CB  . CYS A 1 78  ? -9.755  5.533   4.773   1.00 24.06 ? 77  CYS A CB  1 
ATOM   641  S SG  . CYS A 1 78  ? -9.585  6.985   3.712   1.00 25.24 ? 77  CYS A SG  1 
ATOM   642  N N   . ILE A 1 79  ? -11.150 3.966   7.310   1.00 22.00 ? 78  ILE A N   1 
ATOM   643  C CA  . ILE A 1 79  ? -11.576 2.773   8.037   1.00 22.61 ? 78  ILE A CA  1 
ATOM   644  C C   . ILE A 1 79  ? -13.093 2.680   8.108   1.00 23.18 ? 78  ILE A C   1 
ATOM   645  O O   . ILE A 1 79  ? -13.661 1.601   7.926   1.00 24.52 ? 78  ILE A O   1 
ATOM   646  C CB  . ILE A 1 79  ? -11.001 2.724   9.450   1.00 24.43 ? 78  ILE A CB  1 
ATOM   647  C CG1 . ILE A 1 79  ? -9.468  2.629   9.398   1.00 27.25 ? 78  ILE A CG1 1 
ATOM   648  C CG2 . ILE A 1 79  ? -11.615 1.558   10.233  1.00 19.73 ? 78  ILE A CG2 1 
ATOM   649  C CD1 . ILE A 1 79  ? -8.782  3.048   10.692  1.00 18.62 ? 78  ILE A CD1 1 
ATOM   650  N N   . GLY A 1 80  ? -13.740 3.815   8.376   1.00 24.89 ? 79  GLY A N   1 
ATOM   651  C CA  . GLY A 1 80  ? -15.197 3.911   8.395   1.00 22.35 ? 79  GLY A CA  1 
ATOM   652  C C   . GLY A 1 80  ? -15.807 3.418   7.098   1.00 25.28 ? 79  GLY A C   1 
ATOM   653  O O   . GLY A 1 80  ? -16.746 2.631   7.106   1.00 25.15 ? 79  GLY A O   1 
ATOM   654  N N   . GLU A 1 81  ? -15.258 3.864   5.974   1.00 26.12 ? 80  GLU A N   1 
ATOM   655  C CA  . GLU A 1 81  ? -15.710 3.398   4.674   1.00 28.21 ? 80  GLU A CA  1 
ATOM   656  C C   . GLU A 1 81  ? -15.529 1.899   4.509   1.00 28.95 ? 80  GLU A C   1 
ATOM   657  O O   . GLU A 1 81  ? -16.465 1.193   4.145   1.00 31.44 ? 80  GLU A O   1 
ATOM   658  C CB  . GLU A 1 81  ? -14.962 4.119   3.562   1.00 30.72 ? 80  GLU A CB  1 
ATOM   659  C CG  . GLU A 1 81  ? -15.501 5.483   3.254   1.00 34.66 ? 80  GLU A CG  1 
ATOM   660  C CD  . GLU A 1 81  ? -14.842 6.093   2.041   1.00 43.89 ? 80  GLU A CD  1 
ATOM   661  O OE1 . GLU A 1 81  ? -14.440 5.334   1.125   1.00 44.21 ? 80  GLU A OE1 1 
ATOM   662  O OE2 . GLU A 1 81  ? -14.734 7.336   2.010   1.00 47.99 ? 80  GLU A OE2 1 
ATOM   663  N N   . CYS A 1 82  ? -14.319 1.410   4.758   1.00 29.79 ? 81  CYS A N   1 
ATOM   664  C CA  . CYS A 1 82  ? -13.991 0.032   4.409   1.00 29.87 ? 81  CYS A CA  1 
ATOM   665  C C   . CYS A 1 82  ? -14.803 -0.963  5.233   1.00 29.50 ? 81  CYS A C   1 
ATOM   666  O O   . CYS A 1 82  ? -15.111 -2.060  4.774   1.00 32.35 ? 81  CYS A O   1 
ATOM   667  C CB  . CYS A 1 82  ? -12.487 -0.228  4.550   1.00 28.07 ? 81  CYS A CB  1 
ATOM   668  S SG  . CYS A 1 82  ? -11.924 -0.581  6.215   1.00 25.49 ? 81  CYS A SG  1 
ATOM   669  N N   . VAL A 1 83  ? -15.155 -0.570  6.448   1.00 30.16 ? 82  VAL A N   1 
ATOM   670  C CA  . VAL A 1 83  ? -15.941 -1.420  7.330   1.00 31.91 ? 82  VAL A CA  1 
ATOM   671  C C   . VAL A 1 83  ? -17.340 -1.681  6.772   1.00 32.28 ? 82  VAL A C   1 
ATOM   672  O O   . VAL A 1 83  ? -17.954 -2.706  7.072   1.00 34.77 ? 82  VAL A O   1 
ATOM   673  C CB  . VAL A 1 83  ? -16.052 -0.813  8.732   1.00 29.88 ? 82  VAL A CB  1 
ATOM   674  C CG1 . VAL A 1 83  ? -17.164 -1.486  9.508   1.00 35.58 ? 82  VAL A CG1 1 
ATOM   675  C CG2 . VAL A 1 83  ? -14.739 -0.948  9.465   1.00 29.57 ? 82  VAL A CG2 1 
ATOM   676  N N   . GLN A 1 84  ? -17.829 -0.756  5.951   1.00 32.91 ? 83  GLN A N   1 
ATOM   677  C CA  . GLN A 1 84  ? -19.208 -0.791  5.474   1.00 34.30 ? 83  GLN A CA  1 
ATOM   678  C C   . GLN A 1 84  ? -19.366 -1.570  4.169   1.00 33.47 ? 83  GLN A C   1 
ATOM   679  O O   . GLN A 1 84  ? -20.485 -1.907  3.780   1.00 35.34 ? 83  GLN A O   1 
ATOM   680  C CB  . GLN A 1 84  ? -19.747 0.629   5.305   1.00 33.45 ? 83  GLN A CB  1 
ATOM   681  C CG  . GLN A 1 84  ? -20.182 1.272   6.606   1.00 41.19 ? 83  GLN A CG  1 
ATOM   682  C CD  . GLN A 1 84  ? -20.776 2.651   6.399   1.00 51.61 ? 83  GLN A CD  1 
ATOM   683  O OE1 . GLN A 1 84  ? -20.140 3.663   6.701   1.00 51.63 ? 83  GLN A OE1 1 
ATOM   684  N NE2 . GLN A 1 84  ? -22.003 2.701   5.880   1.00 50.55 ? 83  GLN A NE2 1 
ATOM   685  N N   . VAL A 1 85  ? -18.249 -1.838  3.496   1.00 32.73 ? 84  VAL A N   1 
ATOM   686  C CA  . VAL A 1 85  ? -18.227 -2.724  2.331   1.00 30.73 ? 84  VAL A CA  1 
ATOM   687  C C   . VAL A 1 85  ? -17.958 -4.162  2.772   1.00 31.23 ? 84  VAL A C   1 
ATOM   688  O O   . VAL A 1 85  ? -17.540 -4.394  3.907   1.00 29.20 ? 84  VAL A O   1 
ATOM   689  C CB  . VAL A 1 85  ? -17.156 -2.293  1.279   1.00 30.98 ? 84  VAL A CB  1 
ATOM   690  C CG1 . VAL A 1 85  ? -17.407 -0.872  0.791   1.00 29.43 ? 84  VAL A CG1 1 
ATOM   691  C CG2 . VAL A 1 85  ? -15.744 -2.440  1.834   1.00 25.56 ? 84  VAL A CG2 1 
ATOM   692  N N   . PRO A 1 86  ? -18.211 -5.132  1.878   1.00 32.37 ? 85  PRO A N   1 
ATOM   693  C CA  . PRO A 1 86  ? -17.964 -6.540  2.175   1.00 32.87 ? 85  PRO A CA  1 
ATOM   694  C C   . PRO A 1 86  ? -16.477 -6.878  2.256   1.00 33.61 ? 85  PRO A C   1 
ATOM   695  O O   . PRO A 1 86  ? -15.643 -6.167  1.689   1.00 32.92 ? 85  PRO A O   1 
ATOM   696  C CB  . PRO A 1 86  ? -18.606 -7.273  0.986   1.00 33.61 ? 85  PRO A CB  1 
ATOM   697  C CG  . PRO A 1 86  ? -19.468 -6.248  0.296   1.00 33.74 ? 85  PRO A CG  1 
ATOM   698  C CD  . PRO A 1 86  ? -18.770 -4.952  0.529   1.00 33.32 ? 85  PRO A CD  1 
ATOM   699  N N   . THR A 1 87  ? -16.168 -7.976  2.940   1.00 33.75 ? 86  THR A N   1 
ATOM   700  C CA  . THR A 1 87  ? -14.797 -8.347  3.268   1.00 33.92 ? 86  THR A CA  1 
ATOM   701  C C   . THR A 1 87  ? -13.904 -8.615  2.051   1.00 34.40 ? 86  THR A C   1 
ATOM   702  O O   . THR A 1 87  ? -12.678 -8.468  2.131   1.00 33.96 ? 86  THR A O   1 
ATOM   703  C CB  . THR A 1 87  ? -14.752 -9.562  4.221   1.00 33.90 ? 86  THR A CB  1 
ATOM   704  O OG1 . THR A 1 87  ? -13.418 -9.736  4.709   1.00 34.92 ? 86  THR A OG1 1 
ATOM   705  C CG2 . THR A 1 87  ? -15.191 -10.834 3.498   1.00 34.99 ? 86  THR A CG2 1 
ATOM   706  N N   . SER A 1 88  ? -14.507 -9.013  0.932   1.00 33.58 ? 87  SER A N   1 
ATOM   707  C CA  . SER A 1 88  ? -13.741 -9.292  -0.288  1.00 33.58 ? 87  SER A CA  1 
ATOM   708  C C   . SER A 1 88  ? -13.093 -8.008  -0.806  1.00 31.99 ? 87  SER A C   1 
ATOM   709  O O   . SER A 1 88  ? -12.152 -8.036  -1.601  1.00 32.03 ? 87  SER A O   1 
ATOM   710  C CB  . SER A 1 88  ? -14.649 -9.883  -1.367  1.00 33.59 ? 87  SER A CB  1 
ATOM   711  O OG  . SER A 1 88  ? -15.603 -8.926  -1.800  1.00 34.32 ? 87  SER A OG  1 
ATOM   712  N N   . GLU A 1 89  ? -13.613 -6.884  -0.328  1.00 32.33 ? 88  GLU A N   1 
ATOM   713  C CA  . GLU A 1 89  ? -13.498 -5.604  -1.008  1.00 29.48 ? 88  GLU A CA  1 
ATOM   714  C C   . GLU A 1 89  ? -12.836 -4.601  -0.059  1.00 27.42 ? 88  GLU A C   1 
ATOM   715  O O   . GLU A 1 89  ? -12.482 -3.481  -0.446  1.00 27.63 ? 88  GLU A O   1 
ATOM   716  C CB  . GLU A 1 89  ? -14.897 -5.113  -1.391  1.00 29.72 ? 88  GLU A CB  1 
ATOM   717  C CG  . GLU A 1 89  ? -14.876 -3.944  -2.345  1.00 35.11 ? 88  GLU A CG  1 
ATOM   718  C CD  . GLU A 1 89  ? -16.251 -3.511  -2.786  1.00 41.66 ? 88  GLU A CD  1 
ATOM   719  O OE1 . GLU A 1 89  ? -17.248 -4.213  -2.478  1.00 38.24 ? 88  GLU A OE1 1 
ATOM   720  O OE2 . GLU A 1 89  ? -16.324 -2.453  -3.449  1.00 43.00 ? 88  GLU A OE2 1 
ATOM   721  N N   . ARG A 1 90  ? -12.665 -5.024  1.187   1.00 25.49 ? 89  ARG A N   1 
ATOM   722  C CA  . ARG A 1 90  ? -12.461 -4.104  2.300   1.00 25.26 ? 89  ARG A CA  1 
ATOM   723  C C   . ARG A 1 90  ? -11.085 -3.441  2.252   1.00 23.84 ? 89  ARG A C   1 
ATOM   724  O O   . ARG A 1 90  ? -10.957 -2.226  2.433   1.00 23.28 ? 89  ARG A O   1 
ATOM   725  C CB  . ARG A 1 90  ? -12.636 -4.855  3.616   1.00 24.81 ? 89  ARG A CB  1 
ATOM   726  C CG  . ARG A 1 90  ? -12.573 -3.981  4.852   1.00 27.14 ? 89  ARG A CG  1 
ATOM   727  C CD  . ARG A 1 90  ? -13.231 -4.679  6.023   1.00 27.10 ? 89  ARG A CD  1 
ATOM   728  N NE  . ARG A 1 90  ? -14.677 -4.743  5.857   1.00 29.24 ? 89  ARG A NE  1 
ATOM   729  C CZ  . ARG A 1 90  ? -15.422 -5.804  6.155   1.00 32.91 ? 89  ARG A CZ  1 
ATOM   730  N NH1 . ARG A 1 90  ? -14.863 -6.907  6.632   1.00 30.88 ? 89  ARG A NH1 1 
ATOM   731  N NH2 . ARG A 1 90  ? -16.733 -5.759  5.977   1.00 29.76 ? 89  ARG A NH2 1 
ATOM   732  N N   . ALA A 1 91  ? -10.058 -4.250  2.011   1.00 24.20 ? 90  ALA A N   1 
ATOM   733  C CA  . ALA A 1 91  ? -8.683  -3.782  2.031   1.00 23.16 ? 90  ALA A CA  1 
ATOM   734  C C   . ALA A 1 91  ? -8.436  -2.863  0.837   1.00 23.96 ? 90  ALA A C   1 
ATOM   735  O O   . ALA A 1 91  ? -7.759  -1.840  0.944   1.00 26.88 ? 90  ALA A O   1 
ATOM   736  C CB  . ALA A 1 91  ? -7.722  -4.976  2.007   1.00 21.38 ? 90  ALA A CB  1 
ATOM   737  N N   . HIS A 1 92  ? -9.005  -3.231  -0.301  1.00 25.34 ? 91  HIS A N   1 
ATOM   738  C CA  . HIS A 1 92  ? -8.926  -2.413  -1.501  1.00 22.91 ? 91  HIS A CA  1 
ATOM   739  C C   . HIS A 1 92  ? -9.622  -1.069  -1.280  1.00 23.98 ? 91  HIS A C   1 
ATOM   740  O O   . HIS A 1 92  ? -9.085  -0.026  -1.635  1.00 23.65 ? 91  HIS A O   1 
ATOM   741  C CB  . HIS A 1 92  ? -9.547  -3.166  -2.676  1.00 23.45 ? 91  HIS A CB  1 
ATOM   742  C CG  . HIS A 1 92  ? -9.183  -2.607  -4.016  1.00 24.71 ? 91  HIS A CG  1 
ATOM   743  N ND1 . HIS A 1 92  ? -9.886  -2.905  -5.161  1.00 24.45 ? 91  HIS A ND1 1 
ATOM   744  C CD2 . HIS A 1 92  ? -8.197  -1.758  -4.392  1.00 17.67 ? 91  HIS A CD2 1 
ATOM   745  C CE1 . HIS A 1 92  ? -9.343  -2.274  -6.187  1.00 24.72 ? 91  HIS A CE1 1 
ATOM   746  N NE2 . HIS A 1 92  ? -8.321  -1.565  -5.745  1.00 22.11 ? 91  HIS A NE2 1 
ATOM   747  N N   . VAL A 1 93  ? -10.809 -1.090  -0.672  1.00 24.76 ? 92  VAL A N   1 
ATOM   748  C CA  . VAL A 1 93  ? -11.508 0.149   -0.325  1.00 23.98 ? 92  VAL A CA  1 
ATOM   749  C C   . VAL A 1 93  ? -10.734 1.061   0.655   1.00 24.83 ? 92  VAL A C   1 
ATOM   750  O O   . VAL A 1 93  ? -10.666 2.279   0.456   1.00 25.90 ? 92  VAL A O   1 
ATOM   751  C CB  . VAL A 1 93  ? -12.947 -0.117  0.180   1.00 25.45 ? 92  VAL A CB  1 
ATOM   752  C CG1 . VAL A 1 93  ? -13.488 1.109   0.906   1.00 22.40 ? 92  VAL A CG1 1 
ATOM   753  C CG2 . VAL A 1 93  ? -13.857 -0.501  -0.988  1.00 22.03 ? 92  VAL A CG2 1 
ATOM   754  N N   . PHE A 1 94  ? -10.158 0.481   1.702   1.00 23.74 ? 93  PHE A N   1 
ATOM   755  C CA  . PHE A 1 94  ? -9.225  1.216   2.559   1.00 23.48 ? 93  PHE A CA  1 
ATOM   756  C C   . PHE A 1 94  ? -8.110  1.896   1.732   1.00 24.02 ? 93  PHE A C   1 
ATOM   757  O O   . PHE A 1 94  ? -7.869  3.101   1.847   1.00 21.13 ? 93  PHE A O   1 
ATOM   758  C CB  . PHE A 1 94  ? -8.657  0.287   3.637   1.00 22.25 ? 93  PHE A CB  1 
ATOM   759  C CG  . PHE A 1 94  ? -7.806  0.989   4.669   1.00 26.95 ? 93  PHE A CG  1 
ATOM   760  C CD1 . PHE A 1 94  ? -8.348  1.956   5.493   1.00 22.62 ? 93  PHE A CD1 1 
ATOM   761  C CD2 . PHE A 1 94  ? -6.455  0.675   4.808   1.00 25.18 ? 93  PHE A CD2 1 
ATOM   762  C CE1 . PHE A 1 94  ? -7.568  2.602   6.436   1.00 22.64 ? 93  PHE A CE1 1 
ATOM   763  C CE2 . PHE A 1 94  ? -5.671  1.309   5.751   1.00 29.76 ? 93  PHE A CE2 1 
ATOM   764  C CZ  . PHE A 1 94  ? -6.225  2.272   6.568   1.00 28.32 ? 93  PHE A CZ  1 
ATOM   765  N N   . TYR A 1 95  ? -7.473  1.112   0.874   1.00 23.75 ? 94  TYR A N   1 
ATOM   766  C CA  . TYR A 1 95  ? -6.308  1.526   0.091   1.00 23.47 ? 94  TYR A CA  1 
ATOM   767  C C   . TYR A 1 95  ? -6.715  2.675   -0.830  1.00 25.22 ? 94  TYR A C   1 
ATOM   768  O O   . TYR A 1 95  ? -6.060  3.725   -0.868  1.00 22.77 ? 94  TYR A O   1 
ATOM   769  C CB  . TYR A 1 95  ? -5.845  0.299   -0.717  1.00 21.69 ? 94  TYR A CB  1 
ATOM   770  C CG  . TYR A 1 95  ? -4.865  0.493   -1.863  1.00 20.10 ? 94  TYR A CG  1 
ATOM   771  C CD1 . TYR A 1 95  ? -3.485  0.476   -1.645  1.00 21.55 ? 94  TYR A CD1 1 
ATOM   772  C CD2 . TYR A 1 95  ? -5.320  0.612   -3.172  1.00 19.51 ? 94  TYR A CD2 1 
ATOM   773  C CE1 . TYR A 1 95  ? -2.588  0.602   -2.709  1.00 19.57 ? 94  TYR A CE1 1 
ATOM   774  C CE2 . TYR A 1 95  ? -4.448  0.737   -4.231  1.00 18.93 ? 94  TYR A CE2 1 
ATOM   775  C CZ  . TYR A 1 95  ? -3.086  0.739   -3.995  1.00 17.97 ? 94  TYR A CZ  1 
ATOM   776  O OH  . TYR A 1 95  ? -2.236  0.869   -5.055  1.00 21.25 ? 94  TYR A OH  1 
ATOM   777  N N   . LYS A 1 96  ? -7.812  2.467   -1.556  1.00 23.66 ? 95  LYS A N   1 
ATOM   778  C CA  . LYS A 1 96  ? -8.349  3.456   -2.487  1.00 23.21 ? 95  LYS A CA  1 
ATOM   779  C C   . LYS A 1 96  ? -8.729  4.761   -1.779  1.00 22.23 ? 95  LYS A C   1 
ATOM   780  O O   . LYS A 1 96  ? -8.401  5.852   -2.251  1.00 24.49 ? 95  LYS A O   1 
ATOM   781  C CB  . LYS A 1 96  ? -9.567  2.881   -3.225  1.00 21.82 ? 95  LYS A CB  1 
ATOM   782  C CG  . LYS A 1 96  ? -9.226  1.923   -4.356  1.00 24.98 ? 95  LYS A CG  1 
ATOM   783  C CD  . LYS A 1 96  ? -10.489 1.507   -5.118  1.00 22.09 ? 95  LYS A CD  1 
ATOM   784  C CE  . LYS A 1 96  ? -11.288 0.475   -4.351  1.00 19.91 ? 95  LYS A CE  1 
ATOM   785  N NZ  . LYS A 1 96  ? -12.480 -0.016  -5.115  1.00 28.86 ? 95  LYS A NZ  1 
ATOM   786  N N   . CYS A 1 97  ? -9.416  4.652   -0.650  1.00 19.74 ? 96  CYS A N   1 
ATOM   787  C CA  . CYS A 1 97  ? -9.788  5.833   0.130   1.00 21.11 ? 96  CYS A CA  1 
ATOM   788  C C   . CYS A 1 97  ? -8.566  6.639   0.599   1.00 21.51 ? 96  CYS A C   1 
ATOM   789  O O   . CYS A 1 97  ? -8.544  7.869   0.500   1.00 21.76 ? 96  CYS A O   1 
ATOM   790  C CB  . CYS A 1 97  ? -10.694 5.441   1.315   1.00 21.60 ? 96  CYS A CB  1 
ATOM   791  S SG  . CYS A 1 97  ? -11.185 6.804   2.445   1.00 25.11 ? 96  CYS A SG  1 
ATOM   792  N N   . LEU A 1 98  ? -7.546  5.946   1.096   1.00 23.04 ? 97  LEU A N   1 
ATOM   793  C CA  . LEU A 1 98  ? -6.359  6.606   1.647   1.00 22.78 ? 97  LEU A CA  1 
ATOM   794  C C   . LEU A 1 98  ? -5.630  7.373   0.549   1.00 21.69 ? 97  LEU A C   1 
ATOM   795  O O   . LEU A 1 98  ? -5.191  8.505   0.747   1.00 21.57 ? 97  LEU A O   1 
ATOM   796  C CB  . LEU A 1 98  ? -5.412  5.570   2.261   1.00 24.23 ? 97  LEU A CB  1 
ATOM   797  C CG  . LEU A 1 98  ? -5.573  5.178   3.737   1.00 27.85 ? 97  LEU A CG  1 
ATOM   798  C CD1 . LEU A 1 98  ? -4.385  4.332   4.172   1.00 28.69 ? 97  LEU A CD1 1 
ATOM   799  C CD2 . LEU A 1 98  ? -5.770  6.376   4.693   1.00 22.41 ? 97  LEU A CD2 1 
ATOM   800  N N   . LEU A 1 99  ? -5.518  6.743   -0.614  1.00 19.32 ? 98  LEU A N   1 
ATOM   801  C CA  . LEU A 1 99  ? -4.811  7.324   -1.748  1.00 23.08 ? 98  LEU A CA  1 
ATOM   802  C C   . LEU A 1 99  ? -5.486  8.591   -2.252  1.00 23.85 ? 98  LEU A C   1 
ATOM   803  O O   . LEU A 1 99  ? -4.820  9.501   -2.741  1.00 21.16 ? 98  LEU A O   1 
ATOM   804  C CB  . LEU A 1 99  ? -4.647  6.299   -2.886  1.00 21.24 ? 98  LEU A CB  1 
ATOM   805  C CG  . LEU A 1 99  ? -3.550  5.248   -2.660  1.00 21.79 ? 98  LEU A CG  1 
ATOM   806  C CD1 . LEU A 1 99  ? -3.606  4.144   -3.703  1.00 17.36 ? 98  LEU A CD1 1 
ATOM   807  C CD2 . LEU A 1 99  ? -2.174  5.914   -2.666  1.00 19.25 ? 98  LEU A CD2 1 
ATOM   808  N N   . LYS A 1 100 ? -6.807  8.640   -2.121  1.00 25.95 ? 99  LYS A N   1 
ATOM   809  C CA  . LYS A 1 100 ? -7.597  9.785   -2.564  1.00 29.80 ? 99  LYS A CA  1 
ATOM   810  C C   . LYS A 1 100 ? -7.541  10.937  -1.559  1.00 29.60 ? 99  LYS A C   1 
ATOM   811  O O   . LYS A 1 100 ? -7.709  12.091  -1.926  1.00 33.60 ? 99  LYS A O   1 
ATOM   812  C CB  . LYS A 1 100 ? -9.055  9.369   -2.765  1.00 32.71 ? 99  LYS A CB  1 
ATOM   813  C CG  . LYS A 1 100 ? -9.821  10.249  -3.724  1.00 41.47 ? 99  LYS A CG  1 
ATOM   814  C CD  . LYS A 1 100 ? -9.473  9.890   -5.181  1.00 52.26 ? 99  LYS A CD  1 
ATOM   815  C CE  . LYS A 1 100 ? -10.504 10.600  -6.151  1.00 50.16 ? 99  LYS A CE  1 
ATOM   816  N NZ  . LYS A 1 100 ? -9.799  10.691  -7.521  1.00 51.83 ? 99  LYS A NZ  1 
ATOM   817  N N   . SER A 1 101 ? -7.305  10.615  -0.293  1.00 25.76 ? 100 SER A N   1 
ATOM   818  C CA  . SER A 1 101 ? -7.233  11.621  0.745   1.00 22.71 ? 100 SER A CA  1 
ATOM   819  C C   . SER A 1 101 ? -5.907  12.370  0.672   1.00 23.67 ? 100 SER A C   1 
ATOM   820  O O   . SER A 1 101 ? -4.984  11.961  -0.040  1.00 24.73 ? 100 SER A O   1 
ATOM   821  C CB  . SER A 1 101 ? -7.388  10.970  2.117   1.00 20.88 ? 100 SER A CB  1 
ATOM   822  O OG  . SER A 1 101 ? -6.212  10.245  2.482   1.00 20.96 ? 100 SER A OG  1 
ATOM   823  N N   . THR A 1 102 ? -5.811  13.458  1.427   1.00 23.42 ? 101 THR A N   1 
ATOM   824  C CA  . THR A 1 102 ? -4.567  14.227  1.531   1.00 23.30 ? 101 THR A CA  1 
ATOM   825  C C   . THR A 1 102 ? -3.427  13.404  2.176   1.00 21.66 ? 101 THR A C   1 
ATOM   826  O O   . THR A 1 102 ? -2.249  13.775  2.118   1.00 23.96 ? 101 THR A O   1 
ATOM   827  C CB  . THR A 1 102 ? -4.796  15.538  2.323   1.00 21.13 ? 101 THR A CB  1 
ATOM   828  O OG1 . THR A 1 102 ? -5.335  15.229  3.618   1.00 23.60 ? 101 THR A OG1 1 
ATOM   829  C CG2 . THR A 1 102 ? -5.767  16.466  1.571   1.00 15.21 ? 101 THR A CG2 1 
ATOM   830  N N   . THR A 1 103 ? -3.779  12.278  2.779   1.00 20.48 ? 102 THR A N   1 
ATOM   831  C CA  . THR A 1 103 ? -2.783  11.348  3.324   1.00 19.04 ? 102 THR A CA  1 
ATOM   832  C C   . THR A 1 103 ? -2.135  10.438  2.258   1.00 21.66 ? 102 THR A C   1 
ATOM   833  O O   . THR A 1 103 ? -1.094  9.814   2.505   1.00 23.21 ? 102 THR A O   1 
ATOM   834  C CB  . THR A 1 103 ? -3.432  10.486  4.437   1.00 21.67 ? 102 THR A CB  1 
ATOM   835  O OG1 . THR A 1 103 ? -3.594  11.285  5.614   1.00 23.21 ? 102 THR A OG1 1 
ATOM   836  C CG2 . THR A 1 103 ? -2.601  9.236   4.748   1.00 20.03 ? 102 THR A CG2 1 
ATOM   837  N N   . GLY A 1 104 ? -2.749  10.361  1.079   1.00 21.06 ? 103 GLY A N   1 
ATOM   838  C CA  . GLY A 1 104 ? -2.168  9.647   -0.066  1.00 21.68 ? 103 GLY A CA  1 
ATOM   839  C C   . GLY A 1 104 ? -0.687  9.873   -0.340  1.00 22.30 ? 103 GLY A C   1 
ATOM   840  O O   . GLY A 1 104 ? 0.077   8.920   -0.467  1.00 23.65 ? 103 GLY A O   1 
ATOM   841  N N   . ARG A 1 105 ? -0.286  11.133  -0.446  1.00 20.10 ? 104 ARG A N   1 
ATOM   842  C CA  . ARG A 1 105 ? 1.124   11.507  -0.562  1.00 23.25 ? 104 ARG A CA  1 
ATOM   843  C C   . ARG A 1 105 ? 2.048   10.740  0.391   1.00 23.66 ? 104 ARG A C   1 
ATOM   844  O O   . ARG A 1 105 ? 3.040   10.148  -0.029  1.00 20.06 ? 104 ARG A O   1 
ATOM   845  C CB  . ARG A 1 105 ? 1.293   13.006  -0.348  1.00 21.88 ? 104 ARG A CB  1 
ATOM   846  C CG  . ARG A 1 105 ? 2.733   13.512  -0.470  1.00 22.54 ? 104 ARG A CG  1 
ATOM   847  C CD  . ARG A 1 105 ? 2.891   14.803  0.336   1.00 22.63 ? 104 ARG A CD  1 
ATOM   848  N NE  . ARG A 1 105 ? 4.191   15.440  0.149   1.00 21.10 ? 104 ARG A NE  1 
ATOM   849  C CZ  . ARG A 1 105 ? 4.626   16.460  0.879   1.00 22.61 ? 104 ARG A CZ  1 
ATOM   850  N NH1 . ARG A 1 105 ? 3.854   16.950  1.844   1.00 21.51 ? 104 ARG A NH1 1 
ATOM   851  N NH2 . ARG A 1 105 ? 5.826   16.993  0.645   1.00 20.93 ? 104 ARG A NH2 1 
ATOM   852  N N   . THR A 1 106 ? 1.719   10.771  1.675   1.00 21.24 ? 105 THR A N   1 
ATOM   853  C CA  . THR A 1 106 ? 2.575   10.177  2.686   1.00 20.73 ? 105 THR A CA  1 
ATOM   854  C C   . THR A 1 106 ? 2.369   8.660   2.786   1.00 19.63 ? 105 THR A C   1 
ATOM   855  O O   . THR A 1 106 ? 3.312   7.918   3.019   1.00 20.73 ? 105 THR A O   1 
ATOM   856  C CB  . THR A 1 106 ? 2.429   10.919  4.035   1.00 19.43 ? 105 THR A CB  1 
ATOM   857  O OG1 . THR A 1 106 ? 2.772   12.299  3.833   1.00 23.22 ? 105 THR A OG1 1 
ATOM   858  C CG2 . THR A 1 106 ? 3.349   10.344  5.102   1.00 19.39 ? 105 THR A CG2 1 
ATOM   859  N N   . PHE A 1 107 ? 1.143   8.203   2.552   1.00 20.50 ? 106 PHE A N   1 
ATOM   860  C CA  . PHE A 1 107 ? 0.864   6.774   2.477   1.00 21.17 ? 106 PHE A CA  1 
ATOM   861  C C   . PHE A 1 107 ? 1.743   6.047   1.462   1.00 21.82 ? 106 PHE A C   1 
ATOM   862  O O   . PHE A 1 107 ? 2.243   4.976   1.749   1.00 19.56 ? 106 PHE A O   1 
ATOM   863  C CB  . PHE A 1 107 ? -0.622  6.526   2.191   1.00 20.53 ? 106 PHE A CB  1 
ATOM   864  C CG  . PHE A 1 107 ? -0.974  5.074   2.024   1.00 25.12 ? 106 PHE A CG  1 
ATOM   865  C CD1 . PHE A 1 107 ? -0.593  4.134   2.978   1.00 21.97 ? 106 PHE A CD1 1 
ATOM   866  C CD2 . PHE A 1 107 ? -1.684  4.647   0.918   1.00 24.56 ? 106 PHE A CD2 1 
ATOM   867  C CE1 . PHE A 1 107 ? -0.915  2.788   2.831   1.00 16.45 ? 106 PHE A CE1 1 
ATOM   868  C CE2 . PHE A 1 107 ? -2.022  3.300   0.760   1.00 26.33 ? 106 PHE A CE2 1 
ATOM   869  C CZ  . PHE A 1 107 ? -1.636  2.370   1.716   1.00 23.08 ? 106 PHE A CZ  1 
ATOM   870  N N   . LYS A 1 108 ? 1.932   6.627   0.276   1.00 20.58 ? 107 LYS A N   1 
ATOM   871  C CA  . LYS A 1 108 ? 2.781   6.005   -0.756  1.00 21.20 ? 107 LYS A CA  1 
ATOM   872  C C   . LYS A 1 108 ? 4.241   5.852   -0.310  1.00 19.88 ? 107 LYS A C   1 
ATOM   873  O O   . LYS A 1 108 ? 4.898   4.875   -0.643  1.00 23.24 ? 107 LYS A O   1 
ATOM   874  C CB  . LYS A 1 108 ? 2.718   6.802   -2.051  1.00 14.96 ? 107 LYS A CB  1 
ATOM   875  C CG  . LYS A 1 108 ? 1.402   6.666   -2.806  1.00 23.31 ? 107 LYS A CG  1 
ATOM   876  C CD  . LYS A 1 108 ? 1.410   7.487   -4.131  1.00 23.72 ? 107 LYS A CD  1 
ATOM   877  C CE  . LYS A 1 108 ? 1.113   8.974   -3.848  1.00 28.29 ? 107 LYS A CE  1 
ATOM   878  N NZ  . LYS A 1 108 ? 1.023   9.859   -5.066  1.00 34.72 ? 107 LYS A NZ  1 
ATOM   879  N N   . LYS A 1 109 ? 4.730   6.811   0.462   1.00 21.07 ? 108 LYS A N   1 
ATOM   880  C CA  . LYS A 1 109 ? 6.068   6.741   1.022   1.00 20.95 ? 108 LYS A CA  1 
ATOM   881  C C   . LYS A 1 109 ? 6.196   5.651   2.082   1.00 21.15 ? 108 LYS A C   1 
ATOM   882  O O   . LYS A 1 109 ? 7.158   4.883   2.069   1.00 20.51 ? 108 LYS A O   1 
ATOM   883  C CB  . LYS A 1 109 ? 6.455   8.104   1.603   1.00 19.87 ? 108 LYS A CB  1 
ATOM   884  C CG  . LYS A 1 109 ? 6.347   9.235   0.586   1.00 21.82 ? 108 LYS A CG  1 
ATOM   885  C CD  . LYS A 1 109 ? 6.609   10.593  1.255   1.00 24.66 ? 108 LYS A CD  1 
ATOM   886  C CE  . LYS A 1 109 ? 6.827   11.689  0.213   1.00 20.90 ? 108 LYS A CE  1 
ATOM   887  N NZ  . LYS A 1 109 ? 6.853   13.011  0.882   1.00 18.78 ? 108 LYS A NZ  1 
ATOM   888  N N   . VAL A 1 110 ? 5.226   5.584   2.999   1.00 22.24 ? 109 VAL A N   1 
ATOM   889  C CA  . VAL A 1 110 ? 5.211   4.548   4.033   1.00 23.33 ? 109 VAL A CA  1 
ATOM   890  C C   . VAL A 1 110 ? 5.066   3.165   3.388   1.00 23.42 ? 109 VAL A C   1 
ATOM   891  O O   . VAL A 1 110 ? 5.689   2.193   3.809   1.00 19.97 ? 109 VAL A O   1 
ATOM   892  C CB  . VAL A 1 110 ? 4.043   4.784   5.046   1.00 24.29 ? 109 VAL A CB  1 
ATOM   893  C CG1 . VAL A 1 110 ? 3.838   3.553   5.930   1.00 27.33 ? 109 VAL A CG1 1 
ATOM   894  C CG2 . VAL A 1 110 ? 4.331   6.014   5.915   1.00 22.18 ? 109 VAL A CG2 1 
ATOM   895  N N   . PHE A 1 111 ? 4.224   3.095   2.364   1.00 23.18 ? 110 PHE A N   1 
ATOM   896  C CA  . PHE A 1 111 ? 4.012   1.873   1.583   1.00 21.39 ? 110 PHE A CA  1 
ATOM   897  C C   . PHE A 1 111 ? 5.298   1.414   0.858   1.00 20.41 ? 110 PHE A C   1 
ATOM   898  O O   . PHE A 1 111 ? 5.693   0.256   0.970   1.00 19.70 ? 110 PHE A O   1 
ATOM   899  C CB  . PHE A 1 111 ? 2.863   2.120   0.598   1.00 20.53 ? 110 PHE A CB  1 
ATOM   900  C CG  . PHE A 1 111 ? 2.388   0.888   -0.141  1.00 21.25 ? 110 PHE A CG  1 
ATOM   901  C CD1 . PHE A 1 111 ? 3.218   0.233   -1.043  1.00 24.38 ? 110 PHE A CD1 1 
ATOM   902  C CD2 . PHE A 1 111 ? 1.088   0.426   0.029   1.00 23.84 ? 110 PHE A CD2 1 
ATOM   903  C CE1 . PHE A 1 111 ? 2.767   -0.883  -1.744  1.00 24.82 ? 110 PHE A CE1 1 
ATOM   904  C CE2 . PHE A 1 111 ? 0.629   -0.688  -0.666  1.00 16.76 ? 110 PHE A CE2 1 
ATOM   905  C CZ  . PHE A 1 111 ? 1.467   -1.336  -1.558  1.00 20.19 ? 110 PHE A CZ  1 
ATOM   906  N N   . ASP A 1 112 ? 5.951   2.321   0.132   1.00 19.69 ? 111 ASP A N   1 
ATOM   907  C CA  . ASP A 1 112 ? 7.244   2.024   -0.497  1.00 19.96 ? 111 ASP A CA  1 
ATOM   908  C C   . ASP A 1 112 ? 8.281   1.511   0.514   1.00 21.60 ? 111 ASP A C   1 
ATOM   909  O O   . ASP A 1 112 ? 8.954   0.507   0.270   1.00 21.08 ? 111 ASP A O   1 
ATOM   910  C CB  . ASP A 1 112 ? 7.822   3.273   -1.182  1.00 21.16 ? 111 ASP A CB  1 
ATOM   911  C CG  . ASP A 1 112 ? 7.116   3.615   -2.485  1.00 24.87 ? 111 ASP A CG  1 
ATOM   912  O OD1 . ASP A 1 112 ? 6.164   2.895   -2.865  1.00 19.16 ? 111 ASP A OD1 1 
ATOM   913  O OD2 . ASP A 1 112 ? 7.525   4.602   -3.126  1.00 24.34 ? 111 ASP A OD2 1 
ATOM   914  N N   . LEU A 1 113 ? 8.426   2.235   1.627   1.00 19.62 ? 112 LEU A N   1 
ATOM   915  C CA  . LEU A 1 113 ? 9.411   1.920   2.655   1.00 17.50 ? 112 LEU A CA  1 
ATOM   916  C C   . LEU A 1 113 ? 9.150   0.522   3.217   1.00 19.35 ? 112 LEU A C   1 
ATOM   917  O O   . LEU A 1 113 ? 10.063  -0.310  3.304   1.00 25.42 ? 112 LEU A O   1 
ATOM   918  C CB  . LEU A 1 113 ? 9.392   2.994   3.771   1.00 14.80 ? 112 LEU A CB  1 
ATOM   919  C CG  . LEU A 1 113 ? 10.143  4.303   3.467   1.00 17.35 ? 112 LEU A CG  1 
ATOM   920  C CD1 . LEU A 1 113 ? 9.904   5.394   4.523   1.00 17.44 ? 112 LEU A CD1 1 
ATOM   921  C CD2 . LEU A 1 113 ? 11.639  4.047   3.338   1.00 15.00 ? 112 LEU A CD2 1 
ATOM   922  N N   . MET A 1 114 ? 7.901   0.246   3.571   1.00 21.16 ? 113 MET A N   1 
ATOM   923  C CA  . MET A 1 114 ? 7.545   -1.062  4.099   1.00 22.35 ? 113 MET A CA  1 
ATOM   924  C C   . MET A 1 114 ? 7.792   -2.174  3.080   1.00 23.70 ? 113 MET A C   1 
ATOM   925  O O   . MET A 1 114 ? 8.238   -3.263  3.435   1.00 23.62 ? 113 MET A O   1 
ATOM   926  C CB  . MET A 1 114 ? 6.083   -1.095  4.553   1.00 22.03 ? 113 MET A CB  1 
ATOM   927  C CG  . MET A 1 114 ? 5.718   -2.373  5.309   1.00 26.66 ? 113 MET A CG  1 
ATOM   928  S SD  . MET A 1 114 ? 6.725   -2.637  6.801   1.00 34.21 ? 113 MET A SD  1 
ATOM   929  C CE  . MET A 1 114 ? 6.219   -1.205  7.760   1.00 29.09 ? 113 MET A CE  1 
ATOM   930  N N   . GLU A 1 115 ? 7.498   -1.905  1.814   1.00 20.11 ? 114 GLU A N   1 
ATOM   931  C CA  . GLU A 1 115 ? 7.666   -2.935  0.811   1.00 21.30 ? 114 GLU A CA  1 
ATOM   932  C C   . GLU A 1 115 ? 9.117   -3.367  0.788   1.00 20.93 ? 114 GLU A C   1 
ATOM   933  O O   . GLU A 1 115 ? 9.424   -4.564  0.842   1.00 22.65 ? 114 GLU A O   1 
ATOM   934  C CB  . GLU A 1 115 ? 7.239   -2.442  -0.572  1.00 20.00 ? 114 GLU A CB  1 
ATOM   935  C CG  . GLU A 1 115 ? 7.124   -3.561  -1.602  1.00 23.33 ? 114 GLU A CG  1 
ATOM   936  C CD  . GLU A 1 115 ? 7.093   -3.055  -3.038  1.00 25.69 ? 114 GLU A CD  1 
ATOM   937  O OE1 . GLU A 1 115 ? 7.033   -1.824  -3.252  1.00 26.69 ? 114 GLU A OE1 1 
ATOM   938  O OE2 . GLU A 1 115 ? 7.131   -3.897  -3.961  1.00 23.56 ? 114 GLU A OE2 1 
ATOM   939  N N   . LEU A 1 116 ? 10.005  -2.382  0.707   1.00 20.92 ? 115 LEU A N   1 
ATOM   940  C CA  . LEU A 1 116 ? 11.425  -2.657  0.564   1.00 22.79 ? 115 LEU A CA  1 
ATOM   941  C C   . LEU A 1 116 ? 12.068  -3.105  1.863   1.00 21.76 ? 115 LEU A C   1 
ATOM   942  O O   . LEU A 1 116 ? 13.048  -3.850  1.834   1.00 24.17 ? 115 LEU A O   1 
ATOM   943  C CB  . LEU A 1 116 ? 12.179  -1.466  -0.057  1.00 23.38 ? 115 LEU A CB  1 
ATOM   944  C CG  . LEU A 1 116 ? 11.741  -1.151  -1.494  1.00 28.41 ? 115 LEU A CG  1 
ATOM   945  C CD1 . LEU A 1 116 ? 12.744  -0.224  -2.176  1.00 24.23 ? 115 LEU A CD1 1 
ATOM   946  C CD2 . LEU A 1 116 ? 11.547  -2.443  -2.306  1.00 25.42 ? 115 LEU A CD2 1 
ATOM   947  N N   . LYS A 1 117 ? 11.526  -2.682  3.002   1.00 18.92 ? 116 LYS A N   1 
ATOM   948  C CA  . LYS A 1 117 ? 12.006  -3.227  4.281   1.00 21.45 ? 116 LYS A CA  1 
ATOM   949  C C   . LYS A 1 117 ? 11.714  -4.719  4.412   1.00 23.06 ? 116 LYS A C   1 
ATOM   950  O O   . LYS A 1 117 ? 12.584  -5.503  4.793   1.00 25.40 ? 116 LYS A O   1 
ATOM   951  C CB  . LYS A 1 117 ? 11.408  -2.483  5.479   1.00 18.11 ? 116 LYS A CB  1 
ATOM   952  C CG  . LYS A 1 117 ? 12.101  -1.148  5.741   1.00 20.32 ? 116 LYS A CG  1 
ATOM   953  C CD  . LYS A 1 117 ? 11.317  -0.272  6.693   1.00 23.36 ? 116 LYS A CD  1 
ATOM   954  C CE  . LYS A 1 117 ? 11.712  1.190   6.469   1.00 21.63 ? 116 LYS A CE  1 
ATOM   955  N NZ  . LYS A 1 117 ? 11.392  2.039   7.657   1.00 27.53 ? 116 LYS A NZ  1 
ATOM   956  N N   . LYS A 1 118 ? 10.480  -5.096  4.105   1.00 24.03 ? 117 LYS A N   1 
ATOM   957  C CA  . LYS A 1 118 ? 10.071  -6.494  4.143   1.00 25.92 ? 117 LYS A CA  1 
ATOM   958  C C   . LYS A 1 118 ? 10.793  -7.338  3.094   1.00 23.72 ? 117 LYS A C   1 
ATOM   959  O O   . LYS A 1 118 ? 10.972  -8.536  3.279   1.00 24.75 ? 117 LYS A O   1 
ATOM   960  C CB  . LYS A 1 118 ? 8.553   -6.603  3.984   1.00 25.22 ? 117 LYS A CB  1 
ATOM   961  C CG  . LYS A 1 118 ? 7.802   -5.909  5.096   1.00 31.30 ? 117 LYS A CG  1 
ATOM   962  C CD  . LYS A 1 118 ? 6.542   -6.674  5.496   1.00 38.08 ? 117 LYS A CD  1 
ATOM   963  C CE  . LYS A 1 118 ? 5.912   -6.097  6.769   1.00 38.47 ? 117 LYS A CE  1 
ATOM   964  N NZ  . LYS A 1 118 ? 6.210   -6.987  7.929   1.00 36.08 ? 117 LYS A NZ  1 
ATOM   965  N N   . ALA A 1 119 ? 11.217  -6.703  2.000   1.00 23.34 ? 118 ALA A N   1 
ATOM   966  C CA  . ALA A 1 119 ? 11.982  -7.384  0.948   1.00 21.87 ? 118 ALA A CA  1 
ATOM   967  C C   . ALA A 1 119 ? 13.465  -7.468  1.307   1.00 22.93 ? 118 ALA A C   1 
ATOM   968  O O   . ALA A 1 119 ? 14.248  -8.085  0.591   1.00 25.11 ? 118 ALA A O   1 
ATOM   969  C CB  . ALA A 1 119 ? 11.808  -6.663  -0.402  1.00 18.27 ? 118 ALA A CB  1 
ATOM   970  N N   . GLY A 1 120 ? 13.849  -6.838  2.415   1.00 23.99 ? 119 GLY A N   1 
ATOM   971  C CA  . GLY A 1 120 ? 15.220  -6.967  2.929   1.00 22.34 ? 119 GLY A CA  1 
ATOM   972  C C   . GLY A 1 120 ? 16.184  -6.091  2.156   1.00 21.12 ? 119 GLY A C   1 
ATOM   973  O O   . GLY A 1 120 ? 17.391  -6.319  2.183   1.00 21.10 ? 119 GLY A O   1 
ATOM   974  N N   . LYS A 1 121 ? 15.643  -5.083  1.474   1.00 19.24 ? 120 LYS A N   1 
ATOM   975  C CA  . LYS A 1 121 ? 16.380  -4.287  0.482   1.00 21.65 ? 120 LYS A CA  1 
ATOM   976  C C   . LYS A 1 121 ? 16.955  -3.014  1.097   1.00 24.67 ? 120 LYS A C   1 
ATOM   977  O O   . LYS A 1 121 ? 17.919  -2.453  0.570   1.00 25.69 ? 120 LYS A O   1 
ATOM   978  C CB  . LYS A 1 121 ? 15.445  -3.864  -0.667  1.00 20.09 ? 120 LYS A CB  1 
ATOM   979  C CG  . LYS A 1 121 ? 14.950  -5.004  -1.543  1.00 28.96 ? 120 LYS A CG  1 
ATOM   980  C CD  . LYS A 1 121 ? 16.108  -5.842  -2.092  1.00 31.69 ? 120 LYS A CD  1 
ATOM   981  C CE  . LYS A 1 121 ? 15.612  -7.164  -2.666  1.00 33.77 ? 120 LYS A CE  1 
ATOM   982  N NZ  . LYS A 1 121 ? 16.694  -7.907  -3.397  1.00 42.20 ? 120 LYS A NZ  1 
ATOM   983  N N   . VAL A 1 122 ? 16.316  -2.537  2.172   1.00 21.87 ? 121 VAL A N   1 
ATOM   984  C CA  . VAL A 1 122 ? 16.767  -1.371  2.929   1.00 23.59 ? 121 VAL A CA  1 
ATOM   985  C C   . VAL A 1 122 ? 16.664  -1.715  4.427   1.00 26.93 ? 121 VAL A C   1 
ATOM   986  O O   . VAL A 1 122 ? 15.902  -2.602  4.804   1.00 27.71 ? 121 VAL A O   1 
ATOM   987  C CB  . VAL A 1 122 ? 15.903  -0.102  2.611   1.00 22.68 ? 121 VAL A CB  1 
ATOM   988  C CG1 . VAL A 1 122 ? 15.926  0.212   1.122   1.00 18.82 ? 121 VAL A CG1 1 
ATOM   989  C CG2 . VAL A 1 122 ? 14.471  -0.294  3.069   1.00 19.63 ? 121 VAL A CG2 1 
ATOM   990  N N   . PRO A 1 123 ? 17.459  -1.045  5.283   1.00 26.76 ? 122 PRO A N   1 
ATOM   991  C CA  . PRO A 1 123 ? 17.351  -1.324  6.721   1.00 25.57 ? 122 PRO A CA  1 
ATOM   992  C C   . PRO A 1 123 ? 16.024  -0.906  7.336   1.00 23.56 ? 122 PRO A C   1 
ATOM   993  O O   . PRO A 1 123 ? 15.294  -0.082  6.773   1.00 21.33 ? 122 PRO A O   1 
ATOM   994  C CB  . PRO A 1 123 ? 18.514  -0.525  7.339   1.00 28.72 ? 122 PRO A CB  1 
ATOM   995  C CG  . PRO A 1 123 ? 18.925  0.460   6.301   1.00 24.39 ? 122 PRO A CG  1 
ATOM   996  C CD  . PRO A 1 123 ? 18.502  -0.053  4.966   1.00 25.82 ? 122 PRO A CD  1 
ATOM   997  N N   . GLN A 1 124 ? 15.712  -1.473  8.494   1.00 21.88 ? 123 GLN A N   1 
ATOM   998  C CA  . GLN A 1 124 ? 14.421  -1.245  9.143   1.00 22.05 ? 123 GLN A CA  1 
ATOM   999  C C   . GLN A 1 124 ? 14.181  0.204   9.548   1.00 21.14 ? 123 GLN A C   1 
ATOM   1000 O O   . GLN A 1 124 ? 13.032  0.639   9.669   1.00 21.58 ? 123 GLN A O   1 
ATOM   1001 C CB  . GLN A 1 124 ? 14.283  -2.154  10.383  1.00 26.57 ? 123 GLN A CB  1 
ATOM   1002 C CG  . GLN A 1 124 ? 14.291  -3.645  10.051  1.00 33.28 ? 123 GLN A CG  1 
ATOM   1003 C CD  . GLN A 1 124 ? 13.244  -4.040  9.005   1.00 39.61 ? 123 GLN A CD  1 
ATOM   1004 O OE1 . GLN A 1 124 ? 13.574  -4.644  7.980   1.00 47.68 ? 123 GLN A OE1 1 
ATOM   1005 N NE2 . GLN A 1 124 ? 11.978  -3.712  9.270   1.00 36.91 ? 123 GLN A NE2 1 
ATOM   1006 N N   . HIS A 1 125 ? 15.253  0.958   9.784   1.00 19.98 ? 124 HIS A N   1 
ATOM   1007 C CA  . HIS A 1 125 ? 15.100  2.379   10.151  1.00 18.93 ? 124 HIS A CA  1 
ATOM   1008 C C   . HIS A 1 125 ? 15.216  3.315   8.947   1.00 19.47 ? 124 HIS A C   1 
ATOM   1009 O O   . HIS A 1 125 ? 15.237  4.532   9.108   1.00 19.44 ? 124 HIS A O   1 
ATOM   1010 C CB  . HIS A 1 125 ? 16.147  2.766   11.205  1.00 18.53 ? 124 HIS A CB  1 
ATOM   1011 C CG  . HIS A 1 125 ? 17.549  2.757   10.682  1.00 14.71 ? 124 HIS A CG  1 
ATOM   1012 N ND1 . HIS A 1 125 ? 18.138  1.632   10.151  1.00 21.72 ? 124 HIS A ND1 1 
ATOM   1013 C CD2 . HIS A 1 125 ? 18.472  3.745   10.584  1.00 17.89 ? 124 HIS A CD2 1 
ATOM   1014 C CE1 . HIS A 1 125 ? 19.367  1.919   9.762   1.00 13.08 ? 124 HIS A CE1 1 
ATOM   1015 N NE2 . HIS A 1 125 ? 19.594  3.197   10.009  1.00 17.53 ? 124 HIS A NE2 1 
ATOM   1016 N N   . GLN A 1 126 ? 15.291  2.750   7.742   1.00 18.15 ? 125 GLN A N   1 
ATOM   1017 C CA  . GLN A 1 126 ? 15.332  3.559   6.527   1.00 20.80 ? 125 GLN A CA  1 
ATOM   1018 C C   . GLN A 1 126 ? 14.276  4.677   6.489   1.00 23.25 ? 125 GLN A C   1 
ATOM   1019 O O   . GLN A 1 126 ? 13.086  4.436   6.707   1.00 23.41 ? 125 GLN A O   1 
ATOM   1020 C CB  . GLN A 1 126 ? 15.233  2.681   5.269   1.00 19.33 ? 125 GLN A CB  1 
ATOM   1021 C CG  . GLN A 1 126 ? 15.312  3.466   3.958   1.00 19.92 ? 125 GLN A CG  1 
ATOM   1022 C CD  . GLN A 1 126 ? 16.715  3.951   3.640   1.00 16.18 ? 125 GLN A CD  1 
ATOM   1023 O OE1 . GLN A 1 126 ? 17.685  3.198   3.744   1.00 15.76 ? 125 GLN A OE1 1 
ATOM   1024 N NE2 . GLN A 1 126 ? 16.831  5.222   3.234   1.00 18.34 ? 125 GLN A NE2 1 
ATOM   1025 N N   . ARG A 1 127 ? 14.730  5.893   6.181   1.00 21.39 ? 126 ARG A N   1 
ATOM   1026 C CA  . ARG A 1 127 ? 13.852  7.048   5.999   1.00 23.49 ? 126 ARG A CA  1 
ATOM   1027 C C   . ARG A 1 127 ? 13.632  7.327   4.517   1.00 21.30 ? 126 ARG A C   1 
ATOM   1028 O O   . ARG A 1 127 ? 14.293  6.740   3.657   1.00 21.05 ? 126 ARG A O   1 
ATOM   1029 C CB  . ARG A 1 127 ? 14.464  8.301   6.662   1.00 22.23 ? 126 ARG A CB  1 
ATOM   1030 C CG  . ARG A 1 127 ? 14.573  8.212   8.187   1.00 30.08 ? 126 ARG A CG  1 
ATOM   1031 C CD  . ARG A 1 127 ? 14.899  9.572   8.806   1.00 32.80 ? 126 ARG A CD  1 
ATOM   1032 N NE  . ARG A 1 127 ? 13.955  10.594  8.358   1.00 54.26 ? 126 ARG A NE  1 
ATOM   1033 C CZ  . ARG A 1 127 ? 12.648  10.580  8.628   1.00 67.20 ? 126 ARG A CZ  1 
ATOM   1034 N NH1 . ARG A 1 127 ? 12.122  9.596   9.354   1.00 67.36 ? 126 ARG A NH1 1 
ATOM   1035 N NH2 . ARG A 1 127 ? 11.862  11.553  8.172   1.00 68.53 ? 126 ARG A NH2 1 
ATOM   1036 N N   . TYR A 1 128 ? 12.705  8.231   4.223   1.00 20.92 ? 127 TYR A N   1 
ATOM   1037 C CA  . TYR A 1 128 ? 12.344  8.508   2.839   1.00 21.89 ? 127 TYR A CA  1 
ATOM   1038 C C   . TYR A 1 128 ? 13.290  9.529   2.218   1.00 22.50 ? 127 TYR A C   1 
ATOM   1039 O O   . TYR A 1 128 ? 12.981  10.712  2.163   1.00 24.61 ? 127 TYR A O   1 
ATOM   1040 C CB  . TYR A 1 128 ? 10.898  8.984   2.726   1.00 23.13 ? 127 TYR A CB  1 
ATOM   1041 C CG  . TYR A 1 128 ? 10.390  8.928   1.300   1.00 23.15 ? 127 TYR A CG  1 
ATOM   1042 C CD1 . TYR A 1 128 ? 9.931   7.739   0.763   1.00 22.13 ? 127 TYR A CD1 1 
ATOM   1043 C CD2 . TYR A 1 128 ? 10.413  10.055  0.482   1.00 16.39 ? 127 TYR A CD2 1 
ATOM   1044 C CE1 . TYR A 1 128 ? 9.481   7.669   -0.543  1.00 17.05 ? 127 TYR A CE1 1 
ATOM   1045 C CE2 . TYR A 1 128 ? 9.964   9.996   -0.834  1.00 20.24 ? 127 TYR A CE2 1 
ATOM   1046 C CZ  . TYR A 1 128 ? 9.496   8.794   -1.336  1.00 26.01 ? 127 TYR A CZ  1 
ATOM   1047 O OH  . TYR A 1 128 ? 9.043   8.695   -2.644  1.00 30.63 ? 127 TYR A OH  1 
ATOM   1048 N N   . THR A 1 129 ? 14.450  9.068   1.760   1.00 19.11 ? 128 THR A N   1 
ATOM   1049 C CA  . THR A 1 129 ? 15.537  9.975   1.370   1.00 17.65 ? 128 THR A CA  1 
ATOM   1050 C C   . THR A 1 129 ? 15.623  10.005  -0.159  1.00 19.70 ? 128 THR A C   1 
ATOM   1051 O O   . THR A 1 129 ? 14.914  9.250   -0.835  1.00 19.41 ? 128 THR A O   1 
ATOM   1052 C CB  . THR A 1 129 ? 16.876  9.459   1.909   1.00 15.09 ? 128 THR A CB  1 
ATOM   1053 O OG1 . THR A 1 129 ? 17.085  8.137   1.404   1.00 16.94 ? 128 THR A OG1 1 
ATOM   1054 C CG2 . THR A 1 129 ? 16.856  9.390   3.432   1.00 13.62 ? 128 THR A CG2 1 
ATOM   1055 N N   . ALA A 1 130 ? 16.486  10.867  -0.693  1.00 16.55 ? 129 ALA A N   1 
ATOM   1056 C CA  . ALA A 1 130 ? 16.760  10.893  -2.122  1.00 20.20 ? 129 ALA A CA  1 
ATOM   1057 C C   . ALA A 1 130 ? 17.339  9.556   -2.579  1.00 22.86 ? 129 ALA A C   1 
ATOM   1058 O O   . ALA A 1 130 ? 16.970  9.034   -3.637  1.00 22.29 ? 129 ALA A O   1 
ATOM   1059 C CB  . ALA A 1 130 ? 17.735  12.036  -2.460  1.00 18.63 ? 129 ALA A CB  1 
ATOM   1060 N N   . GLU A 1 131 ? 18.269  9.020   -1.791  1.00 23.25 ? 130 GLU A N   1 
ATOM   1061 C CA  . GLU A 1 131 ? 18.790  7.681   -2.039  1.00 23.19 ? 130 GLU A CA  1 
ATOM   1062 C C   . GLU A 1 131 ? 17.666  6.669   -2.130  1.00 19.85 ? 130 GLU A C   1 
ATOM   1063 O O   . GLU A 1 131 ? 17.603  5.890   -3.076  1.00 24.19 ? 130 GLU A O   1 
ATOM   1064 C CB  . GLU A 1 131 ? 19.782  7.253   -0.944  1.00 25.65 ? 130 GLU A CB  1 
ATOM   1065 C CG  . GLU A 1 131 ? 20.568  5.999   -1.318  1.00 28.96 ? 130 GLU A CG  1 
ATOM   1066 C CD  . GLU A 1 131 ? 21.108  5.208   -0.119  1.00 30.71 ? 130 GLU A CD  1 
ATOM   1067 O OE1 . GLU A 1 131 ? 20.609  5.371   1.020   1.00 24.84 ? 130 GLU A OE1 1 
ATOM   1068 O OE2 . GLU A 1 131 ? 22.038  4.404   -0.334  1.00 28.64 ? 130 GLU A OE2 1 
ATOM   1069 N N   . PHE A 1 132 ? 16.782  6.659   -1.138  1.00 19.31 ? 131 PHE A N   1 
ATOM   1070 C CA  . PHE A 1 132 ? 15.672  5.720   -1.151  1.00 18.19 ? 131 PHE A CA  1 
ATOM   1071 C C   . PHE A 1 132 ? 14.791  5.802   -2.396  1.00 21.64 ? 131 PHE A C   1 
ATOM   1072 O O   . PHE A 1 132 ? 14.390  4.771   -2.944  1.00 18.33 ? 131 PHE A O   1 
ATOM   1073 C CB  . PHE A 1 132 ? 14.792  5.801   0.093   1.00 18.70 ? 131 PHE A CB  1 
ATOM   1074 C CG  . PHE A 1 132 ? 13.651  4.820   0.059   1.00 19.98 ? 131 PHE A CG  1 
ATOM   1075 C CD1 . PHE A 1 132 ? 13.867  3.483   0.380   1.00 21.94 ? 131 PHE A CD1 1 
ATOM   1076 C CD2 . PHE A 1 132 ? 12.383  5.218   -0.358  1.00 17.63 ? 131 PHE A CD2 1 
ATOM   1077 C CE1 . PHE A 1 132 ? 12.828  2.554   0.319   1.00 19.85 ? 131 PHE A CE1 1 
ATOM   1078 C CE2 . PHE A 1 132 ? 11.343  4.306   -0.429  1.00 18.44 ? 131 PHE A CE2 1 
ATOM   1079 C CZ  . PHE A 1 132 ? 11.565  2.970   -0.089  1.00 19.73 ? 131 PHE A CZ  1 
ATOM   1080 N N   . VAL A 1 133 ? 14.472  7.021   -2.822  1.00 21.14 ? 132 VAL A N   1 
ATOM   1081 C CA  . VAL A 1 133 ? 13.748  7.223   -4.082  1.00 25.13 ? 132 VAL A CA  1 
ATOM   1082 C C   . VAL A 1 133 ? 14.395  6.520   -5.297  1.00 24.09 ? 132 VAL A C   1 
ATOM   1083 O O   . VAL A 1 133 ? 13.708  5.857   -6.069  1.00 24.43 ? 132 VAL A O   1 
ATOM   1084 C CB  . VAL A 1 133 ? 13.500  8.731   -4.350  1.00 25.77 ? 132 VAL A CB  1 
ATOM   1085 C CG1 . VAL A 1 133 ? 12.913  8.957   -5.751  1.00 27.33 ? 132 VAL A CG1 1 
ATOM   1086 C CG2 . VAL A 1 133 ? 12.551  9.301   -3.291  1.00 28.28 ? 132 VAL A CG2 1 
ATOM   1087 N N   . GLN A 1 134 ? 15.713  6.656   -5.445  1.00 24.49 ? 133 GLN A N   1 
ATOM   1088 C CA  . GLN A 1 134 ? 16.475  5.936   -6.470  1.00 24.28 ? 133 GLN A CA  1 
ATOM   1089 C C   . GLN A 1 134 ? 16.450  4.415   -6.304  1.00 25.28 ? 133 GLN A C   1 
ATOM   1090 O O   . GLN A 1 134 ? 16.377  3.682   -7.298  1.00 27.81 ? 133 GLN A O   1 
ATOM   1091 C CB  . GLN A 1 134 ? 17.935  6.406   -6.483  1.00 21.21 ? 133 GLN A CB  1 
ATOM   1092 C CG  . GLN A 1 134 ? 18.706  5.938   -7.700  1.00 26.88 ? 133 GLN A CG  1 
ATOM   1093 C CD  . GLN A 1 134 ? 18.044  6.374   -9.011  1.00 37.04 ? 133 GLN A CD  1 
ATOM   1094 O OE1 . GLN A 1 134 ? 17.764  7.552   -9.216  1.00 31.70 ? 133 GLN A OE1 1 
ATOM   1095 N NE2 . GLN A 1 134 ? 17.805  5.418   -9.902  1.00 36.09 ? 133 GLN A NE2 1 
ATOM   1096 N N   . ILE A 1 135 ? 16.554  3.948   -5.056  1.00 22.50 ? 134 ILE A N   1 
ATOM   1097 C CA  . ILE A 1 135 ? 16.498  2.516   -4.745  1.00 21.93 ? 134 ILE A CA  1 
ATOM   1098 C C   . ILE A 1 135 ? 15.135  1.973   -5.181  1.00 22.20 ? 134 ILE A C   1 
ATOM   1099 O O   . ILE A 1 135 ? 15.045  0.915   -5.796  1.00 25.92 ? 134 ILE A O   1 
ATOM   1100 C CB  . ILE A 1 135 ? 16.759  2.236   -3.209  1.00 19.12 ? 134 ILE A CB  1 
ATOM   1101 C CG1 . ILE A 1 135 ? 18.240  2.445   -2.869  1.00 21.82 ? 134 ILE A CG1 1 
ATOM   1102 C CG2 . ILE A 1 135 ? 16.342  0.808   -2.819  1.00 20.16 ? 134 ILE A CG2 1 
ATOM   1103 C CD1 . ILE A 1 135 ? 18.525  2.484   -1.360  1.00 20.46 ? 134 ILE A CD1 1 
ATOM   1104 N N   . MET A 1 136 ? 14.075  2.724   -4.898  1.00 23.22 ? 135 MET A N   1 
ATOM   1105 C CA  . MET A 1 136 ? 12.750  2.342   -5.354  1.00 24.71 ? 135 MET A CA  1 
ATOM   1106 C C   . MET A 1 136 ? 12.634  2.312   -6.894  1.00 23.20 ? 135 MET A C   1 
ATOM   1107 O O   . MET A 1 136 ? 12.078  1.365   -7.459  1.00 23.33 ? 135 MET A O   1 
ATOM   1108 C CB  . MET A 1 136 ? 11.674  3.218   -4.696  1.00 24.76 ? 135 MET A CB  1 
ATOM   1109 C CG  . MET A 1 136 ? 10.221  2.796   -4.980  1.00 28.25 ? 135 MET A CG  1 
ATOM   1110 S SD  . MET A 1 136 ? 9.615   1.356   -4.042  1.00 31.43 ? 135 MET A SD  1 
ATOM   1111 C CE  . MET A 1 136 ? 9.842   0.116   -5.310  1.00 18.39 ? 135 MET A CE  1 
ATOM   1112 N N   . LYS A 1 137 ? 13.170  3.331   -7.566  1.00 23.31 ? 136 LYS A N   1 
ATOM   1113 C CA  . LYS A 1 137 ? 13.140  3.397   -9.039  1.00 22.61 ? 136 LYS A CA  1 
ATOM   1114 C C   . LYS A 1 137 ? 13.875  2.223   -9.683  1.00 21.37 ? 136 LYS A C   1 
ATOM   1115 O O   . LYS A 1 137 ? 13.427  1.681   -10.675 1.00 23.13 ? 136 LYS A O   1 
ATOM   1116 C CB  . LYS A 1 137 ? 13.775  4.702   -9.547  1.00 25.85 ? 136 LYS A CB  1 
ATOM   1117 C CG  . LYS A 1 137 ? 12.889  5.931   -9.446  1.00 28.89 ? 136 LYS A CG  1 
ATOM   1118 C CD  . LYS A 1 137 ? 13.720  7.191   -9.535  1.00 25.88 ? 136 LYS A CD  1 
ATOM   1119 C CE  . LYS A 1 137 ? 12.846  8.447   -9.639  1.00 31.15 ? 136 LYS A CE  1 
ATOM   1120 N NZ  . LYS A 1 137 ? 13.702  9.679   -9.781  1.00 35.19 ? 136 LYS A NZ  1 
ATOM   1121 N N   . ASP A 1 138 ? 15.016  1.847   -9.121  1.00 21.50 ? 137 ASP A N   1 
ATOM   1122 C CA  . ASP A 1 138 ? 15.809  0.759   -9.675  1.00 22.77 ? 137 ASP A CA  1 
ATOM   1123 C C   . ASP A 1 138 ? 15.142  -0.584  -9.410  1.00 22.57 ? 137 ASP A C   1 
ATOM   1124 O O   . ASP A 1 138 ? 15.185  -1.475  -10.244 1.00 24.34 ? 137 ASP A O   1 
ATOM   1125 C CB  . ASP A 1 138 ? 17.199  0.742   -9.047  1.00 22.83 ? 137 ASP A CB  1 
ATOM   1126 C CG  . ASP A 1 138 ? 18.025  1.947   -9.428  1.00 27.42 ? 137 ASP A CG  1 
ATOM   1127 O OD1 . ASP A 1 138 ? 17.564  2.736   -10.274 1.00 25.66 ? 137 ASP A OD1 1 
ATOM   1128 O OD2 . ASP A 1 138 ? 19.144  2.103   -8.885  1.00 31.80 ? 137 ASP A OD2 1 
ATOM   1129 N N   . TYR A 1 139 ? 14.573  -0.726  -8.217  1.00 21.68 ? 138 TYR A N   1 
ATOM   1130 C CA  . TYR A 1 139 ? 13.749  -1.867  -7.860  1.00 21.78 ? 138 TYR A CA  1 
ATOM   1131 C C   . TYR A 1 139 ? 12.591  -2.080  -8.842  1.00 20.95 ? 138 TYR A C   1 
ATOM   1132 O O   . TYR A 1 139 ? 12.382  -3.187  -9.328  1.00 20.67 ? 138 TYR A O   1 
ATOM   1133 C CB  . TYR A 1 139 ? 13.210  -1.691  -6.438  1.00 23.37 ? 138 TYR A CB  1 
ATOM   1134 C CG  . TYR A 1 139 ? 12.520  -2.913  -5.894  1.00 25.17 ? 138 TYR A CG  1 
ATOM   1135 C CD1 . TYR A 1 139 ? 11.144  -3.085  -6.051  1.00 23.44 ? 138 TYR A CD1 1 
ATOM   1136 C CD2 . TYR A 1 139 ? 13.237  -3.902  -5.236  1.00 23.56 ? 138 TYR A CD2 1 
ATOM   1137 C CE1 . TYR A 1 139 ? 10.507  -4.211  -5.567  1.00 16.59 ? 138 TYR A CE1 1 
ATOM   1138 C CE2 . TYR A 1 139 ? 12.602  -5.041  -4.751  1.00 20.72 ? 138 TYR A CE2 1 
ATOM   1139 C CZ  . TYR A 1 139 ? 11.243  -5.181  -4.917  1.00 18.96 ? 138 TYR A CZ  1 
ATOM   1140 O OH  . TYR A 1 139 ? 10.615  -6.292  -4.413  1.00 24.52 ? 138 TYR A OH  1 
ATOM   1141 N N   . ASP A 1 140 ? 11.858  -1.016  -9.137  1.00 19.52 ? 139 ASP A N   1 
ATOM   1142 C CA  . ASP A 1 140 ? 10.786  -1.058  -10.144 1.00 21.62 ? 139 ASP A CA  1 
ATOM   1143 C C   . ASP A 1 140 ? 11.314  -1.374  -11.534 1.00 19.90 ? 139 ASP A C   1 
ATOM   1144 O O   . ASP A 1 140 ? 10.681  -2.116  -12.291 1.00 19.95 ? 139 ASP A O   1 
ATOM   1145 C CB  . ASP A 1 140 ? 10.008  0.268   -10.180 1.00 21.72 ? 139 ASP A CB  1 
ATOM   1146 C CG  . ASP A 1 140 ? 8.978   0.386   -9.054  1.00 25.46 ? 139 ASP A CG  1 
ATOM   1147 O OD1 . ASP A 1 140 ? 8.645   -0.628  -8.407  1.00 29.86 ? 139 ASP A OD1 1 
ATOM   1148 O OD2 . ASP A 1 140 ? 8.499   1.515   -8.815  1.00 33.12 ? 139 ASP A OD2 1 
ATOM   1149 N N   . LYS A 1 141 ? 12.473  -0.818  -11.877 1.00 21.07 ? 140 LYS A N   1 
ATOM   1150 C CA  . LYS A 1 141 ? 13.033  -1.021  -13.214 1.00 21.95 ? 140 LYS A CA  1 
ATOM   1151 C C   . LYS A 1 141 ? 13.379  -2.494  -13.465 1.00 22.43 ? 140 LYS A C   1 
ATOM   1152 O O   . LYS A 1 141 ? 13.202  -3.017  -14.582 1.00 21.35 ? 140 LYS A O   1 
ATOM   1153 C CB  . LYS A 1 141 ? 14.258  -0.137  -13.412 1.00 22.56 ? 140 LYS A CB  1 
ATOM   1154 C CG  . LYS A 1 141 ? 14.760  -0.071  -14.838 1.00 29.45 ? 140 LYS A CG  1 
ATOM   1155 C CD  . LYS A 1 141 ? 16.145  0.560   -14.910 1.00 37.54 ? 140 LYS A CD  1 
ATOM   1156 C CE  . LYS A 1 141 ? 17.112  -0.131  -13.945 1.00 45.48 ? 140 LYS A CE  1 
ATOM   1157 N NZ  . LYS A 1 141 ? 18.539  0.249   -14.165 1.00 44.71 ? 140 LYS A NZ  1 
ATOM   1158 N N   . ALA A 1 142 ? 13.878  -3.168  -12.428 1.00 19.92 ? 141 ALA A N   1 
ATOM   1159 C CA  . ALA A 1 142 ? 14.121  -4.610  -12.518 1.00 20.58 ? 141 ALA A CA  1 
ATOM   1160 C C   . ALA A 1 142 ? 12.830  -5.397  -12.814 1.00 21.48 ? 141 ALA A C   1 
ATOM   1161 O O   . ALA A 1 142 ? 12.882  -6.519  -13.326 1.00 21.84 ? 141 ALA A O   1 
ATOM   1162 C CB  . ALA A 1 142 ? 14.810  -5.122  -11.256 1.00 17.97 ? 141 ALA A CB  1 
ATOM   1163 N N   . LEU A 1 143 ? 11.676  -4.788  -12.520 1.00 23.59 ? 142 LEU A N   1 
ATOM   1164 C CA  . LEU A 1 143 ? 10.365  -5.412  -12.751 1.00 23.79 ? 142 LEU A CA  1 
ATOM   1165 C C   . LEU A 1 143 ? 9.715   -4.967  -14.050 1.00 24.42 ? 142 LEU A C   1 
ATOM   1166 O O   . LEU A 1 143 ? 8.569   -5.309  -14.320 1.00 24.87 ? 142 LEU A O   1 
ATOM   1167 C CB  . LEU A 1 143 ? 9.401   -5.085  -11.616 1.00 24.07 ? 142 LEU A CB  1 
ATOM   1168 C CG  . LEU A 1 143 ? 9.677   -5.662  -10.237 1.00 29.11 ? 142 LEU A CG  1 
ATOM   1169 C CD1 . LEU A 1 143 ? 8.678   -5.066  -9.243  1.00 24.51 ? 142 LEU A CD1 1 
ATOM   1170 C CD2 . LEU A 1 143 ? 9.573   -7.180  -10.285 1.00 24.84 ? 142 LEU A CD2 1 
ATOM   1171 N N   . ASN A 1 144 ? 10.441  -4.191  -14.842 1.00 27.25 ? 143 ASN A N   1 
ATOM   1172 C CA  . ASN A 1 144 ? 9.930   -3.668  -16.101 1.00 30.76 ? 143 ASN A CA  1 
ATOM   1173 C C   . ASN A 1 144 ? 9.067   -2.422  -15.940 1.00 31.24 ? 143 ASN A C   1 
ATOM   1174 O O   . ASN A 1 144 ? 8.215   -2.140  -16.779 1.00 31.54 ? 143 ASN A O   1 
ATOM   1175 C CB  . ASN A 1 144 ? 9.168   -4.735  -16.891 1.00 28.63 ? 143 ASN A CB  1 
ATOM   1176 C CG  . ASN A 1 144 ? 9.358   -4.585  -18.386 1.00 31.89 ? 143 ASN A CG  1 
ATOM   1177 O OD1 . ASN A 1 144 ? 10.370  -4.048  -18.837 1.00 23.12 ? 143 ASN A OD1 1 
ATOM   1178 N ND2 . ASN A 1 144 ? 8.380   -5.046  -19.164 1.00 29.86 ? 143 ASN A ND2 1 
ATOM   1179 N N   . CYS A 1 145 ? 9.308   -1.675  -14.870 1.00 31.99 ? 144 CYS A N   1 
ATOM   1180 C CA  . CYS A 1 145 ? 8.503   -0.500  -14.561 1.00 31.49 ? 144 CYS A CA  1 
ATOM   1181 C C   . CYS A 1 145 ? 9.388   0.720   -14.351 1.00 33.90 ? 144 CYS A C   1 
ATOM   1182 O O   . CYS A 1 145 ? 8.954   1.735   -13.803 1.00 36.51 ? 144 CYS A O   1 
ATOM   1183 C CB  . CYS A 1 145 ? 7.657   -0.764  -13.312 1.00 29.93 ? 144 CYS A CB  1 
ATOM   1184 S SG  . CYS A 1 145 ? 6.454   -2.093  -13.512 1.00 28.73 ? 144 CYS A SG  1 
ATOM   1185 O OXT . CYS A 1 145 ? 10.562  0.725   -14.716 1.00 34.67 ? 144 CYS A OXT 1 
HETATM 1186 N N1  . TSS B 2 .   ? 6.217   0.562   -4.507  1.00 19.63 ? 145 TSS A N1  1 
HETATM 1187 C CA  . TSS B 2 .   ? 4.775   0.607   -4.676  1.00 17.84 ? 145 TSS A CA  1 
HETATM 1188 C CB  . TSS B 2 .   ? 4.290   -0.683  -5.346  1.00 17.04 ? 145 TSS A CB  1 
HETATM 1189 C CG  . TSS B 2 .   ? 2.772   -0.711  -5.293  1.00 16.88 ? 145 TSS A CG  1 
HETATM 1190 C CD1 . TSS B 2 .   ? 1.878   0.376   -5.276  1.00 16.40 ? 145 TSS A CD1 1 
HETATM 1191 N NE1 . TSS B 2 .   ? 0.579   -0.054  -5.204  1.00 14.44 ? 145 TSS A NE1 1 
HETATM 1192 C CE2 . TSS B 2 .   ? 0.638   -1.399  -5.183  1.00 20.64 ? 145 TSS A CE2 1 
HETATM 1193 C CD2 . TSS B 2 .   ? 1.929   -1.797  -5.235  1.00 19.40 ? 145 TSS A CD2 1 
HETATM 1194 C CZ2 . TSS B 2 .   ? -0.462  -2.224  -5.131  1.00 14.82 ? 145 TSS A CZ2 1 
HETATM 1195 C CH2 . TSS B 2 .   ? -0.158  -3.578  -5.198  1.00 18.47 ? 145 TSS A CH2 1 
HETATM 1196 C CZ3 . TSS B 2 .   ? 1.168   -4.023  -5.126  1.00 17.41 ? 145 TSS A CZ3 1 
HETATM 1197 C CE3 . TSS B 2 .   ? 2.238   -3.145  -5.238  1.00 16.31 ? 145 TSS A CE3 1 
HETATM 1198 O O   . HOH C 3 .   ? 3.619   10.215  15.712  1.00 38.35 ? 146 HOH A O   1 
HETATM 1199 O O   . HOH C 3 .   ? -10.546 -11.839 2.665   1.00 42.26 ? 147 HOH A O   1 
HETATM 1200 O O   . HOH C 3 .   ? -2.415  -11.314 -5.470  1.00 58.65 ? 148 HOH A O   1 
HETATM 1201 O O   . HOH C 3 .   ? 17.514  12.899  0.935   1.00 27.49 ? 149 HOH A O   1 
HETATM 1202 O O   . HOH C 3 .   ? 9.480   13.513  1.982   1.00 32.17 ? 150 HOH A O   1 
HETATM 1203 O O   . HOH C 3 .   ? 8.142   -6.382  -3.943  1.00 17.06 ? 151 HOH A O   1 
HETATM 1204 O O   . HOH C 3 .   ? 21.589  11.168  -2.034  1.00 54.90 ? 152 HOH A O   1 
HETATM 1205 O O   . HOH C 3 .   ? 4.121   10.400  -2.466  1.00 17.54 ? 153 HOH A O   1 
HETATM 1206 O O   . HOH C 3 .   ? -10.900 13.009  13.491  1.00 38.67 ? 154 HOH A O   1 
HETATM 1207 O O   . HOH C 3 .   ? 8.386   11.300  -3.637  1.00 27.00 ? 155 HOH A O   1 
HETATM 1208 O O   . HOH C 3 .   ? 0.600   3.951   14.951  1.00 21.13 ? 156 HOH A O   1 
HETATM 1209 O O   . HOH C 3 .   ? 15.986  9.140   -8.111  1.00 27.27 ? 157 HOH A O   1 
HETATM 1210 O O   . HOH C 3 .   ? -6.469  14.958  13.804  1.00 29.01 ? 158 HOH A O   1 
HETATM 1211 O O   . HOH C 3 .   ? -3.013  20.065  8.842   1.00 40.93 ? 159 HOH A O   1 
HETATM 1212 O O   . HOH C 3 .   ? 19.204  6.811   2.484   1.00 15.81 ? 160 HOH A O   1 
HETATM 1213 O O   . HOH C 3 .   ? -2.531  12.723  12.384  1.00 20.56 ? 161 HOH A O   1 
HETATM 1214 O O   . HOH C 3 .   ? 5.299   1.406   -12.291 1.00 31.02 ? 162 HOH A O   1 
HETATM 1215 O O   . HOH C 3 .   ? 7.931   -6.715  0.351   1.00 17.62 ? 163 HOH A O   1 
HETATM 1216 O O   . HOH C 3 .   ? 3.001   -2.533  8.825   1.00 20.34 ? 164 HOH A O   1 
HETATM 1217 O O   . HOH C 3 .   ? -16.212 7.592   6.603   1.00 38.64 ? 165 HOH A O   1 
HETATM 1218 O O   . HOH C 3 .   ? -0.411  14.608  14.092  1.00 22.06 ? 166 HOH A O   1 
HETATM 1219 O O   . HOH C 3 .   ? 18.962  -2.344  -1.669  1.00 30.10 ? 167 HOH A O   1 
HETATM 1220 O O   . HOH C 3 .   ? -13.787 -12.090 -10.932 1.00 49.94 ? 168 HOH A O   1 
HETATM 1221 O O   . HOH C 3 .   ? 4.980   13.529  2.796   1.00 17.60 ? 169 HOH A O   1 
HETATM 1222 O O   . HOH C 3 .   ? 20.231  3.144   2.804   1.00 29.65 ? 170 HOH A O   1 
HETATM 1223 O O   . HOH C 3 .   ? -0.404  -11.820 1.875   1.00 35.04 ? 171 HOH A O   1 
HETATM 1224 O O   . HOH C 3 .   ? -15.808 10.869  -0.237  1.00 49.49 ? 172 HOH A O   1 
HETATM 1225 O O   . HOH C 3 .   ? -2.570  15.020  5.566   1.00 40.08 ? 173 HOH A O   1 
HETATM 1226 O O   . HOH C 3 .   ? 14.858  -4.748  6.085   1.00 34.82 ? 174 HOH A O   1 
HETATM 1227 O O   . HOH C 3 .   ? 7.204   16.343  9.719   1.00 31.83 ? 175 HOH A O   1 
HETATM 1228 O O   . HOH C 3 .   ? 5.719   -9.713  3.645   1.00 43.94 ? 176 HOH A O   1 
HETATM 1229 O O   . HOH C 3 .   ? 16.614  10.377  -5.890  1.00 17.86 ? 177 HOH A O   1 
HETATM 1230 O O   . HOH C 3 .   ? -22.798 -1.514  5.851   1.00 44.62 ? 178 HOH A O   1 
HETATM 1231 O O   . HOH C 3 .   ? -2.664  13.495  15.059  1.00 22.52 ? 179 HOH A O   1 
HETATM 1232 O O   . HOH C 3 .   ? 6.641   1.443   -6.968  1.00 23.34 ? 180 HOH A O   1 
HETATM 1233 O O   . HOH C 3 .   ? 11.785  2.697   -12.440 1.00 26.19 ? 181 HOH A O   1 
HETATM 1234 O O   . HOH C 3 .   ? -10.841 0.320   -13.285 1.00 35.86 ? 182 HOH A O   1 
HETATM 1235 O O   . HOH C 3 .   ? 1.715   -1.709  -16.985 1.00 29.56 ? 183 HOH A O   1 
HETATM 1236 O O   . HOH C 3 .   ? 14.790  12.561  -5.316  1.00 26.41 ? 184 HOH A O   1 
HETATM 1237 O O   . HOH C 3 .   ? 4.639   -6.933  -17.356 1.00 43.02 ? 185 HOH A O   1 
HETATM 1238 O O   . HOH C 3 .   ? -13.156 -3.218  -7.117  1.00 41.47 ? 186 HOH A O   1 
HETATM 1239 O O   . HOH C 3 .   ? 11.561  0.370   -17.553 1.00 38.95 ? 187 HOH A O   1 
HETATM 1240 O O   . HOH C 3 .   ? 13.025  7.865   -13.767 1.00 52.25 ? 188 HOH A O   1 
HETATM 1241 O O   . HOH C 3 .   ? 17.540  -1.809  -11.594 1.00 28.94 ? 189 HOH A O   1 
HETATM 1242 O O   . HOH C 3 .   ? 17.689  -3.697  9.317   1.00 37.32 ? 190 HOH A O   1 
HETATM 1243 O O   . HOH C 3 .   ? -7.718  -0.007  13.787  1.00 35.95 ? 191 HOH A O   1 
HETATM 1244 O O   . HOH C 3 .   ? -5.850  13.526  -4.501  1.00 58.68 ? 192 HOH A O   1 
HETATM 1245 O O   . HOH C 3 .   ? -8.490  14.190  2.541   1.00 26.18 ? 193 HOH A O   1 
HETATM 1246 O O   . HOH C 3 .   ? -0.250  17.274  14.927  1.00 36.79 ? 194 HOH A O   1 
HETATM 1247 O O   . HOH C 3 .   ? 7.463   -7.226  -6.437  1.00 26.39 ? 195 HOH A O   1 
HETATM 1248 O O   . HOH C 3 .   ? 9.484   6.194   -3.844  1.00 19.35 ? 196 HOH A O   1 
HETATM 1249 O O   . HOH C 3 .   ? -8.244  6.397   -4.754  1.00 42.29 ? 197 HOH A O   1 
HETATM 1250 O O   . HOH C 3 .   ? 3.487   -0.041  9.777   1.00 29.31 ? 198 HOH A O   1 
HETATM 1251 O O   . HOH C 3 .   ? -5.798  5.987   -10.975 1.00 27.95 ? 199 HOH A O   1 
HETATM 1252 O O   . HOH C 3 .   ? 14.364  11.992  5.191   1.00 34.39 ? 200 HOH A O   1 
HETATM 1253 O O   . HOH C 3 .   ? -10.670 9.375   0.278   1.00 28.87 ? 201 HOH A O   1 
HETATM 1254 O O   . HOH C 3 .   ? 12.571  7.706   10.980  1.00 43.37 ? 202 HOH A O   1 
HETATM 1255 O O   . HOH C 3 .   ? 10.788  6.100   -5.977  1.00 25.90 ? 203 HOH A O   1 
HETATM 1256 O O   . HOH C 3 .   ? 18.902  11.385  -6.279  1.00 31.41 ? 204 HOH A O   1 
HETATM 1257 O O   . HOH C 3 .   ? 17.703  9.051   -11.414 1.00 56.58 ? 205 HOH A O   1 
HETATM 1258 O O   . HOH C 3 .   ? 5.978   7.861   -3.427  1.00 37.61 ? 206 HOH A O   1 
HETATM 1259 O O   . HOH C 3 .   ? -4.493  3.374   -14.779 1.00 44.74 ? 207 HOH A O   1 
HETATM 1260 O O   . HOH C 3 .   ? 20.504  0.381   1.656   1.00 33.13 ? 208 HOH A O   1 
HETATM 1261 O O   . HOH C 3 .   ? 16.771  6.721   -12.664 1.00 31.12 ? 209 HOH A O   1 
HETATM 1262 O O   . HOH C 3 .   ? 10.913  4.821   8.122   1.00 31.49 ? 210 HOH A O   1 
HETATM 1263 O O   . HOH C 3 .   ? -10.656 3.913   -12.846 1.00 49.91 ? 211 HOH A O   1 
HETATM 1264 O O   . HOH C 3 .   ? 10.019  -0.729  -19.722 1.00 41.45 ? 212 HOH A O   1 
HETATM 1265 O O   . HOH C 3 .   ? 5.892   1.696   8.586   1.00 30.75 ? 213 HOH A O   1 
HETATM 1266 O O   . HOH C 3 .   ? 16.989  -3.556  -7.390  1.00 54.94 ? 214 HOH A O   1 
HETATM 1267 O O   . HOH C 3 .   ? 6.103   19.124  3.013   1.00 21.35 ? 215 HOH A O   1 
HETATM 1268 O O   . HOH C 3 .   ? -12.668 11.250  9.862   1.00 26.61 ? 216 HOH A O   1 
HETATM 1269 O O   . HOH C 3 .   ? 8.244   -8.120  -1.955  1.00 23.82 ? 217 HOH A O   1 
HETATM 1270 O O   . HOH C 3 .   ? -20.547 -4.740  5.918   1.00 47.66 ? 218 HOH A O   1 
HETATM 1271 O O   . HOH C 3 .   ? -15.614 -1.847  -8.607  1.00 52.49 ? 219 HOH A O   1 
HETATM 1272 O O   . HOH C 3 .   ? -6.998  19.599  3.714   1.00 38.52 ? 220 HOH A O   1 
HETATM 1273 O O   . HOH C 3 .   ? 5.831   -7.843  1.460   1.00 27.82 ? 221 HOH A O   1 
HETATM 1274 O O   . HOH C 3 .   ? 19.877  10.443  0.277   1.00 20.98 ? 222 HOH A O   1 
HETATM 1275 O O   . HOH C 3 .   ? -3.074  -5.455  11.998  1.00 39.75 ? 223 HOH A O   1 
HETATM 1276 O O   . HOH C 3 .   ? 9.816   -5.394  8.013   1.00 32.29 ? 224 HOH A O   1 
HETATM 1277 O O   . HOH C 3 .   ? 5.053   -4.021  10.668  1.00 41.22 ? 225 HOH A O   1 
HETATM 1278 O O   . HOH C 3 .   ? -19.605 -7.444  6.642   1.00 50.05 ? 226 HOH A O   1 
HETATM 1279 O O   . HOH C 3 .   ? -11.190 13.491  -0.743  1.00 47.23 ? 227 HOH A O   1 
HETATM 1280 O O   . HOH C 3 .   ? 10.542  -9.824  -2.129  1.00 20.02 ? 228 HOH A O   1 
HETATM 1281 O O   . HOH C 3 .   ? -2.557  -7.281  13.846  1.00 56.28 ? 229 HOH A O   1 
HETATM 1282 O O   . HOH C 3 .   ? 3.914   -10.183 6.797   1.00 44.98 ? 230 HOH A O   1 
HETATM 1283 O O   . HOH C 3 .   ? -6.485  2.870   -13.752 1.00 40.60 ? 231 HOH A O   1 
HETATM 1284 O O   . HOH C 3 .   ? 10.697  -1.297  12.799  1.00 53.50 ? 232 HOH A O   1 
HETATM 1285 O O   . HOH C 3 .   ? 12.861  -12.401 -5.256  1.00 44.90 ? 233 HOH A O   1 
HETATM 1286 O O   . HOH C 3 .   ? 6.838   4.088   -6.030  1.00 28.80 ? 234 HOH A O   1 
HETATM 1287 O O   . HOH C 3 .   ? 9.287   4.509   -7.897  1.00 44.27 ? 235 HOH A O   1 
HETATM 1288 O O   . HOH C 3 .   ? -12.461 3.865   -1.649  1.00 62.15 ? 236 HOH A O   1 
HETATM 1289 O O   . HOH C 3 .   ? 6.915   4.740   16.500  1.00 32.53 ? 237 HOH A O   1 
HETATM 1290 O O   . HOH C 3 .   ? 4.845   5.377   -7.365  1.00 48.30 ? 238 HOH A O   1 
HETATM 1291 O O   . HOH C 3 .   ? -2.678  0.293   -7.469  1.00 20.76 ? 239 HOH A O   1 
HETATM 1292 O O   . HOH C 3 .   ? -2.188  13.380  -1.323  1.00 25.28 ? 240 HOH A O   1 
HETATM 1293 O O   . HOH C 3 .   ? -9.494  9.635   15.975  1.00 14.46 ? 241 HOH A O   1 
HETATM 1294 O O   . HOH C 3 .   ? 16.910  -1.043  -5.833  1.00 20.53 ? 242 HOH A O   1 
HETATM 1295 O O   . HOH C 3 .   ? 0.057   13.248  3.042   1.00 18.09 ? 243 HOH A O   1 
HETATM 1296 O O   . HOH C 3 .   ? 3.566   -3.984  -16.975 1.00 40.41 ? 244 HOH A O   1 
HETATM 1297 O O   . HOH C 3 .   ? 19.567  -0.168  -6.049  1.00 30.35 ? 245 HOH A O   1 
HETATM 1298 O O   . HOH C 3 .   ? 10.163  -14.990 -6.180  1.00 37.14 ? 246 HOH A O   1 
HETATM 1299 O O   . HOH C 3 .   ? 11.237  9.017   6.259   1.00 29.86 ? 247 HOH A O   1 
HETATM 1300 O O   . HOH C 3 .   ? -9.122  -9.296  -13.771 1.00 54.16 ? 248 HOH A O   1 
HETATM 1301 O O   . HOH C 3 .   ? 0.908   12.324  -3.973  1.00 30.94 ? 249 HOH A O   1 
HETATM 1302 O O   . HOH C 3 .   ? -18.316 2.655   9.384   1.00 39.32 ? 250 HOH A O   1 
HETATM 1303 O O   . HOH C 3 .   ? 7.086   2.094   6.277   1.00 18.94 ? 251 HOH A O   1 
HETATM 1304 O O   . HOH C 3 .   ? -0.433  2.417   -19.069 1.00 44.77 ? 252 HOH A O   1 
HETATM 1305 O O   . HOH C 3 .   ? -13.242 7.917   -0.456  1.00 48.08 ? 253 HOH A O   1 
HETATM 1306 O O   . HOH C 3 .   ? 7.903   -10.312 5.163   1.00 50.16 ? 254 HOH A O   1 
HETATM 1307 O O   . HOH C 3 .   ? 19.984  2.570   -6.572  1.00 35.31 ? 255 HOH A O   1 
HETATM 1308 O O   . HOH C 3 .   ? -1.693  4.816   17.386  1.00 35.81 ? 256 HOH A O   1 
HETATM 1309 O O   . HOH C 3 .   ? 4.447   18.673  8.676   1.00 34.71 ? 257 HOH A O   1 
HETATM 1310 O O   . HOH C 3 .   ? -18.317 -9.512  -2.399  1.00 56.78 ? 258 HOH A O   1 
HETATM 1311 O O   . HOH C 3 .   ? -10.048 -7.355  1.764   1.00 33.04 ? 259 HOH A O   1 
HETATM 1312 O O   . HOH C 3 .   ? -5.933  -12.949 5.772   1.00 41.13 ? 260 HOH A O   1 
HETATM 1313 O O   . HOH C 3 .   ? 0.442   8.127   -12.463 1.00 28.49 ? 261 HOH A O   1 
HETATM 1314 O O   . HOH C 3 .   ? -12.692 -10.331 -4.767  1.00 52.16 ? 262 HOH A O   1 
HETATM 1315 O O   . HOH C 3 .   ? -15.568 -4.270  -6.721  1.00 44.32 ? 263 HOH A O   1 
HETATM 1316 O O   . HOH C 3 .   ? -1.658  19.518  11.646  1.00 25.71 ? 264 HOH A O   1 
HETATM 1317 O O   . HOH C 3 .   ? 9.606   3.880   -9.991  1.00 41.21 ? 265 HOH A O   1 
HETATM 1318 O O   . HOH C 3 .   ? -8.689  -6.380  -15.444 1.00 59.40 ? 266 HOH A O   1 
# 
